data_8Q2M
# 
_entry.id   8Q2M 
# 
_audit_conform.dict_name       mmcif_pdbx.dic 
_audit_conform.dict_version    5.402 
_audit_conform.dict_location   http://mmcif.pdb.org/dictionaries/ascii/mmcif_pdbx.dic 
# 
loop_
_database_2.database_id 
_database_2.database_code 
_database_2.pdbx_database_accession 
_database_2.pdbx_DOI 
PDB   8Q2M         pdb_00008q2m 10.2210/pdb8q2m/pdb 
WWPDB D_1292131874 ?            ?                   
# 
loop_
_pdbx_audit_revision_history.ordinal 
_pdbx_audit_revision_history.data_content_type 
_pdbx_audit_revision_history.major_revision 
_pdbx_audit_revision_history.minor_revision 
_pdbx_audit_revision_history.revision_date 
_pdbx_audit_revision_history.part_number 
1 'Structure model' 1 0 2023-08-23 ? 
2 'Structure model' 2 0 2023-11-15 ? 
3 'Structure model' 2 1 2025-01-22 ? 
4 'Structure model' 2 2 2025-02-26 ? 
# 
_pdbx_audit_revision_details.ordinal             1 
_pdbx_audit_revision_details.revision_ordinal    1 
_pdbx_audit_revision_details.data_content_type   'Structure model' 
_pdbx_audit_revision_details.provider            repository 
_pdbx_audit_revision_details.type                'Initial release' 
_pdbx_audit_revision_details.description         ? 
_pdbx_audit_revision_details.details             ? 
# 
loop_
_pdbx_audit_revision_group.ordinal 
_pdbx_audit_revision_group.revision_ordinal 
_pdbx_audit_revision_group.data_content_type 
_pdbx_audit_revision_group.group 
1 2 'Structure model' Advisory               
2 2 'Structure model' 'Atomic model'         
3 2 'Structure model' 'Data collection'      
4 2 'Structure model' 'Derived calculations' 
5 3 'Structure model' 'Database references'  
6 3 'Structure model' 'Structure summary'    
7 4 'Structure model' 'Database references'  
# 
loop_
_pdbx_audit_revision_category.ordinal 
_pdbx_audit_revision_category.revision_ordinal 
_pdbx_audit_revision_category.data_content_type 
_pdbx_audit_revision_category.category 
1  2 'Structure model' atom_site                      
2  2 'Structure model' chem_comp_atom                 
3  2 'Structure model' chem_comp_bond                 
4  2 'Structure model' pdbx_validate_main_chain_plane 
5  2 'Structure model' pdbx_validate_peptide_omega    
6  2 'Structure model' pdbx_validate_rmsd_angle       
7  2 'Structure model' pdbx_validate_symm_contact     
8  2 'Structure model' struct_conn                    
9  3 'Structure model' citation                       
10 3 'Structure model' citation_author                
11 3 'Structure model' pdbx_entry_details             
12 3 'Structure model' pdbx_modification_feature      
13 4 'Structure model' citation                       
# 
loop_
_pdbx_audit_revision_item.ordinal 
_pdbx_audit_revision_item.revision_ordinal 
_pdbx_audit_revision_item.data_content_type 
_pdbx_audit_revision_item.item 
1  2 'Structure model' '_atom_site.auth_atom_id'                            
2  2 'Structure model' '_atom_site.label_atom_id'                           
3  2 'Structure model' '_chem_comp_atom.atom_id'                            
4  2 'Structure model' '_chem_comp_bond.atom_id_1'                          
5  2 'Structure model' '_chem_comp_bond.atom_id_2'                          
6  2 'Structure model' '_pdbx_validate_rmsd_angle.angle_deviation'          
7  2 'Structure model' '_pdbx_validate_rmsd_angle.angle_standard_deviation' 
8  2 'Structure model' '_pdbx_validate_rmsd_angle.angle_target_value'       
9  2 'Structure model' '_pdbx_validate_rmsd_angle.angle_value'              
10 2 'Structure model' '_pdbx_validate_rmsd_angle.auth_atom_id_1'           
11 2 'Structure model' '_pdbx_validate_rmsd_angle.auth_atom_id_2'           
12 2 'Structure model' '_pdbx_validate_rmsd_angle.auth_atom_id_3'           
13 2 'Structure model' '_pdbx_validate_rmsd_angle.auth_comp_id_2'           
14 2 'Structure model' '_pdbx_validate_rmsd_angle.auth_seq_id_2'            
15 2 'Structure model' '_pdbx_validate_symm_contact.auth_atom_id_1'         
16 2 'Structure model' '_pdbx_validate_symm_contact.auth_atom_id_2'         
17 2 'Structure model' '_struct_conn.ptnr1_label_atom_id'                   
18 3 'Structure model' '_citation.country'                                  
19 3 'Structure model' '_citation.journal_abbrev'                           
20 3 'Structure model' '_citation.journal_id_ASTM'                          
21 3 'Structure model' '_citation.journal_id_CSD'                           
22 3 'Structure model' '_citation.journal_id_ISSN'                          
23 3 'Structure model' '_citation.page_first'                               
24 3 'Structure model' '_citation.page_last'                                
25 3 'Structure model' '_citation.pdbx_database_id_DOI'                     
26 3 'Structure model' '_citation.pdbx_database_id_PubMed'                  
27 3 'Structure model' '_citation.title'                                    
28 3 'Structure model' '_citation.year'                                     
29 3 'Structure model' '_pdbx_entry_details.has_protein_modification'       
30 4 'Structure model' '_citation.journal_volume'                           
31 4 'Structure model' '_citation.year'                                     
# 
_pdbx_database_status.status_code                     REL 
_pdbx_database_status.status_code_sf                  REL 
_pdbx_database_status.status_code_mr                  ? 
_pdbx_database_status.entry_id                        8Q2M 
_pdbx_database_status.recvd_initial_deposition_date   2023-08-02 
_pdbx_database_status.SG_entry                        N 
_pdbx_database_status.deposit_site                    PDBE 
_pdbx_database_status.process_site                    PDBE 
_pdbx_database_status.status_code_cs                  ? 
_pdbx_database_status.status_code_nmr_data            ? 
_pdbx_database_status.methods_development_category    ? 
_pdbx_database_status.pdb_format_compatible           N 
# 
_pdbx_database_related.db_name        PDB 
_pdbx_database_related.details        . 
_pdbx_database_related.db_id          8Q2M 
_pdbx_database_related.content_type   'complete structure' 
# 
_pdbx_contact_author.id                 2 
_pdbx_contact_author.email              ivan.huc@cup.lmu.de 
_pdbx_contact_author.name_first         Ivan 
_pdbx_contact_author.name_last          Huc 
_pdbx_contact_author.name_mi            ? 
_pdbx_contact_author.role               'principal investigator/group leader' 
_pdbx_contact_author.identifier_ORCID   0000-0001-7036-9696 
# 
loop_
_audit_author.name 
_audit_author.pdbx_ordinal 
_audit_author.identifier_ORCID 
'Deepak, D.'    1 0000-0002-0412-2502 
'Corvaglia, V.' 2 0000-0002-6180-5975 
'Wu, J.'        3 ?                   
'Huc, I.'       4 0000-0001-7036-9696 
# 
_citation.abstract                  ? 
_citation.abstract_id_CAS           ? 
_citation.book_id_ISBN              ? 
_citation.book_publisher            ? 
_citation.book_publisher_city       ? 
_citation.book_title                ? 
_citation.coordinate_linkage        ? 
_citation.country                   GE 
_citation.database_id_Medline       ? 
_citation.details                   ? 
_citation.id                        primary 
_citation.journal_abbrev            Angew.Chem.Int.Ed.Engl. 
_citation.journal_id_ASTM           ACIEAY 
_citation.journal_id_CSD            0179 
_citation.journal_id_ISSN           1521-3773 
_citation.journal_full              ? 
_citation.journal_issue             ? 
_citation.journal_volume            64 
_citation.language                  ? 
_citation.page_first                e202422958 
_citation.page_last                 e202422958 
_citation.title                     'DNA Mimic Foldamer Recognition of a Chromosomal Protein.' 
_citation.year                      2025 
_citation.database_id_CSD           ? 
_citation.pdbx_database_id_DOI      10.1002/anie.202422958 
_citation.pdbx_database_id_PubMed   39714421 
_citation.pdbx_database_id_patent   ? 
_citation.unpublished_flag          ? 
# 
loop_
_citation_author.citation_id 
_citation_author.name 
_citation_author.ordinal 
_citation_author.identifier_ORCID 
primary 'Deepak, D.'       1 0000-0002-0412-2502 
primary 'Wu, J.'           2 0009-0003-7609-0938 
primary 'Corvaglia, V.'    3 0000-0002-6180-5975 
primary 'Allmendinger, L.' 4 0000-0002-9476-6175 
primary 'Scheckenbach, M.' 5 0000-0002-7912-6292 
primary 'Tinnefeld, P.'    6 0000-0003-4290-7770 
primary 'Huc, I.'          7 0000-0001-7036-9696 
# 
loop_
_entity.id 
_entity.type 
_entity.src_method 
_entity.pdbx_description 
_entity.formula_weight 
_entity.pdbx_number_of_molecules 
_entity.pdbx_ec 
_entity.pdbx_mutation 
_entity.pdbx_fragment 
_entity.details 
1 polymer man 'DNA-binding protein 7b' 7538.743 1 ? ? ? ? 
2 polymer syn 'DNA mimic Foldamer'     2536.719 2 ? ? ? ? 
# 
_entity_name_com.entity_id   1 
_entity_name_com.name        '7 kDa DNA-binding protein b,Sac7b' 
# 
loop_
_entity_poly.entity_id 
_entity_poly.type 
_entity_poly.nstd_linkage 
_entity_poly.nstd_monomer 
_entity_poly.pdbx_seq_one_letter_code 
_entity_poly.pdbx_seq_one_letter_code_can 
_entity_poly.pdbx_strand_id 
_entity_poly.pdbx_target_identifier 
1 'polypeptide(L)' no no  MVKVKFKYKGEEKEVDTSKIKKVWRAGKAVSFTYDDNGKTGRGAVSEKDAPKELLDMLARAEREKK 
MVKVKFKYKGEEKEVDTSKIKKVWRAGKAVSFTYDDNGKTGRGAVSEKDAPKELLDMLARAEREKK AA  ? 
2 'polypeptide(L)' no yes '(GOA)(V4F)(V53)(V4F)(V53)(V5F)(V4F)(V53)(V4F)(V53)'               XXXXXXXXXX A,B ? 
# 
loop_
_entity_poly_seq.entity_id 
_entity_poly_seq.num 
_entity_poly_seq.mon_id 
_entity_poly_seq.hetero 
1 1  MET n 
1 2  VAL n 
1 3  LYS n 
1 4  VAL n 
1 5  LYS n 
1 6  PHE n 
1 7  LYS n 
1 8  TYR n 
1 9  LYS n 
1 10 GLY n 
1 11 GLU n 
1 12 GLU n 
1 13 LYS n 
1 14 GLU n 
1 15 VAL n 
1 16 ASP n 
1 17 THR n 
1 18 SER n 
1 19 LYS n 
1 20 ILE n 
1 21 LYS n 
1 22 LYS n 
1 23 VAL n 
1 24 TRP n 
1 25 ARG n 
1 26 ALA n 
1 27 GLY n 
1 28 LYS n 
1 29 ALA n 
1 30 VAL n 
1 31 SER n 
1 32 PHE n 
1 33 THR n 
1 34 TYR n 
1 35 ASP n 
1 36 ASP n 
1 37 ASN n 
1 38 GLY n 
1 39 LYS n 
1 40 THR n 
1 41 GLY n 
1 42 ARG n 
1 43 GLY n 
1 44 ALA n 
1 45 VAL n 
1 46 SER n 
1 47 GLU n 
1 48 LYS n 
1 49 ASP n 
1 50 ALA n 
1 51 PRO n 
1 52 LYS n 
1 53 GLU n 
1 54 LEU n 
1 55 LEU n 
1 56 ASP n 
1 57 MET n 
1 58 LEU n 
1 59 ALA n 
1 60 ARG n 
1 61 ALA n 
1 62 GLU n 
1 63 ARG n 
1 64 GLU n 
1 65 LYS n 
1 66 LYS n 
2 1  GOA n 
2 2  V4F n 
2 3  V53 n 
2 4  V4F n 
2 5  V53 n 
2 6  V5F n 
2 7  V4F n 
2 8  V53 n 
2 9  V4F n 
2 10 V53 n 
# 
_entity_src_gen.entity_id                          1 
_entity_src_gen.pdbx_src_id                        1 
_entity_src_gen.pdbx_alt_source_flag               sample 
_entity_src_gen.pdbx_seq_type                      'Biological sequence' 
_entity_src_gen.pdbx_beg_seq_num                   1 
_entity_src_gen.pdbx_end_seq_num                   66 
_entity_src_gen.gene_src_common_name               ? 
_entity_src_gen.gene_src_genus                     ? 
_entity_src_gen.pdbx_gene_src_gene                 Saci_0064 
_entity_src_gen.gene_src_species                   ? 
_entity_src_gen.gene_src_strain                    ? 
_entity_src_gen.gene_src_tissue                    ? 
_entity_src_gen.gene_src_tissue_fraction           ? 
_entity_src_gen.gene_src_details                   ? 
_entity_src_gen.pdbx_gene_src_fragment             ? 
_entity_src_gen.pdbx_gene_src_scientific_name      'Sulfolobus acidocaldarius' 
_entity_src_gen.pdbx_gene_src_ncbi_taxonomy_id     2285 
_entity_src_gen.pdbx_gene_src_variant              ? 
_entity_src_gen.pdbx_gene_src_cell_line            ? 
_entity_src_gen.pdbx_gene_src_atcc                 ? 
_entity_src_gen.pdbx_gene_src_organ                ? 
_entity_src_gen.pdbx_gene_src_organelle            ? 
_entity_src_gen.pdbx_gene_src_cell                 ? 
_entity_src_gen.pdbx_gene_src_cellular_location    ? 
_entity_src_gen.host_org_common_name               ? 
_entity_src_gen.pdbx_host_org_scientific_name      
;Escherichia coli 'BL21-Gold(DE3)pLysS AG'
;
_entity_src_gen.pdbx_host_org_ncbi_taxonomy_id     866768 
_entity_src_gen.host_org_genus                     ? 
_entity_src_gen.pdbx_host_org_gene                 ? 
_entity_src_gen.pdbx_host_org_organ                ? 
_entity_src_gen.host_org_species                   ? 
_entity_src_gen.pdbx_host_org_tissue               ? 
_entity_src_gen.pdbx_host_org_tissue_fraction      ? 
_entity_src_gen.pdbx_host_org_strain               ? 
_entity_src_gen.pdbx_host_org_variant              ? 
_entity_src_gen.pdbx_host_org_cell_line            ? 
_entity_src_gen.pdbx_host_org_atcc                 ? 
_entity_src_gen.pdbx_host_org_culture_collection   ? 
_entity_src_gen.pdbx_host_org_cell                 ? 
_entity_src_gen.pdbx_host_org_organelle            ? 
_entity_src_gen.pdbx_host_org_cellular_location    ? 
_entity_src_gen.pdbx_host_org_vector_type          ? 
_entity_src_gen.pdbx_host_org_vector               ? 
_entity_src_gen.host_org_details                   ? 
_entity_src_gen.expression_system_id               ? 
_entity_src_gen.plasmid_name                       ? 
_entity_src_gen.plasmid_details                    ? 
_entity_src_gen.pdbx_description                   ? 
# 
_pdbx_entity_src_syn.entity_id              2 
_pdbx_entity_src_syn.pdbx_src_id            1 
_pdbx_entity_src_syn.pdbx_alt_source_flag   sample 
_pdbx_entity_src_syn.pdbx_beg_seq_num       1 
_pdbx_entity_src_syn.pdbx_end_seq_num       10 
_pdbx_entity_src_syn.organism_scientific    'synthetic construct' 
_pdbx_entity_src_syn.organism_common_name   ? 
_pdbx_entity_src_syn.ncbi_taxonomy_id       32630 
_pdbx_entity_src_syn.details                ? 
# 
loop_
_chem_comp.id 
_chem_comp.type 
_chem_comp.mon_nstd_flag 
_chem_comp.name 
_chem_comp.pdbx_synonyms 
_chem_comp.formula 
_chem_comp.formula_weight 
ALA 'L-peptide linking' y ALANINE                                                           ? 'C3 H7 N O2'      89.093  
ARG 'L-peptide linking' y ARGININE                                                          ? 'C6 H15 N4 O2 1'  175.209 
ASN 'L-peptide linking' y ASPARAGINE                                                        ? 'C4 H8 N2 O3'     132.118 
ASP 'L-peptide linking' y 'ASPARTIC ACID'                                                   ? 'C4 H7 N O4'      133.103 
GLU 'L-peptide linking' y 'GLUTAMIC ACID'                                                   ? 'C5 H9 N O4'      147.129 
GLY 'peptide linking'   y GLYCINE                                                           ? 'C2 H5 N O2'      75.067  
GOA non-polymer         . 'GLYCOLIC ACID'                                                   
'HYDROXYACETIC ACID; HYDROXYETHANOIC ACID' 'C2 H4 O3'        76.051  
ILE 'L-peptide linking' y ISOLEUCINE                                                        ? 'C6 H13 N O2'     131.173 
LEU 'L-peptide linking' y LEUCINE                                                           ? 'C6 H13 N O2'     131.173 
LYS 'L-peptide linking' y LYSINE                                                            ? 'C6 H15 N2 O2 1'  147.195 
MET 'L-peptide linking' y METHIONINE                                                        ? 'C5 H11 N O2 S'   149.211 
PHE 'L-peptide linking' y PHENYLALANINE                                                     ? 'C9 H11 N O2'     165.189 
PRO 'L-peptide linking' y PROLINE                                                           ? 'C5 H9 N O2'      115.130 
SER 'L-peptide linking' y SERINE                                                            ? 'C3 H7 N O3'      105.093 
THR 'L-peptide linking' y THREONINE                                                         ? 'C4 H9 N O3'      119.119 
TRP 'L-peptide linking' y TRYPTOPHAN                                                        ? 'C11 H12 N2 O2'   204.225 
TYR 'L-peptide linking' y TYROSINE                                                          ? 'C9 H11 N O3'     181.189 
V4F 'peptide linking'   n '8-(aminomethyl)-4-(phosphonomethoxy)quinoline-2-carboxylic acid' ? 'C12 H13 N2 O6 P' 312.215 
V53 'peptide linking'   n '8-azanyl-4-(phosphonomethoxy)quinoline-2-carboxylic acid'        ? 'C11 H11 N2 O6 P' 298.189 
V5F 'peptide linking'   . '(2R)-2-(2-azanylphenoxy)propanoic acid'                          ? 'C9 H11 N O3'     181.189 
VAL 'L-peptide linking' y VALINE                                                            ? 'C5 H11 N O2'     117.146 
# 
loop_
_pdbx_poly_seq_scheme.asym_id 
_pdbx_poly_seq_scheme.entity_id 
_pdbx_poly_seq_scheme.seq_id 
_pdbx_poly_seq_scheme.mon_id 
_pdbx_poly_seq_scheme.ndb_seq_num 
_pdbx_poly_seq_scheme.pdb_seq_num 
_pdbx_poly_seq_scheme.auth_seq_num 
_pdbx_poly_seq_scheme.pdb_mon_id 
_pdbx_poly_seq_scheme.auth_mon_id 
_pdbx_poly_seq_scheme.pdb_strand_id 
_pdbx_poly_seq_scheme.pdb_ins_code 
_pdbx_poly_seq_scheme.hetero 
A 1 1  MET 1  1   1  MET MET AA . n 
A 1 2  VAL 2  2   2  VAL VAL AA . n 
A 1 3  LYS 3  3   3  LYS LYS AA . n 
A 1 4  VAL 4  4   4  VAL VAL AA . n 
A 1 5  LYS 5  5   5  LYS LYS AA . n 
A 1 6  PHE 6  6   6  PHE PHE AA . n 
A 1 7  LYS 7  7   7  LYS LYS AA . n 
A 1 8  TYR 8  8   8  TYR TYR AA . n 
A 1 9  LYS 9  9   9  LYS LYS AA . n 
A 1 10 GLY 10 10  10 GLY GLY AA . n 
A 1 11 GLU 11 11  11 GLU GLU AA . n 
A 1 12 GLU 12 12  12 GLU GLU AA . n 
A 1 13 LYS 13 13  13 LYS LYS AA . n 
A 1 14 GLU 14 14  14 GLU GLU AA . n 
A 1 15 VAL 15 15  15 VAL VAL AA . n 
A 1 16 ASP 16 16  16 ASP ASP AA . n 
A 1 17 THR 17 17  17 THR THR AA . n 
A 1 18 SER 18 18  18 SER SER AA . n 
A 1 19 LYS 19 19  19 LYS LYS AA . n 
A 1 20 ILE 20 20  20 ILE ILE AA . n 
A 1 21 LYS 21 21  21 LYS LYS AA . n 
A 1 22 LYS 22 22  22 LYS LYS AA . n 
A 1 23 VAL 23 23  23 VAL VAL AA . n 
A 1 24 TRP 24 24  24 TRP TRP AA . n 
A 1 25 ARG 25 25  25 ARG ARG AA . n 
A 1 26 ALA 26 26  26 ALA ALA AA . n 
A 1 27 GLY 27 27  27 GLY GLY AA . n 
A 1 28 LYS 28 28  28 LYS LYS AA . n 
A 1 29 ALA 29 29  29 ALA ALA AA . n 
A 1 30 VAL 30 30  30 VAL VAL AA . n 
A 1 31 SER 31 31  31 SER SER AA . n 
A 1 32 PHE 32 32  32 PHE PHE AA . n 
A 1 33 THR 33 33  33 THR THR AA . n 
A 1 34 TYR 34 34  34 TYR TYR AA . n 
A 1 35 ASP 35 35  35 ASP ASP AA . n 
A 1 36 ASP 36 36  36 ASP ASP AA . n 
A 1 37 ASN 37 37  37 ASN ASN AA . n 
A 1 38 GLY 38 38  38 GLY GLY AA . n 
A 1 39 LYS 39 39  39 LYS LYS AA . n 
A 1 40 THR 40 40  40 THR THR AA . n 
A 1 41 GLY 41 41  41 GLY GLY AA . n 
A 1 42 ARG 42 42  42 ARG ARG AA . n 
A 1 43 GLY 43 43  43 GLY GLY AA . n 
A 1 44 ALA 44 44  44 ALA ALA AA . n 
A 1 45 VAL 45 45  45 VAL VAL AA . n 
A 1 46 SER 46 46  46 SER SER AA . n 
A 1 47 GLU 47 47  47 GLU GLU AA . n 
A 1 48 LYS 48 48  48 LYS LYS AA . n 
A 1 49 ASP 49 49  49 ASP ASP AA . n 
A 1 50 ALA 50 50  50 ALA ALA AA . n 
A 1 51 PRO 51 51  51 PRO PRO AA . n 
A 1 52 LYS 52 52  52 LYS LYS AA . n 
A 1 53 GLU 53 53  53 GLU GLU AA . n 
A 1 54 LEU 54 54  54 LEU LEU AA . n 
A 1 55 LEU 55 55  55 LEU LEU AA . n 
A 1 56 ASP 56 56  56 ASP ASP AA . n 
A 1 57 MET 57 57  57 MET MET AA . n 
A 1 58 LEU 58 58  58 LEU LEU AA . n 
A 1 59 ALA 59 59  59 ALA ALA AA . n 
A 1 60 ARG 60 60  60 ARG ARG AA . n 
A 1 61 ALA 61 61  61 ALA ALA AA . n 
A 1 62 GLU 62 62  62 GLU GLU AA . n 
A 1 63 ARG 63 63  63 ARG ARG AA . n 
A 1 64 GLU 64 64  ?  ?   ?   AA . n 
A 1 65 LYS 65 65  ?  ?   ?   AA . n 
A 1 66 LYS 66 66  ?  ?   ?   AA . n 
B 2 1  GOA 1  101 1  GOA XUW A  . n 
B 2 2  V4F 2  102 1  V4F XUW A  . n 
B 2 3  V53 3  103 1  V53 XUW A  . n 
B 2 4  V4F 4  104 1  V4F XUW A  . n 
B 2 5  V53 5  105 1  V53 XUW A  . n 
B 2 6  V5F 6  106 1  V5F XUW A  . n 
B 2 7  V4F 7  107 1  V4F XUW A  . n 
B 2 8  V53 8  108 1  V53 XUW A  . n 
B 2 9  V4F 9  109 1  V4F XUW A  . n 
B 2 10 V53 10 110 1  V53 XUW A  . n 
C 2 1  GOA 1  111 1  GOA XUW B  . n 
C 2 2  V4F 2  112 1  V4F XUW B  . n 
C 2 3  V53 3  113 1  V53 XUW B  . n 
C 2 4  V4F 4  114 1  V4F XUW B  . n 
C 2 5  V53 5  115 1  V53 XUW B  . n 
C 2 6  V5F 6  116 1  V5F XUW B  . n 
C 2 7  V4F 7  117 1  V4F XUW B  . n 
C 2 8  V53 8  118 1  V53 XUW B  . n 
C 2 9  V4F 9  119 1  V4F XUW B  . n 
C 2 10 V53 10 120 1  V53 XUW B  . n 
# 
loop_
_pdbx_entity_instance_feature.ordinal 
_pdbx_entity_instance_feature.comp_id 
_pdbx_entity_instance_feature.asym_id 
_pdbx_entity_instance_feature.seq_num 
_pdbx_entity_instance_feature.auth_comp_id 
_pdbx_entity_instance_feature.auth_asym_id 
_pdbx_entity_instance_feature.auth_seq_num 
_pdbx_entity_instance_feature.feature_type 
_pdbx_entity_instance_feature.details 
1 V4F ? ? V4F ? ? 'SUBJECT OF INVESTIGATION' ? 
2 V53 ? ? V53 ? ? 'SUBJECT OF INVESTIGATION' ? 
3 V5F ? ? V5F ? ? 'SUBJECT OF INVESTIGATION' ? 
4 GOA ? ? GOA ? ? 'SUBJECT OF INVESTIGATION' ? 
# 
loop_
_pdbx_unobs_or_zero_occ_atoms.id 
_pdbx_unobs_or_zero_occ_atoms.PDB_model_num 
_pdbx_unobs_or_zero_occ_atoms.polymer_flag 
_pdbx_unobs_or_zero_occ_atoms.occupancy_flag 
_pdbx_unobs_or_zero_occ_atoms.auth_asym_id 
_pdbx_unobs_or_zero_occ_atoms.auth_comp_id 
_pdbx_unobs_or_zero_occ_atoms.auth_seq_id 
_pdbx_unobs_or_zero_occ_atoms.PDB_ins_code 
_pdbx_unobs_or_zero_occ_atoms.auth_atom_id 
_pdbx_unobs_or_zero_occ_atoms.label_alt_id 
_pdbx_unobs_or_zero_occ_atoms.label_asym_id 
_pdbx_unobs_or_zero_occ_atoms.label_comp_id 
_pdbx_unobs_or_zero_occ_atoms.label_seq_id 
_pdbx_unobs_or_zero_occ_atoms.label_atom_id 
1  1 Y 1 AA TYR 8  ? CG  ? A TYR 8  CG  
2  1 Y 1 AA TYR 8  ? CD1 ? A TYR 8  CD1 
3  1 Y 1 AA TYR 8  ? CD2 ? A TYR 8  CD2 
4  1 Y 1 AA TYR 8  ? CE1 ? A TYR 8  CE1 
5  1 Y 1 AA TYR 8  ? CE2 ? A TYR 8  CE2 
6  1 Y 1 AA TYR 8  ? CZ  ? A TYR 8  CZ  
7  1 Y 1 AA TYR 8  ? OH  ? A TYR 8  OH  
8  1 Y 1 AA LYS 9  ? CG  ? A LYS 9  CG  
9  1 Y 1 AA LYS 9  ? CD  ? A LYS 9  CD  
10 1 Y 1 AA LYS 9  ? CE  ? A LYS 9  CE  
11 1 Y 1 AA LYS 9  ? NZ  ? A LYS 9  NZ  
12 1 Y 1 AA TRP 24 ? CG  ? A TRP 24 CG  
13 1 Y 1 AA TRP 24 ? CD1 ? A TRP 24 CD1 
14 1 Y 1 AA TRP 24 ? CD2 ? A TRP 24 CD2 
15 1 Y 1 AA TRP 24 ? NE1 ? A TRP 24 NE1 
16 1 Y 1 AA TRP 24 ? CE2 ? A TRP 24 CE2 
17 1 Y 1 AA TRP 24 ? CE3 ? A TRP 24 CE3 
18 1 Y 1 AA TRP 24 ? CZ2 ? A TRP 24 CZ2 
19 1 Y 1 AA TRP 24 ? CZ3 ? A TRP 24 CZ3 
20 1 Y 1 AA TRP 24 ? CH2 ? A TRP 24 CH2 
21 1 Y 1 AA LYS 39 ? CG  ? A LYS 39 CG  
22 1 Y 1 AA LYS 39 ? CD  ? A LYS 39 CD  
23 1 Y 1 AA LYS 39 ? CE  ? A LYS 39 CE  
24 1 Y 1 AA LYS 39 ? NZ  ? A LYS 39 NZ  
25 1 Y 1 AA THR 40 ? OG1 ? A THR 40 OG1 
26 1 Y 1 AA THR 40 ? CG2 ? A THR 40 CG2 
# 
loop_
_software.citation_id 
_software.classification 
_software.compiler_name 
_software.compiler_version 
_software.contact_author 
_software.contact_author_email 
_software.date 
_software.description 
_software.dependencies 
_software.hardware 
_software.language 
_software.location 
_software.mods 
_software.name 
_software.os 
_software.os_version 
_software.type 
_software.version 
_software.pdbx_ordinal 
? refinement       ? ? ? ? ? ? ? ? ? ? ? PHENIX ? ? ? 1.20.1_4487 1 
? refinement       ? ? ? ? ? ? ? ? ? ? ? PHENIX ? ? ? 1.20.1_4487 2 
? 'data reduction' ? ? ? ? ? ? ? ? ? ? ? XDS    ? ? ? .           3 
? 'data scaling'   ? ? ? ? ? ? ? ? ? ? ? XSCALE ? ? ? .           4 
? phasing          ? ? ? ? ? ? ? ? ? ? ? PHASER ? ? ? .           5 
# 
_cell.angle_alpha                  90.000 
_cell.angle_alpha_esd              ? 
_cell.angle_beta                   90.000 
_cell.angle_beta_esd               ? 
_cell.angle_gamma                  120.000 
_cell.angle_gamma_esd              ? 
_cell.entry_id                     8Q2M 
_cell.details                      ? 
_cell.formula_units_Z              ? 
_cell.length_a                     70.920 
_cell.length_a_esd                 ? 
_cell.length_b                     70.920 
_cell.length_b_esd                 ? 
_cell.length_c                     119.290 
_cell.length_c_esd                 ? 
_cell.volume                       519603.567 
_cell.volume_esd                   ? 
_cell.Z_PDB                        24 
_cell.reciprocal_angle_alpha       ? 
_cell.reciprocal_angle_beta        ? 
_cell.reciprocal_angle_gamma       ? 
_cell.reciprocal_angle_alpha_esd   ? 
_cell.reciprocal_angle_beta_esd    ? 
_cell.reciprocal_angle_gamma_esd   ? 
_cell.reciprocal_length_a          ? 
_cell.reciprocal_length_b          ? 
_cell.reciprocal_length_c          ? 
_cell.reciprocal_length_a_esd      ? 
_cell.reciprocal_length_b_esd      ? 
_cell.reciprocal_length_c_esd      ? 
_cell.pdbx_unique_axis             ? 
_cell.pdbx_esd_method              ? 
# 
_symmetry.entry_id                         8Q2M 
_symmetry.cell_setting                     ? 
_symmetry.Int_Tables_number                181 
_symmetry.space_group_name_Hall            'P 64 2 (x,y,z+1/6)' 
_symmetry.space_group_name_H-M             'P 64 2 2' 
_symmetry.pdbx_full_space_group_name_H-M   ? 
# 
_exptl.absorpt_coefficient_mu     ? 
_exptl.absorpt_correction_T_max   ? 
_exptl.absorpt_correction_T_min   ? 
_exptl.absorpt_correction_type    ? 
_exptl.absorpt_process_details    ? 
_exptl.entry_id                   8Q2M 
_exptl.crystals_number            1 
_exptl.details                    ? 
_exptl.method                     'X-RAY DIFFRACTION' 
_exptl.method_details             ? 
# 
_exptl_crystal.colour                       ? 
_exptl_crystal.density_diffrn               ? 
_exptl_crystal.density_Matthews             5.74 
_exptl_crystal.density_method               ? 
_exptl_crystal.density_percent_sol          78.59 
_exptl_crystal.description                  ? 
_exptl_crystal.F_000                        ? 
_exptl_crystal.id                           1 
_exptl_crystal.preparation                  ? 
_exptl_crystal.size_max                     ? 
_exptl_crystal.size_mid                     ? 
_exptl_crystal.size_min                     ? 
_exptl_crystal.size_rad                     ? 
_exptl_crystal.colour_lustre                ? 
_exptl_crystal.colour_modifier              ? 
_exptl_crystal.colour_primary               ? 
_exptl_crystal.density_meas                 ? 
_exptl_crystal.density_meas_esd             ? 
_exptl_crystal.density_meas_gt              ? 
_exptl_crystal.density_meas_lt              ? 
_exptl_crystal.density_meas_temp            ? 
_exptl_crystal.density_meas_temp_esd        ? 
_exptl_crystal.density_meas_temp_gt         ? 
_exptl_crystal.density_meas_temp_lt         ? 
_exptl_crystal.pdbx_crystal_image_url       ? 
_exptl_crystal.pdbx_crystal_image_format    ? 
_exptl_crystal.pdbx_mosaicity               ? 
_exptl_crystal.pdbx_mosaicity_esd           ? 
_exptl_crystal.pdbx_mosaic_method           ? 
_exptl_crystal.pdbx_mosaic_block_size       ? 
_exptl_crystal.pdbx_mosaic_block_size_esd   ? 
# 
_exptl_crystal_grow.apparatus       ? 
_exptl_crystal_grow.atmosphere      ? 
_exptl_crystal_grow.crystal_id      1 
_exptl_crystal_grow.details         ? 
_exptl_crystal_grow.method          'VAPOR DIFFUSION, HANGING DROP' 
_exptl_crystal_grow.method_ref      ? 
_exptl_crystal_grow.pH              6.0 
_exptl_crystal_grow.pressure        ? 
_exptl_crystal_grow.pressure_esd    ? 
_exptl_crystal_grow.seeding         ? 
_exptl_crystal_grow.seeding_ref     ? 
_exptl_crystal_grow.temp_details    ? 
_exptl_crystal_grow.temp_esd        ? 
_exptl_crystal_grow.time            ? 
_exptl_crystal_grow.pdbx_details    '9 % PEG 400, 0.1 M MES pH 6.0' 
_exptl_crystal_grow.pdbx_pH_range   ? 
_exptl_crystal_grow.temp            293 
# 
_diffrn.ambient_environment              ? 
_diffrn.ambient_temp                     100 
_diffrn.ambient_temp_details             ? 
_diffrn.ambient_temp_esd                 ? 
_diffrn.crystal_id                       1 
_diffrn.crystal_support                  ? 
_diffrn.crystal_treatment                ? 
_diffrn.details                          ? 
_diffrn.id                               1 
_diffrn.ambient_pressure                 ? 
_diffrn.ambient_pressure_esd             ? 
_diffrn.ambient_pressure_gt              ? 
_diffrn.ambient_pressure_lt              ? 
_diffrn.ambient_temp_gt                  ? 
_diffrn.ambient_temp_lt                  ? 
_diffrn.pdbx_serial_crystal_experiment   N 
# 
_diffrn_detector.details                      ? 
_diffrn_detector.detector                     PIXEL 
_diffrn_detector.diffrn_id                    1 
_diffrn_detector.type                         'DECTRIS EIGER X 16M' 
_diffrn_detector.area_resol_mean              ? 
_diffrn_detector.dtime                        ? 
_diffrn_detector.pdbx_frames_total            ? 
_diffrn_detector.pdbx_collection_time_total   ? 
_diffrn_detector.pdbx_collection_date         2023-06-18 
_diffrn_detector.pdbx_frequency               ? 
_diffrn_detector.id                           ? 
_diffrn_detector.number_of_axes               ? 
# 
_diffrn_radiation.collimation                      ? 
_diffrn_radiation.diffrn_id                        1 
_diffrn_radiation.filter_edge                      ? 
_diffrn_radiation.inhomogeneity                    ? 
_diffrn_radiation.monochromator                    'Si(111)' 
_diffrn_radiation.polarisn_norm                    ? 
_diffrn_radiation.polarisn_ratio                   ? 
_diffrn_radiation.probe                            ? 
_diffrn_radiation.type                             ? 
_diffrn_radiation.xray_symbol                      ? 
_diffrn_radiation.wavelength_id                    1 
_diffrn_radiation.pdbx_monochromatic_or_laue_m_l   M 
_diffrn_radiation.pdbx_wavelength_list             ? 
_diffrn_radiation.pdbx_wavelength                  ? 
_diffrn_radiation.pdbx_diffrn_protocol             'SINGLE WAVELENGTH' 
_diffrn_radiation.pdbx_analyzer                    ? 
_diffrn_radiation.pdbx_scattering_type             x-ray 
# 
_diffrn_radiation_wavelength.id           1 
_diffrn_radiation_wavelength.wavelength   0.9763 
_diffrn_radiation_wavelength.wt           1.0 
# 
_diffrn_source.current                     ? 
_diffrn_source.details                     ? 
_diffrn_source.diffrn_id                   1 
_diffrn_source.power                       ? 
_diffrn_source.size                        ? 
_diffrn_source.source                      SYNCHROTRON 
_diffrn_source.target                      ? 
_diffrn_source.type                        'PETRA III, EMBL c/o DESY BEAMLINE P13 (MX1)' 
_diffrn_source.voltage                     ? 
_diffrn_source.take-off_angle              ? 
_diffrn_source.pdbx_wavelength_list        0.9763 
_diffrn_source.pdbx_wavelength             ? 
_diffrn_source.pdbx_synchrotron_beamline   'P13 (MX1)' 
_diffrn_source.pdbx_synchrotron_site       'PETRA III, EMBL c/o DESY' 
# 
_reflns.B_iso_Wilson_estimate                          115.53 
_reflns.entry_id                                       8Q2M 
_reflns.data_reduction_details                         ? 
_reflns.data_reduction_method                          ? 
_reflns.d_resolution_high                              3.21 
_reflns.d_resolution_low                               30.71 
_reflns.details                                        ? 
_reflns.limit_h_max                                    ? 
_reflns.limit_h_min                                    ? 
_reflns.limit_k_max                                    ? 
_reflns.limit_k_min                                    ? 
_reflns.limit_l_max                                    ? 
_reflns.limit_l_min                                    ? 
_reflns.number_all                                     ? 
_reflns.number_obs                                     3226 
_reflns.observed_criterion                             ? 
_reflns.observed_criterion_F_max                       ? 
_reflns.observed_criterion_F_min                       ? 
_reflns.observed_criterion_I_max                       ? 
_reflns.observed_criterion_I_min                       ? 
_reflns.observed_criterion_sigma_F                     ? 
_reflns.observed_criterion_sigma_I                     ? 
_reflns.percent_possible_obs                           99.54 
_reflns.R_free_details                                 ? 
_reflns.Rmerge_F_all                                   ? 
_reflns.Rmerge_F_obs                                   ? 
_reflns.Friedel_coverage                               ? 
_reflns.number_gt                                      ? 
_reflns.threshold_expression                           ? 
_reflns.pdbx_redundancy                                37.1 
_reflns.pdbx_netI_over_av_sigmaI                       ? 
_reflns.pdbx_netI_over_sigmaI                          23.56 
_reflns.pdbx_res_netI_over_av_sigmaI_2                 ? 
_reflns.pdbx_res_netI_over_sigmaI_2                    ? 
_reflns.pdbx_chi_squared                               ? 
_reflns.pdbx_scaling_rejects                           ? 
_reflns.pdbx_d_res_high_opt                            ? 
_reflns.pdbx_d_res_low_opt                             ? 
_reflns.pdbx_d_res_opt_method                          ? 
_reflns.phase_calculation_details                      ? 
_reflns.pdbx_Rrim_I_all                                ? 
_reflns.pdbx_Rpim_I_all                                ? 
_reflns.pdbx_d_opt                                     ? 
_reflns.pdbx_number_measured_all                       ? 
_reflns.pdbx_diffrn_id                                 1 
_reflns.pdbx_ordinal                                   1 
_reflns.pdbx_CC_half                                   1 
_reflns.pdbx_CC_star                                   1 
_reflns.pdbx_R_split                                   ? 
_reflns.pdbx_Rmerge_I_obs                              ? 
_reflns.pdbx_Rmerge_I_all                              ? 
_reflns.pdbx_Rsym_value                                ? 
_reflns.pdbx_CC_split_method                           ? 
_reflns.pdbx_aniso_diffraction_limit_axis_1_ortho[1]   ? 
_reflns.pdbx_aniso_diffraction_limit_axis_1_ortho[2]   ? 
_reflns.pdbx_aniso_diffraction_limit_axis_1_ortho[3]   ? 
_reflns.pdbx_aniso_diffraction_limit_axis_2_ortho[1]   ? 
_reflns.pdbx_aniso_diffraction_limit_axis_2_ortho[2]   ? 
_reflns.pdbx_aniso_diffraction_limit_axis_2_ortho[3]   ? 
_reflns.pdbx_aniso_diffraction_limit_axis_3_ortho[1]   ? 
_reflns.pdbx_aniso_diffraction_limit_axis_3_ortho[2]   ? 
_reflns.pdbx_aniso_diffraction_limit_axis_3_ortho[3]   ? 
_reflns.pdbx_aniso_diffraction_limit_1                 ? 
_reflns.pdbx_aniso_diffraction_limit_2                 ? 
_reflns.pdbx_aniso_diffraction_limit_3                 ? 
_reflns.pdbx_aniso_B_tensor_eigenvector_1_ortho[1]     ? 
_reflns.pdbx_aniso_B_tensor_eigenvector_1_ortho[2]     ? 
_reflns.pdbx_aniso_B_tensor_eigenvector_1_ortho[3]     ? 
_reflns.pdbx_aniso_B_tensor_eigenvector_2_ortho[1]     ? 
_reflns.pdbx_aniso_B_tensor_eigenvector_2_ortho[2]     ? 
_reflns.pdbx_aniso_B_tensor_eigenvector_2_ortho[3]     ? 
_reflns.pdbx_aniso_B_tensor_eigenvector_3_ortho[1]     ? 
_reflns.pdbx_aniso_B_tensor_eigenvector_3_ortho[2]     ? 
_reflns.pdbx_aniso_B_tensor_eigenvector_3_ortho[3]     ? 
_reflns.pdbx_aniso_B_tensor_eigenvalue_1               ? 
_reflns.pdbx_aniso_B_tensor_eigenvalue_2               ? 
_reflns.pdbx_aniso_B_tensor_eigenvalue_3               ? 
_reflns.pdbx_orthogonalization_convention              ? 
_reflns.pdbx_percent_possible_ellipsoidal              ? 
_reflns.pdbx_percent_possible_spherical                ? 
_reflns.pdbx_percent_possible_ellipsoidal_anomalous    ? 
_reflns.pdbx_percent_possible_spherical_anomalous      ? 
_reflns.pdbx_redundancy_anomalous                      ? 
_reflns.pdbx_CC_half_anomalous                         ? 
_reflns.pdbx_absDiff_over_sigma_anomalous              ? 
_reflns.pdbx_percent_possible_anomalous                ? 
_reflns.pdbx_observed_signal_threshold                 ? 
_reflns.pdbx_signal_type                               ? 
_reflns.pdbx_signal_details                            ? 
_reflns.pdbx_signal_software_id                        ? 
# 
_reflns_shell.d_res_high                                    3.21 
_reflns_shell.d_res_low                                     3.32 
_reflns_shell.meanI_over_sigI_all                           ? 
_reflns_shell.meanI_over_sigI_obs                           3.51 
_reflns_shell.number_measured_all                           ? 
_reflns_shell.number_measured_obs                           ? 
_reflns_shell.number_possible                               ? 
_reflns_shell.number_unique_all                             ? 
_reflns_shell.number_unique_obs                             310 
_reflns_shell.percent_possible_obs                          ? 
_reflns_shell.Rmerge_F_all                                  ? 
_reflns_shell.Rmerge_F_obs                                  ? 
_reflns_shell.meanI_over_sigI_gt                            ? 
_reflns_shell.meanI_over_uI_all                             ? 
_reflns_shell.meanI_over_uI_gt                              ? 
_reflns_shell.number_measured_gt                            ? 
_reflns_shell.number_unique_gt                              ? 
_reflns_shell.percent_possible_gt                           ? 
_reflns_shell.Rmerge_F_gt                                   ? 
_reflns_shell.Rmerge_I_gt                                   ? 
_reflns_shell.pdbx_redundancy                               39.9 
_reflns_shell.pdbx_chi_squared                              ? 
_reflns_shell.pdbx_netI_over_sigmaI_all                     ? 
_reflns_shell.pdbx_netI_over_sigmaI_obs                     ? 
_reflns_shell.pdbx_Rrim_I_all                               ? 
_reflns_shell.pdbx_Rpim_I_all                               ? 
_reflns_shell.pdbx_rejects                                  ? 
_reflns_shell.pdbx_ordinal                                  1 
_reflns_shell.pdbx_diffrn_id                                1 
_reflns_shell.pdbx_CC_half                                  0.952 
_reflns_shell.pdbx_CC_star                                  0.988 
_reflns_shell.pdbx_R_split                                  ? 
_reflns_shell.percent_possible_all                          100 
_reflns_shell.Rmerge_I_all                                  ? 
_reflns_shell.Rmerge_I_obs                                  ? 
_reflns_shell.pdbx_Rsym_value                               ? 
_reflns_shell.pdbx_percent_possible_ellipsoidal             ? 
_reflns_shell.pdbx_percent_possible_spherical               ? 
_reflns_shell.pdbx_percent_possible_ellipsoidal_anomalous   ? 
_reflns_shell.pdbx_percent_possible_spherical_anomalous     ? 
_reflns_shell.pdbx_redundancy_anomalous                     ? 
_reflns_shell.pdbx_CC_half_anomalous                        ? 
_reflns_shell.pdbx_absDiff_over_sigma_anomalous             ? 
_reflns_shell.pdbx_percent_possible_anomalous               ? 
# 
_refine.aniso_B[1][1]                            ? 
_refine.aniso_B[1][2]                            ? 
_refine.aniso_B[1][3]                            ? 
_refine.aniso_B[2][2]                            ? 
_refine.aniso_B[2][3]                            ? 
_refine.aniso_B[3][3]                            ? 
_refine.B_iso_max                                ? 
_refine.B_iso_mean                               129.42 
_refine.B_iso_min                                ? 
_refine.correlation_coeff_Fo_to_Fc               ? 
_refine.correlation_coeff_Fo_to_Fc_free          ? 
_refine.details                                  ? 
_refine.diff_density_max                         ? 
_refine.diff_density_max_esd                     ? 
_refine.diff_density_min                         ? 
_refine.diff_density_min_esd                     ? 
_refine.diff_density_rms                         ? 
_refine.diff_density_rms_esd                     ? 
_refine.entry_id                                 8Q2M 
_refine.pdbx_refine_id                           'X-RAY DIFFRACTION' 
_refine.ls_abs_structure_details                 ? 
_refine.ls_abs_structure_Flack                   ? 
_refine.ls_abs_structure_Flack_esd               ? 
_refine.ls_abs_structure_Rogers                  ? 
_refine.ls_abs_structure_Rogers_esd              ? 
_refine.ls_d_res_high                            3.21 
_refine.ls_d_res_low                             30.71 
_refine.ls_extinction_coef                       ? 
_refine.ls_extinction_coef_esd                   ? 
_refine.ls_extinction_expression                 ? 
_refine.ls_extinction_method                     ? 
_refine.ls_goodness_of_fit_all                   ? 
_refine.ls_goodness_of_fit_all_esd               ? 
_refine.ls_goodness_of_fit_obs                   ? 
_refine.ls_goodness_of_fit_obs_esd               ? 
_refine.ls_hydrogen_treatment                    ? 
_refine.ls_matrix_type                           ? 
_refine.ls_number_constraints                    ? 
_refine.ls_number_parameters                     ? 
_refine.ls_number_reflns_all                     ? 
_refine.ls_number_reflns_obs                     3220 
_refine.ls_number_reflns_R_free                  322 
_refine.ls_number_reflns_R_work                  2898 
_refine.ls_number_restraints                     ? 
_refine.ls_percent_reflns_obs                    99.78 
_refine.ls_percent_reflns_R_free                 10.00 
_refine.ls_R_factor_all                          ? 
_refine.ls_R_factor_obs                          0.3260 
_refine.ls_R_factor_R_free                       0.3345 
_refine.ls_R_factor_R_free_error                 ? 
_refine.ls_R_factor_R_free_error_details         ? 
_refine.ls_R_factor_R_work                       0.3249 
_refine.ls_R_Fsqd_factor_obs                     ? 
_refine.ls_R_I_factor_obs                        ? 
_refine.ls_redundancy_reflns_all                 ? 
_refine.ls_redundancy_reflns_obs                 ? 
_refine.ls_restrained_S_all                      ? 
_refine.ls_restrained_S_obs                      ? 
_refine.ls_shift_over_esd_max                    ? 
_refine.ls_shift_over_esd_mean                   ? 
_refine.ls_structure_factor_coef                 ? 
_refine.ls_weighting_details                     ? 
_refine.ls_weighting_scheme                      ? 
_refine.ls_wR_factor_all                         ? 
_refine.ls_wR_factor_obs                         ? 
_refine.ls_wR_factor_R_free                      ? 
_refine.ls_wR_factor_R_work                      ? 
_refine.occupancy_max                            ? 
_refine.occupancy_min                            ? 
_refine.solvent_model_details                    'FLAT BULK SOLVENT MODEL' 
_refine.solvent_model_param_bsol                 ? 
_refine.solvent_model_param_ksol                 ? 
_refine.pdbx_R_complete                          ? 
_refine.ls_R_factor_gt                           ? 
_refine.ls_goodness_of_fit_gt                    ? 
_refine.ls_goodness_of_fit_ref                   ? 
_refine.ls_shift_over_su_max                     ? 
_refine.ls_shift_over_su_max_lt                  ? 
_refine.ls_shift_over_su_mean                    ? 
_refine.ls_shift_over_su_mean_lt                 ? 
_refine.pdbx_ls_sigma_I                          ? 
_refine.pdbx_ls_sigma_F                          1.37 
_refine.pdbx_ls_sigma_Fsqd                       ? 
_refine.pdbx_data_cutoff_high_absF               ? 
_refine.pdbx_data_cutoff_high_rms_absF           ? 
_refine.pdbx_data_cutoff_low_absF                ? 
_refine.pdbx_isotropic_thermal_model             ? 
_refine.pdbx_ls_cross_valid_method               'FREE R-VALUE' 
_refine.pdbx_method_to_determine_struct          'MOLECULAR REPLACEMENT' 
_refine.pdbx_starting_model                      ? 
_refine.pdbx_stereochemistry_target_values       'GeoStd + Monomer Library + CDL v1.2' 
_refine.pdbx_R_Free_selection_details            ? 
_refine.pdbx_stereochem_target_val_spec_case     ? 
_refine.pdbx_overall_ESU_R                       ? 
_refine.pdbx_overall_ESU_R_Free                  ? 
_refine.pdbx_solvent_vdw_probe_radii             1.1000 
_refine.pdbx_solvent_ion_probe_radii             ? 
_refine.pdbx_solvent_shrinkage_radii             0.9000 
_refine.pdbx_real_space_R                        ? 
_refine.pdbx_density_correlation                 ? 
_refine.pdbx_pd_number_of_powder_patterns        ? 
_refine.pdbx_pd_number_of_points                 ? 
_refine.pdbx_pd_meas_number_of_points            ? 
_refine.pdbx_pd_proc_ls_prof_R_factor            ? 
_refine.pdbx_pd_proc_ls_prof_wR_factor           ? 
_refine.pdbx_pd_Marquardt_correlation_coeff      ? 
_refine.pdbx_pd_Fsqrd_R_factor                   ? 
_refine.pdbx_pd_ls_matrix_band_width             ? 
_refine.pdbx_overall_phase_error                 41.8877 
_refine.pdbx_overall_SU_R_free_Cruickshank_DPI   ? 
_refine.pdbx_overall_SU_R_free_Blow_DPI          ? 
_refine.pdbx_overall_SU_R_Blow_DPI               ? 
_refine.pdbx_TLS_residual_ADP_flag               ? 
_refine.pdbx_diffrn_id                           1 
_refine.overall_SU_B                             ? 
_refine.overall_SU_ML                            0.3663 
_refine.overall_SU_R_Cruickshank_DPI             ? 
_refine.overall_SU_R_free                        ? 
_refine.overall_FOM_free_R_set                   ? 
_refine.overall_FOM_work_R_set                   ? 
_refine.pdbx_average_fsc_overall                 ? 
_refine.pdbx_average_fsc_work                    ? 
_refine.pdbx_average_fsc_free                    ? 
# 
_refine_hist.pdbx_refine_id                   'X-RAY DIFFRACTION' 
_refine_hist.cycle_id                         LAST 
_refine_hist.details                          ? 
_refine_hist.d_res_high                       3.21 
_refine_hist.d_res_low                        30.71 
_refine_hist.number_atoms_solvent             0 
_refine_hist.number_atoms_total               820 
_refine_hist.number_reflns_all                ? 
_refine_hist.number_reflns_obs                ? 
_refine_hist.number_reflns_R_free             ? 
_refine_hist.number_reflns_R_work             ? 
_refine_hist.R_factor_all                     ? 
_refine_hist.R_factor_obs                     ? 
_refine_hist.R_factor_R_free                  ? 
_refine_hist.R_factor_R_work                  ? 
_refine_hist.pdbx_number_residues_total       ? 
_refine_hist.pdbx_B_iso_mean_ligand           ? 
_refine_hist.pdbx_B_iso_mean_solvent          ? 
_refine_hist.pdbx_number_atoms_protein        474 
_refine_hist.pdbx_number_atoms_nucleic_acid   0 
_refine_hist.pdbx_number_atoms_ligand         346 
_refine_hist.pdbx_number_atoms_lipid          ? 
_refine_hist.pdbx_number_atoms_carb           ? 
_refine_hist.pdbx_pseudo_atom_details         ? 
# 
loop_
_refine_ls_restr.pdbx_refine_id 
_refine_ls_restr.criterion 
_refine_ls_restr.dev_ideal 
_refine_ls_restr.dev_ideal_target 
_refine_ls_restr.number 
_refine_ls_restr.rejects 
_refine_ls_restr.type 
_refine_ls_restr.weight 
_refine_ls_restr.pdbx_restraint_function 
'X-RAY DIFFRACTION' ? 0.0256  ? 853  ? f_bond_d           ? ? 
'X-RAY DIFFRACTION' ? 4.1230  ? 1197 ? f_angle_d          ? ? 
'X-RAY DIFFRACTION' ? 0.2804  ? 88   ? f_chiral_restr     ? ? 
'X-RAY DIFFRACTION' ? 0.0254  ? 120  ? f_plane_restr      ? ? 
'X-RAY DIFFRACTION' ? 13.7308 ? 181  ? f_dihedral_angle_d ? ? 
# 
loop_
_refine_ls_shell.pdbx_refine_id 
_refine_ls_shell.d_res_high 
_refine_ls_shell.d_res_low 
_refine_ls_shell.number_reflns_all 
_refine_ls_shell.number_reflns_obs 
_refine_ls_shell.number_reflns_R_free 
_refine_ls_shell.number_reflns_R_work 
_refine_ls_shell.percent_reflns_obs 
_refine_ls_shell.percent_reflns_R_free 
_refine_ls_shell.R_factor_all 
_refine_ls_shell.R_factor_obs 
_refine_ls_shell.R_factor_R_free_error 
_refine_ls_shell.R_factor_R_work 
_refine_ls_shell.redundancy_reflns_all 
_refine_ls_shell.redundancy_reflns_obs 
_refine_ls_shell.wR_factor_all 
_refine_ls_shell.wR_factor_obs 
_refine_ls_shell.wR_factor_R_free 
_refine_ls_shell.wR_factor_R_work 
_refine_ls_shell.pdbx_R_complete 
_refine_ls_shell.pdbx_total_number_of_bins_used 
_refine_ls_shell.pdbx_phase_error 
_refine_ls_shell.pdbx_fsc_work 
_refine_ls_shell.pdbx_fsc_free 
_refine_ls_shell.R_factor_R_free 
'X-RAY DIFFRACTION' 3.21 4.04  . . 154 1389 99.61 . . . . 0.3599 . . . . . . . . . . . 0.4072 
'X-RAY DIFFRACTION' 4.05 30.71 . . 168 1509 99.94 . . . . 0.3172 . . . . . . . . . . . 0.3177 
# 
_struct.entry_id                     8Q2M 
_struct.title                        '18mer DNA mimic Foldamer with an Aliphatic linker in complex with Sac7d V26A/M29A protein' 
_struct.pdbx_model_details           ? 
_struct.pdbx_formula_weight          ? 
_struct.pdbx_formula_weight_method   ? 
_struct.pdbx_model_type_details      ? 
_struct.pdbx_CASP_flag               N 
# 
_struct_keywords.entry_id        8Q2M 
_struct_keywords.text            'Foldamer, DNA mimic, DNA binding protein, histone' 
_struct_keywords.pdbx_keywords   'DNA BINDING PROTEIN' 
# 
loop_
_struct_asym.id 
_struct_asym.pdbx_blank_PDB_chainid_flag 
_struct_asym.pdbx_modified 
_struct_asym.entity_id 
_struct_asym.details 
A N N 1 ? 
B N N 2 ? 
C N N 2 ? 
# 
loop_
_struct_ref.id 
_struct_ref.db_name 
_struct_ref.db_code 
_struct_ref.pdbx_db_accession 
_struct_ref.pdbx_db_isoform 
_struct_ref.entity_id 
_struct_ref.pdbx_seq_one_letter_code 
_struct_ref.pdbx_align_begin 
1 UNP DN7D_SULAC P13123 ? 1 MVKVKFKYKGEEKEVDTSKIKKVWRVGKMVSFTYDDNGKTGRGAVSEKDAPKELLDMLARAEREKK 1 
2 PDB 8Q2M       8Q2M   ? 2 ?                                                                  1 
# 
loop_
_struct_ref_seq.align_id 
_struct_ref_seq.ref_id 
_struct_ref_seq.pdbx_PDB_id_code 
_struct_ref_seq.pdbx_strand_id 
_struct_ref_seq.seq_align_beg 
_struct_ref_seq.pdbx_seq_align_beg_ins_code 
_struct_ref_seq.seq_align_end 
_struct_ref_seq.pdbx_seq_align_end_ins_code 
_struct_ref_seq.pdbx_db_accession 
_struct_ref_seq.db_align_beg 
_struct_ref_seq.pdbx_db_align_beg_ins_code 
_struct_ref_seq.db_align_end 
_struct_ref_seq.pdbx_db_align_end_ins_code 
_struct_ref_seq.pdbx_auth_seq_align_beg 
_struct_ref_seq.pdbx_auth_seq_align_end 
1 1 8Q2M AA 1 ? 66 ? P13123 1   ? 66  ? 1   66  
2 2 8Q2M A  1 ? 10 ? 8Q2M   101 ? 110 ? 101 110 
3 2 8Q2M B  1 ? 10 ? 8Q2M   111 ? 120 ? 111 120 
# 
loop_
_struct_ref_seq_dif.align_id 
_struct_ref_seq_dif.pdbx_pdb_id_code 
_struct_ref_seq_dif.mon_id 
_struct_ref_seq_dif.pdbx_pdb_strand_id 
_struct_ref_seq_dif.seq_num 
_struct_ref_seq_dif.pdbx_pdb_ins_code 
_struct_ref_seq_dif.pdbx_seq_db_name 
_struct_ref_seq_dif.pdbx_seq_db_accession_code 
_struct_ref_seq_dif.db_mon_id 
_struct_ref_seq_dif.pdbx_seq_db_seq_num 
_struct_ref_seq_dif.details 
_struct_ref_seq_dif.pdbx_auth_seq_num 
_struct_ref_seq_dif.pdbx_ordinal 
1 8Q2M ALA AA 26 ? UNP P13123 VAL 26 conflict 26 1 
1 8Q2M ALA AA 29 ? UNP P13123 MET 29 conflict 29 2 
# 
_pdbx_struct_assembly.id                   1 
_pdbx_struct_assembly.details              author_and_software_defined_assembly 
_pdbx_struct_assembly.method_details       PISA 
_pdbx_struct_assembly.oligomeric_details   trimeric 
_pdbx_struct_assembly.oligomeric_count     3 
# 
loop_
_pdbx_struct_assembly_prop.biol_id 
_pdbx_struct_assembly_prop.type 
_pdbx_struct_assembly_prop.value 
_pdbx_struct_assembly_prop.details 
1 'ABSA (A^2)' 280  ? 
1 MORE         4    ? 
1 'SSA (A^2)'  6480 ? 
# 
_pdbx_struct_assembly_gen.assembly_id       1 
_pdbx_struct_assembly_gen.oper_expression   1 
_pdbx_struct_assembly_gen.asym_id_list      A,B,C 
# 
_pdbx_struct_assembly_auth_evidence.id                     1 
_pdbx_struct_assembly_auth_evidence.assembly_id            1 
_pdbx_struct_assembly_auth_evidence.experimental_support   'surface plasmon resonance' 
_pdbx_struct_assembly_auth_evidence.details                ? 
# 
_pdbx_struct_oper_list.id                   1 
_pdbx_struct_oper_list.type                 'identity operation' 
_pdbx_struct_oper_list.name                 1_555 
_pdbx_struct_oper_list.symmetry_operation   x,y,z 
_pdbx_struct_oper_list.matrix[1][1]         1.0000000000 
_pdbx_struct_oper_list.matrix[1][2]         0.0000000000 
_pdbx_struct_oper_list.matrix[1][3]         0.0000000000 
_pdbx_struct_oper_list.vector[1]            0.0000000000 
_pdbx_struct_oper_list.matrix[2][1]         0.0000000000 
_pdbx_struct_oper_list.matrix[2][2]         1.0000000000 
_pdbx_struct_oper_list.matrix[2][3]         0.0000000000 
_pdbx_struct_oper_list.vector[2]            0.0000000000 
_pdbx_struct_oper_list.matrix[3][1]         0.0000000000 
_pdbx_struct_oper_list.matrix[3][2]         0.0000000000 
_pdbx_struct_oper_list.matrix[3][3]         1.0000000000 
_pdbx_struct_oper_list.vector[3]            0.0000000000 
# 
_struct_conf.conf_type_id            HELX_P 
_struct_conf.id                      HELX_P1 
_struct_conf.pdbx_PDB_helix_id       AA1 
_struct_conf.beg_label_comp_id       PRO 
_struct_conf.beg_label_asym_id       A 
_struct_conf.beg_label_seq_id        51 
_struct_conf.pdbx_beg_PDB_ins_code   ? 
_struct_conf.end_label_comp_id       GLU 
_struct_conf.end_label_asym_id       A 
_struct_conf.end_label_seq_id        62 
_struct_conf.pdbx_end_PDB_ins_code   ? 
_struct_conf.beg_auth_comp_id        PRO 
_struct_conf.beg_auth_asym_id        AA 
_struct_conf.beg_auth_seq_id         51 
_struct_conf.end_auth_comp_id        GLU 
_struct_conf.end_auth_asym_id        AA 
_struct_conf.end_auth_seq_id         62 
_struct_conf.pdbx_PDB_helix_class    1 
_struct_conf.details                 ? 
_struct_conf.pdbx_PDB_helix_length   12 
# 
_struct_conf_type.id          HELX_P 
_struct_conf_type.criteria    ? 
_struct_conf_type.reference   ? 
# 
loop_
_struct_conn.id 
_struct_conn.conn_type_id 
_struct_conn.pdbx_leaving_atom_flag 
_struct_conn.pdbx_PDB_id 
_struct_conn.ptnr1_label_asym_id 
_struct_conn.ptnr1_label_comp_id 
_struct_conn.ptnr1_label_seq_id 
_struct_conn.ptnr1_label_atom_id 
_struct_conn.pdbx_ptnr1_label_alt_id 
_struct_conn.pdbx_ptnr1_PDB_ins_code 
_struct_conn.pdbx_ptnr1_standard_comp_id 
_struct_conn.ptnr1_symmetry 
_struct_conn.ptnr2_label_asym_id 
_struct_conn.ptnr2_label_comp_id 
_struct_conn.ptnr2_label_seq_id 
_struct_conn.ptnr2_label_atom_id 
_struct_conn.pdbx_ptnr2_label_alt_id 
_struct_conn.pdbx_ptnr2_PDB_ins_code 
_struct_conn.ptnr1_auth_asym_id 
_struct_conn.ptnr1_auth_comp_id 
_struct_conn.ptnr1_auth_seq_id 
_struct_conn.ptnr2_auth_asym_id 
_struct_conn.ptnr2_auth_comp_id 
_struct_conn.ptnr2_auth_seq_id 
_struct_conn.ptnr2_symmetry 
_struct_conn.pdbx_ptnr3_label_atom_id 
_struct_conn.pdbx_ptnr3_label_seq_id 
_struct_conn.pdbx_ptnr3_label_comp_id 
_struct_conn.pdbx_ptnr3_label_asym_id 
_struct_conn.pdbx_ptnr3_label_alt_id 
_struct_conn.pdbx_ptnr3_PDB_ins_code 
_struct_conn.details 
_struct_conn.pdbx_dist_value 
_struct_conn.pdbx_value_order 
_struct_conn.pdbx_role 
covale1  covale both ? B GOA 1 C ? ? ? 1_555 B V4F 2  N ? ? A GOA 101 A V4F 102 1_555 ? ? ? ? ? ? ? 1.356 ? ? 
covale2  covale both ? B V4F 2 C ? ? ? 1_555 B V53 3  N ? ? A V4F 102 A V53 103 1_555 ? ? ? ? ? ? ? 1.363 ? ? 
covale3  covale both ? B V53 3 C ? ? ? 1_555 B V4F 4  N ? ? A V53 103 A V4F 104 1_555 ? ? ? ? ? ? ? 1.369 ? ? 
covale4  covale both ? B V4F 4 C ? ? ? 1_555 B V53 5  N ? ? A V4F 104 A V53 105 1_555 ? ? ? ? ? ? ? 1.362 ? ? 
covale5  covale both ? B V53 5 C ? ? ? 1_555 B V5F 6  N ? ? A V53 105 A V5F 106 1_555 ? ? ? ? ? ? ? 1.388 ? ? 
covale6  covale both ? B V5F 6 C ? ? ? 1_555 B V4F 7  N ? ? A V5F 106 A V4F 107 1_555 ? ? ? ? ? ? ? 1.338 ? ? 
covale7  covale both ? B V4F 7 C ? ? ? 1_555 B V53 8  N ? ? A V4F 107 A V53 108 1_555 ? ? ? ? ? ? ? 1.353 ? ? 
covale8  covale both ? B V53 8 C ? ? ? 1_555 B V4F 9  N ? ? A V53 108 A V4F 109 1_555 ? ? ? ? ? ? ? 1.387 ? ? 
covale9  covale both ? B V4F 9 C ? ? ? 1_555 B V53 10 N ? ? A V4F 109 A V53 110 1_555 ? ? ? ? ? ? ? 1.365 ? ? 
covale10 covale both ? C GOA 1 C ? ? ? 1_555 C V4F 2  N ? ? B GOA 111 B V4F 112 1_555 ? ? ? ? ? ? ? 1.382 ? ? 
covale11 covale both ? C V4F 2 C ? ? ? 1_555 C V53 3  N ? ? B V4F 112 B V53 113 1_555 ? ? ? ? ? ? ? 1.351 ? ? 
covale12 covale both ? C V53 3 C ? ? ? 1_555 C V4F 4  N ? ? B V53 113 B V4F 114 1_555 ? ? ? ? ? ? ? 1.401 ? ? 
covale13 covale both ? C V4F 4 C ? ? ? 1_555 C V53 5  N ? ? B V4F 114 B V53 115 1_555 ? ? ? ? ? ? ? 1.343 ? ? 
covale14 covale both ? C V53 5 C ? ? ? 1_555 C V5F 6  N ? ? B V53 115 B V5F 116 1_555 ? ? ? ? ? ? ? 1.359 ? ? 
covale15 covale both ? C V5F 6 C ? ? ? 1_555 C V4F 7  N ? ? B V5F 116 B V4F 117 1_555 ? ? ? ? ? ? ? 1.305 ? ? 
covale16 covale both ? C V4F 7 C ? ? ? 1_555 C V53 8  N ? ? B V4F 117 B V53 118 1_555 ? ? ? ? ? ? ? 1.375 ? ? 
covale17 covale both ? C V53 8 C ? ? ? 1_555 C V4F 9  N ? ? B V53 118 B V4F 119 1_555 ? ? ? ? ? ? ? 1.371 ? ? 
covale18 covale both ? C V4F 9 C ? ? ? 1_555 C V53 10 N ? ? B V4F 119 B V53 120 1_555 ? ? ? ? ? ? ? 1.367 ? ? 
# 
_struct_conn_type.id          covale 
_struct_conn_type.criteria    ? 
_struct_conn_type.reference   ? 
# 
loop_
_pdbx_modification_feature.ordinal 
_pdbx_modification_feature.label_comp_id 
_pdbx_modification_feature.label_asym_id 
_pdbx_modification_feature.label_seq_id 
_pdbx_modification_feature.label_alt_id 
_pdbx_modification_feature.modified_residue_label_comp_id 
_pdbx_modification_feature.modified_residue_label_asym_id 
_pdbx_modification_feature.modified_residue_label_seq_id 
_pdbx_modification_feature.modified_residue_label_alt_id 
_pdbx_modification_feature.auth_comp_id 
_pdbx_modification_feature.auth_asym_id 
_pdbx_modification_feature.auth_seq_id 
_pdbx_modification_feature.PDB_ins_code 
_pdbx_modification_feature.symmetry 
_pdbx_modification_feature.modified_residue_auth_comp_id 
_pdbx_modification_feature.modified_residue_auth_asym_id 
_pdbx_modification_feature.modified_residue_auth_seq_id 
_pdbx_modification_feature.modified_residue_PDB_ins_code 
_pdbx_modification_feature.modified_residue_symmetry 
_pdbx_modification_feature.comp_id_linking_atom 
_pdbx_modification_feature.modified_residue_id_linking_atom 
_pdbx_modification_feature.modified_residue_id 
_pdbx_modification_feature.ref_pcm_id 
_pdbx_modification_feature.ref_comp_id 
_pdbx_modification_feature.type 
_pdbx_modification_feature.category 
1  GOA B 1  ? . . . . GOA A 101 ? 1_555 . . . . . . . GLY 1 GOA None 'Non-standard residue' 
2  V4F B 2  ? . . . . V4F A 102 ? 1_555 . . . . . . . ?   1 V4F None 'Non-standard residue' 
3  V53 B 3  ? . . . . V53 A 103 ? 1_555 . . . . . . . ?   1 V53 None 'Non-standard residue' 
4  V4F B 4  ? . . . . V4F A 104 ? 1_555 . . . . . . . ?   1 V4F None 'Non-standard residue' 
5  V53 B 5  ? . . . . V53 A 105 ? 1_555 . . . . . . . ?   1 V53 None 'Non-standard residue' 
6  V5F B 6  ? . . . . V5F A 106 ? 1_555 . . . . . . . ?   1 V5F None 'Non-standard residue' 
7  V4F B 7  ? . . . . V4F A 107 ? 1_555 . . . . . . . ?   1 V4F None 'Non-standard residue' 
8  V53 B 8  ? . . . . V53 A 108 ? 1_555 . . . . . . . ?   1 V53 None 'Non-standard residue' 
9  V4F B 9  ? . . . . V4F A 109 ? 1_555 . . . . . . . ?   1 V4F None 'Non-standard residue' 
10 V53 B 10 ? . . . . V53 A 110 ? 1_555 . . . . . . . ?   1 V53 None 'Non-standard residue' 
11 GOA C 1  ? . . . . GOA B 111 ? 1_555 . . . . . . . GLY 1 GOA None 'Non-standard residue' 
12 V4F C 2  ? . . . . V4F B 112 ? 1_555 . . . . . . . ?   1 V4F None 'Non-standard residue' 
13 V53 C 3  ? . . . . V53 B 113 ? 1_555 . . . . . . . ?   1 V53 None 'Non-standard residue' 
14 V4F C 4  ? . . . . V4F B 114 ? 1_555 . . . . . . . ?   1 V4F None 'Non-standard residue' 
15 V53 C 5  ? . . . . V53 B 115 ? 1_555 . . . . . . . ?   1 V53 None 'Non-standard residue' 
16 V5F C 6  ? . . . . V5F B 116 ? 1_555 . . . . . . . ?   1 V5F None 'Non-standard residue' 
17 V4F C 7  ? . . . . V4F B 117 ? 1_555 . . . . . . . ?   1 V4F None 'Non-standard residue' 
18 V53 C 8  ? . . . . V53 B 118 ? 1_555 . . . . . . . ?   1 V53 None 'Non-standard residue' 
19 V4F C 9  ? . . . . V4F B 119 ? 1_555 . . . . . . . ?   1 V4F None 'Non-standard residue' 
20 V53 C 10 ? . . . . V53 B 120 ? 1_555 . . . . . . . ?   1 V53 None 'Non-standard residue' 
# 
loop_
_struct_mon_prot_cis.pdbx_id 
_struct_mon_prot_cis.label_comp_id 
_struct_mon_prot_cis.label_seq_id 
_struct_mon_prot_cis.label_asym_id 
_struct_mon_prot_cis.label_alt_id 
_struct_mon_prot_cis.pdbx_PDB_ins_code 
_struct_mon_prot_cis.auth_comp_id 
_struct_mon_prot_cis.auth_seq_id 
_struct_mon_prot_cis.auth_asym_id 
_struct_mon_prot_cis.pdbx_label_comp_id_2 
_struct_mon_prot_cis.pdbx_label_seq_id_2 
_struct_mon_prot_cis.pdbx_label_asym_id_2 
_struct_mon_prot_cis.pdbx_PDB_ins_code_2 
_struct_mon_prot_cis.pdbx_auth_comp_id_2 
_struct_mon_prot_cis.pdbx_auth_seq_id_2 
_struct_mon_prot_cis.pdbx_auth_asym_id_2 
_struct_mon_prot_cis.pdbx_PDB_model_num 
_struct_mon_prot_cis.pdbx_omega_angle 
1  V4F 2 B . ? V4F 102 A V53 3  B ? V53 103 A 1 -25.00 
2  V4F 4 B . ? V4F 104 A V53 5  B ? V53 105 A 1 -29.85 
3  V53 5 B . ? V53 105 A V5F 6  B ? V5F 106 A 1 -21.24 
4  V53 8 B . ? V53 108 A V4F 9  B ? V4F 109 A 1 -23.28 
5  V4F 2 C . ? V4F 112 B V53 3  C ? V53 113 B 1 -6.51  
6  V53 3 C . ? V53 113 B V4F 4  C ? V4F 114 B 1 -27.68 
7  V4F 4 C . ? V4F 114 B V53 5  C ? V53 115 B 1 1.59   
8  V53 5 C . ? V53 115 B V5F 6  C ? V5F 116 B 1 -2.65  
9  V4F 7 C . ? V4F 117 B V53 8  C ? V53 118 B 1 -29.35 
10 V53 8 C . ? V53 118 B V4F 9  C ? V4F 119 B 1 -4.59  
11 V4F 9 C . ? V4F 119 B V53 10 C ? V53 120 B 1 4.71   
# 
loop_
_struct_sheet.id 
_struct_sheet.type 
_struct_sheet.number_strands 
_struct_sheet.details 
AA1 ? 2 ? 
AA2 ? 3 ? 
# 
loop_
_struct_sheet_order.sheet_id 
_struct_sheet_order.range_id_1 
_struct_sheet_order.range_id_2 
_struct_sheet_order.offset 
_struct_sheet_order.sense 
AA1 1 2 ? anti-parallel 
AA2 1 2 ? anti-parallel 
AA2 2 3 ? anti-parallel 
# 
loop_
_struct_sheet_range.sheet_id 
_struct_sheet_range.id 
_struct_sheet_range.beg_label_comp_id 
_struct_sheet_range.beg_label_asym_id 
_struct_sheet_range.beg_label_seq_id 
_struct_sheet_range.pdbx_beg_PDB_ins_code 
_struct_sheet_range.end_label_comp_id 
_struct_sheet_range.end_label_asym_id 
_struct_sheet_range.end_label_seq_id 
_struct_sheet_range.pdbx_end_PDB_ins_code 
_struct_sheet_range.beg_auth_comp_id 
_struct_sheet_range.beg_auth_asym_id 
_struct_sheet_range.beg_auth_seq_id 
_struct_sheet_range.end_auth_comp_id 
_struct_sheet_range.end_auth_asym_id 
_struct_sheet_range.end_auth_seq_id 
AA1 1 LYS A 3  ? TYR A 8  ? LYS AA 3  TYR AA 8  
AA1 2 GLU A 11 ? ASP A 16 ? GLU AA 11 ASP AA 16 
AA2 1 ILE A 20 ? ALA A 26 ? ILE AA 20 ALA AA 26 
AA2 2 ALA A 29 ? ASP A 36 ? ALA AA 29 ASP AA 36 
AA2 3 LYS A 39 ? SER A 46 ? LYS AA 39 SER AA 46 
# 
loop_
_pdbx_struct_sheet_hbond.sheet_id 
_pdbx_struct_sheet_hbond.range_id_1 
_pdbx_struct_sheet_hbond.range_id_2 
_pdbx_struct_sheet_hbond.range_1_label_atom_id 
_pdbx_struct_sheet_hbond.range_1_label_comp_id 
_pdbx_struct_sheet_hbond.range_1_label_asym_id 
_pdbx_struct_sheet_hbond.range_1_label_seq_id 
_pdbx_struct_sheet_hbond.range_1_PDB_ins_code 
_pdbx_struct_sheet_hbond.range_1_auth_atom_id 
_pdbx_struct_sheet_hbond.range_1_auth_comp_id 
_pdbx_struct_sheet_hbond.range_1_auth_asym_id 
_pdbx_struct_sheet_hbond.range_1_auth_seq_id 
_pdbx_struct_sheet_hbond.range_2_label_atom_id 
_pdbx_struct_sheet_hbond.range_2_label_comp_id 
_pdbx_struct_sheet_hbond.range_2_label_asym_id 
_pdbx_struct_sheet_hbond.range_2_label_seq_id 
_pdbx_struct_sheet_hbond.range_2_PDB_ins_code 
_pdbx_struct_sheet_hbond.range_2_auth_atom_id 
_pdbx_struct_sheet_hbond.range_2_auth_comp_id 
_pdbx_struct_sheet_hbond.range_2_auth_asym_id 
_pdbx_struct_sheet_hbond.range_2_auth_seq_id 
AA1 1 2 N PHE A 6  ? N PHE AA 6  O LYS A 13 ? O LYS AA 13 
AA2 1 2 N LYS A 21 ? N LYS AA 21 O THR A 33 ? O THR AA 33 
AA2 2 3 N VAL A 30 ? N VAL AA 30 O VAL A 45 ? O VAL AA 45 
# 
_pdbx_entry_details.entry_id                   8Q2M 
_pdbx_entry_details.nonpolymer_details         ? 
_pdbx_entry_details.sequence_details           ? 
_pdbx_entry_details.compound_details           ? 
_pdbx_entry_details.source_details             ? 
_pdbx_entry_details.has_ligand_of_interest     Y 
_pdbx_entry_details.has_protein_modification   Y 
# 
loop_
_pdbx_validate_symm_contact.id 
_pdbx_validate_symm_contact.PDB_model_num 
_pdbx_validate_symm_contact.auth_atom_id_1 
_pdbx_validate_symm_contact.auth_asym_id_1 
_pdbx_validate_symm_contact.auth_comp_id_1 
_pdbx_validate_symm_contact.auth_seq_id_1 
_pdbx_validate_symm_contact.PDB_ins_code_1 
_pdbx_validate_symm_contact.label_alt_id_1 
_pdbx_validate_symm_contact.site_symmetry_1 
_pdbx_validate_symm_contact.auth_atom_id_2 
_pdbx_validate_symm_contact.auth_asym_id_2 
_pdbx_validate_symm_contact.auth_comp_id_2 
_pdbx_validate_symm_contact.auth_seq_id_2 
_pdbx_validate_symm_contact.PDB_ins_code_2 
_pdbx_validate_symm_contact.label_alt_id_2 
_pdbx_validate_symm_contact.site_symmetry_2 
_pdbx_validate_symm_contact.dist 
1 1 NZ AA LYS 5   ? ? 1_555 O1 A V53 108 ? ? 11_555 1.30 
2 1 CA B  GOA 111 ? ? 1_555 O2 B GOA 111 ? ? 4_545  1.42 
3 1 CA A  GOA 101 ? ? 1_555 O2 A GOA 101 ? ? 7_555  1.47 
4 1 CA B  GOA 111 ? ? 1_555 CA B GOA 111 ? ? 4_545  1.85 
5 1 O3 B  V4F 112 ? ? 1_555 O3 B V4F 112 ? ? 4_545  1.99 
# 
loop_
_pdbx_validate_rmsd_angle.id 
_pdbx_validate_rmsd_angle.PDB_model_num 
_pdbx_validate_rmsd_angle.auth_atom_id_1 
_pdbx_validate_rmsd_angle.auth_asym_id_1 
_pdbx_validate_rmsd_angle.auth_comp_id_1 
_pdbx_validate_rmsd_angle.auth_seq_id_1 
_pdbx_validate_rmsd_angle.PDB_ins_code_1 
_pdbx_validate_rmsd_angle.label_alt_id_1 
_pdbx_validate_rmsd_angle.auth_atom_id_2 
_pdbx_validate_rmsd_angle.auth_asym_id_2 
_pdbx_validate_rmsd_angle.auth_comp_id_2 
_pdbx_validate_rmsd_angle.auth_seq_id_2 
_pdbx_validate_rmsd_angle.PDB_ins_code_2 
_pdbx_validate_rmsd_angle.label_alt_id_2 
_pdbx_validate_rmsd_angle.auth_atom_id_3 
_pdbx_validate_rmsd_angle.auth_asym_id_3 
_pdbx_validate_rmsd_angle.auth_comp_id_3 
_pdbx_validate_rmsd_angle.auth_seq_id_3 
_pdbx_validate_rmsd_angle.PDB_ins_code_3 
_pdbx_validate_rmsd_angle.label_alt_id_3 
_pdbx_validate_rmsd_angle.angle_value 
_pdbx_validate_rmsd_angle.angle_target_value 
_pdbx_validate_rmsd_angle.angle_deviation 
_pdbx_validate_rmsd_angle.angle_standard_deviation 
_pdbx_validate_rmsd_angle.linker_flag 
1  1 CD AA LYS 22  ? ? CE AA LYS 22  ? ? NZ AA LYS 22  ? ? 125.86 111.70 14.16  2.30 N 
2  1 CA A  V4F 102 ? ? C  A  V4F 102 ? ? N  A  V53 103 ? ? 70.49  117.20 -46.71 2.20 Y 
3  1 CA A  V53 103 ? ? C  A  V53 103 ? ? N  A  V4F 104 ? ? 85.52  117.20 -31.68 2.20 Y 
4  1 CA A  V4F 104 ? ? C  A  V4F 104 ? ? N  A  V53 105 ? ? 69.13  117.20 -48.07 2.20 Y 
5  1 CA A  V53 105 ? ? C  A  V53 105 ? ? N  A  V5F 106 ? ? 80.03  117.20 -37.17 2.20 Y 
6  1 CA A  V5F 106 ? ? C  A  V5F 106 ? ? N  A  V4F 107 ? ? 81.86  117.20 -35.34 2.20 Y 
7  1 CA A  V4F 107 ? ? C  A  V4F 107 ? ? N  A  V53 108 ? ? 60.61  117.20 -56.59 2.20 Y 
8  1 O  A  V4F 107 ? ? C  A  V4F 107 ? ? N  A  V53 108 ? ? 133.16 122.70 10.46  1.60 Y 
9  1 CA A  V53 108 ? ? C  A  V53 108 ? ? N  A  V4F 109 ? ? 81.02  117.20 -36.18 2.20 Y 
10 1 CA A  V4F 109 ? ? C  A  V4F 109 ? ? N  A  V53 110 ? ? 65.07  117.20 -52.13 2.20 Y 
11 1 CA B  V4F 112 ? ? C  B  V4F 112 ? ? N  B  V53 113 ? ? 70.91  117.20 -46.29 2.20 Y 
12 1 CA B  V53 113 ? ? C  B  V53 113 ? ? N  B  V4F 114 ? ? 84.47  117.20 -32.73 2.20 Y 
13 1 CA B  V4F 114 ? ? C  B  V4F 114 ? ? N  B  V53 115 ? ? 66.11  117.20 -51.09 2.20 Y 
14 1 CA B  V53 115 ? ? C  B  V53 115 ? ? N  B  V5F 116 ? ? 78.69  117.20 -38.51 2.20 Y 
15 1 O  B  V53 115 ? ? C  B  V53 115 ? ? N  B  V5F 116 ? ? 132.42 122.70 9.72   1.60 Y 
16 1 CA B  V4F 117 ? ? C  B  V4F 117 ? ? N  B  V53 118 ? ? 60.39  117.20 -56.81 2.20 Y 
17 1 CA B  V53 118 ? ? C  B  V53 118 ? ? N  B  V4F 119 ? ? 86.05  117.20 -31.15 2.20 Y 
18 1 CA B  V4F 119 ? ? C  B  V4F 119 ? ? N  B  V53 120 ? ? 67.40  117.20 -49.80 2.20 Y 
# 
loop_
_pdbx_validate_torsion.id 
_pdbx_validate_torsion.PDB_model_num 
_pdbx_validate_torsion.auth_comp_id 
_pdbx_validate_torsion.auth_asym_id 
_pdbx_validate_torsion.auth_seq_id 
_pdbx_validate_torsion.PDB_ins_code 
_pdbx_validate_torsion.label_alt_id 
_pdbx_validate_torsion.phi 
_pdbx_validate_torsion.psi 
1 1 LYS AA 21 ? ? -106.87 -62.74  
2 1 ASN AA 37 ? ? 52.02   -133.30 
# 
_pdbx_validate_peptide_omega.id               1 
_pdbx_validate_peptide_omega.PDB_model_num    1 
_pdbx_validate_peptide_omega.auth_comp_id_1   V5F 
_pdbx_validate_peptide_omega.auth_asym_id_1   B 
_pdbx_validate_peptide_omega.auth_seq_id_1    116 
_pdbx_validate_peptide_omega.PDB_ins_code_1   ? 
_pdbx_validate_peptide_omega.label_alt_id_1   ? 
_pdbx_validate_peptide_omega.auth_comp_id_2   V4F 
_pdbx_validate_peptide_omega.auth_asym_id_2   B 
_pdbx_validate_peptide_omega.auth_seq_id_2    117 
_pdbx_validate_peptide_omega.PDB_ins_code_2   ? 
_pdbx_validate_peptide_omega.label_alt_id_2   ? 
_pdbx_validate_peptide_omega.omega            132.20 
# 
loop_
_pdbx_validate_main_chain_plane.id 
_pdbx_validate_main_chain_plane.PDB_model_num 
_pdbx_validate_main_chain_plane.auth_comp_id 
_pdbx_validate_main_chain_plane.auth_asym_id 
_pdbx_validate_main_chain_plane.auth_seq_id 
_pdbx_validate_main_chain_plane.PDB_ins_code 
_pdbx_validate_main_chain_plane.label_alt_id 
_pdbx_validate_main_chain_plane.improper_torsion_angle 
1 1 ALA AA 61  ? ? -11.03 
2 1 V4F B  112 ? ? -20.72 
3 1 V4F B  114 ? ? -16.67 
4 1 V5F B  116 ? ? -28.14 
5 1 V4F B  117 ? ? -10.58 
# 
loop_
_pdbx_struct_special_symmetry.id 
_pdbx_struct_special_symmetry.PDB_model_num 
_pdbx_struct_special_symmetry.auth_asym_id 
_pdbx_struct_special_symmetry.auth_comp_id 
_pdbx_struct_special_symmetry.auth_seq_id 
_pdbx_struct_special_symmetry.PDB_ins_code 
_pdbx_struct_special_symmetry.label_asym_id 
_pdbx_struct_special_symmetry.label_comp_id 
_pdbx_struct_special_symmetry.label_seq_id 
1 1 A GOA 101 ? B GOA 1 
2 1 B GOA 111 ? C GOA 1 
# 
loop_
_space_group_symop.id 
_space_group_symop.operation_xyz 
1  x,y,z          
2  x-y,x,z+2/3    
3  y,-x+y,z+1/3   
4  -y,x-y,z+1/3   
5  -x+y,-x,z+2/3  
6  x-y,-y,-z      
7  -x,-x+y,-z+2/3 
8  -x,-y,z        
9  y,x,-z+1/3     
10 -y,-x,-z+1/3   
11 -x+y,y,-z      
12 x,x-y,-z+2/3   
# 
loop_
_pdbx_refine_tls.id 
_pdbx_refine_tls.pdbx_refine_id 
_pdbx_refine_tls.details 
_pdbx_refine_tls.method 
_pdbx_refine_tls.origin_x 
_pdbx_refine_tls.origin_y 
_pdbx_refine_tls.origin_z 
_pdbx_refine_tls.T[1][1] 
_pdbx_refine_tls.T[1][1]_esd 
_pdbx_refine_tls.T[1][2] 
_pdbx_refine_tls.T[1][2]_esd 
_pdbx_refine_tls.T[1][3] 
_pdbx_refine_tls.T[1][3]_esd 
_pdbx_refine_tls.T[2][2] 
_pdbx_refine_tls.T[2][2]_esd 
_pdbx_refine_tls.T[2][3] 
_pdbx_refine_tls.T[2][3]_esd 
_pdbx_refine_tls.T[3][3] 
_pdbx_refine_tls.T[3][3]_esd 
_pdbx_refine_tls.L[1][1] 
_pdbx_refine_tls.L[1][1]_esd 
_pdbx_refine_tls.L[1][2] 
_pdbx_refine_tls.L[1][2]_esd 
_pdbx_refine_tls.L[1][3] 
_pdbx_refine_tls.L[1][3]_esd 
_pdbx_refine_tls.L[2][2] 
_pdbx_refine_tls.L[2][2]_esd 
_pdbx_refine_tls.L[2][3] 
_pdbx_refine_tls.L[2][3]_esd 
_pdbx_refine_tls.L[3][3] 
_pdbx_refine_tls.L[3][3]_esd 
_pdbx_refine_tls.S[1][1] 
_pdbx_refine_tls.S[1][1]_esd 
_pdbx_refine_tls.S[1][2] 
_pdbx_refine_tls.S[1][2]_esd 
_pdbx_refine_tls.S[1][3] 
_pdbx_refine_tls.S[1][3]_esd 
_pdbx_refine_tls.S[2][1] 
_pdbx_refine_tls.S[2][1]_esd 
_pdbx_refine_tls.S[2][2] 
_pdbx_refine_tls.S[2][2]_esd 
_pdbx_refine_tls.S[2][3] 
_pdbx_refine_tls.S[2][3]_esd 
_pdbx_refine_tls.S[3][1] 
_pdbx_refine_tls.S[3][1]_esd 
_pdbx_refine_tls.S[3][2] 
_pdbx_refine_tls.S[3][2]_esd 
_pdbx_refine_tls.S[3][3] 
_pdbx_refine_tls.S[3][3]_esd 
1 'X-RAY DIFFRACTION' ? refined 3.36234330341 -2.5878755874  1.15117652004   0.49797479     ? 0.179898114756  ? -0.361661111736 ? 1.11318798075 ? -0.196302397389 ? 1.252135676828 ? 1.082813533385 ? 0.387505518348 ? -0.12079619662  ? 0.20285764532  ? 0.43976535228   ? 3.55496840069 ? -0.446349859415 ? 0.382719151911  ? -0.653170083270 ? 0.585840542979  ? -0.575682211474 ? -0.33361173153 ? 1.600384801003 ? -0.533455048675 ? 0.813495313482  ? 
2 'X-RAY DIFFRACTION' ? refined 1.77536448304 -1.1442311800  -0.07239561817  0.812975380356 ? 0.132240989768  ? -0.204356186918 ? 0.55165544843 ? -0.065153881252 ? 1.471153469302 ? 1.540735386427 ? 0.842047196949 ? -0.656320326153 ? 0.95686872168  ? 0.781398664265  ? 2.84962863462 ? 0.837486895220  ? -1.023769103425 ? -0.910378785622 ? 0.03509899529   ? 0.010150127175  ? 0.152989510    ? -0.98780855636 ? 0.108912688871  ? -0.229843788564 ? 
3 'X-RAY DIFFRACTION' ? refined 6.62637351123 -2.72670072821 -11.80824918791 1.25079514195  ? -0.001913134780 ? 0.991540904695  ? 1.06502451657 ? 0.112340118173  ? 1.58664864216  ? 0.16732544683  ? -0.33895841997 ? 0.256557015582  ? 1.820760267711 ? -0.585631605160 ? 0.39578674803 ? 0.015020134037  ? 0.405510109215  ? -1.1677093693   ? -1.397523687718 ? -0.22736486626  ? -0.61327908263 ? 1.508654685241 ? 0.55248343461   ? 0.883013769405  ? 
# 
loop_
_pdbx_refine_tls_group.id 
_pdbx_refine_tls_group.pdbx_refine_id 
_pdbx_refine_tls_group.refine_tls_id 
_pdbx_refine_tls_group.beg_label_asym_id 
_pdbx_refine_tls_group.beg_label_seq_id 
_pdbx_refine_tls_group.beg_auth_asym_id 
_pdbx_refine_tls_group.beg_auth_seq_id 
_pdbx_refine_tls_group.beg_PDB_ins_code 
_pdbx_refine_tls_group.end_label_asym_id 
_pdbx_refine_tls_group.end_label_seq_id 
_pdbx_refine_tls_group.end_auth_asym_id 
_pdbx_refine_tls_group.end_auth_seq_id 
_pdbx_refine_tls_group.end_PDB_ins_code 
_pdbx_refine_tls_group.selection 
_pdbx_refine_tls_group.selection_details 
1 'X-RAY DIFFRACTION' 1 B 1  AA 1  ? B 36 AA 36 ? ? 
;chain 'AA' and (resid 1 through 36 )
;
2 'X-RAY DIFFRACTION' 2 B 37 AA 37 ? B 51 AA 51 ? ? 
;chain 'AA' and (resid 37 through 51 )
;
3 'X-RAY DIFFRACTION' 3 B 52 AA 52 ? B 63 AA 63 ? ? 
;chain 'AA' and (resid 52 through 63 )
;
# 
loop_
_pdbx_unobs_or_zero_occ_residues.id 
_pdbx_unobs_or_zero_occ_residues.PDB_model_num 
_pdbx_unobs_or_zero_occ_residues.polymer_flag 
_pdbx_unobs_or_zero_occ_residues.occupancy_flag 
_pdbx_unobs_or_zero_occ_residues.auth_asym_id 
_pdbx_unobs_or_zero_occ_residues.auth_comp_id 
_pdbx_unobs_or_zero_occ_residues.auth_seq_id 
_pdbx_unobs_or_zero_occ_residues.PDB_ins_code 
_pdbx_unobs_or_zero_occ_residues.label_asym_id 
_pdbx_unobs_or_zero_occ_residues.label_comp_id 
_pdbx_unobs_or_zero_occ_residues.label_seq_id 
1 1 Y 1 AA GLU 64 ? A GLU 64 
2 1 Y 1 AA LYS 65 ? A LYS 65 
3 1 Y 1 AA LYS 66 ? A LYS 66 
# 
loop_
_chem_comp_atom.comp_id 
_chem_comp_atom.atom_id 
_chem_comp_atom.type_symbol 
_chem_comp_atom.pdbx_aromatic_flag 
_chem_comp_atom.pdbx_stereo_config 
_chem_comp_atom.pdbx_ordinal 
ALA N    N N N 1   
ALA CA   C N S 2   
ALA C    C N N 3   
ALA O    O N N 4   
ALA CB   C N N 5   
ALA OXT  O N N 6   
ALA H    H N N 7   
ALA H2   H N N 8   
ALA HA   H N N 9   
ALA HB1  H N N 10  
ALA HB2  H N N 11  
ALA HB3  H N N 12  
ALA HXT  H N N 13  
ARG N    N N N 14  
ARG CA   C N S 15  
ARG C    C N N 16  
ARG O    O N N 17  
ARG CB   C N N 18  
ARG CG   C N N 19  
ARG CD   C N N 20  
ARG NE   N N N 21  
ARG CZ   C N N 22  
ARG NH1  N N N 23  
ARG NH2  N N N 24  
ARG OXT  O N N 25  
ARG H    H N N 26  
ARG H2   H N N 27  
ARG HA   H N N 28  
ARG HB2  H N N 29  
ARG HB3  H N N 30  
ARG HG2  H N N 31  
ARG HG3  H N N 32  
ARG HD2  H N N 33  
ARG HD3  H N N 34  
ARG HE   H N N 35  
ARG HH11 H N N 36  
ARG HH12 H N N 37  
ARG HH21 H N N 38  
ARG HH22 H N N 39  
ARG HXT  H N N 40  
ASN N    N N N 41  
ASN CA   C N S 42  
ASN C    C N N 43  
ASN O    O N N 44  
ASN CB   C N N 45  
ASN CG   C N N 46  
ASN OD1  O N N 47  
ASN ND2  N N N 48  
ASN OXT  O N N 49  
ASN H    H N N 50  
ASN H2   H N N 51  
ASN HA   H N N 52  
ASN HB2  H N N 53  
ASN HB3  H N N 54  
ASN HD21 H N N 55  
ASN HD22 H N N 56  
ASN HXT  H N N 57  
ASP N    N N N 58  
ASP CA   C N S 59  
ASP C    C N N 60  
ASP O    O N N 61  
ASP CB   C N N 62  
ASP CG   C N N 63  
ASP OD1  O N N 64  
ASP OD2  O N N 65  
ASP OXT  O N N 66  
ASP H    H N N 67  
ASP H2   H N N 68  
ASP HA   H N N 69  
ASP HB2  H N N 70  
ASP HB3  H N N 71  
ASP HD2  H N N 72  
ASP HXT  H N N 73  
GLU N    N N N 74  
GLU CA   C N S 75  
GLU C    C N N 76  
GLU O    O N N 77  
GLU CB   C N N 78  
GLU CG   C N N 79  
GLU CD   C N N 80  
GLU OE1  O N N 81  
GLU OE2  O N N 82  
GLU OXT  O N N 83  
GLU H    H N N 84  
GLU H2   H N N 85  
GLU HA   H N N 86  
GLU HB2  H N N 87  
GLU HB3  H N N 88  
GLU HG2  H N N 89  
GLU HG3  H N N 90  
GLU HE2  H N N 91  
GLU HXT  H N N 92  
GLY N    N N N 93  
GLY CA   C N N 94  
GLY C    C N N 95  
GLY O    O N N 96  
GLY OXT  O N N 97  
GLY H    H N N 98  
GLY H2   H N N 99  
GLY HA2  H N N 100 
GLY HA3  H N N 101 
GLY HXT  H N N 102 
GOA C    C N N 103 
GOA CA   C N N 104 
GOA O    O N N 105 
GOA OXT  O N N 106 
GOA O2   O N N 107 
GOA H22  H N N 108 
GOA H21  H N N 109 
GOA HXT  H N N 110 
GOA H20  H N N 111 
ILE N    N N N 112 
ILE CA   C N S 113 
ILE C    C N N 114 
ILE O    O N N 115 
ILE CB   C N S 116 
ILE CG1  C N N 117 
ILE CG2  C N N 118 
ILE CD1  C N N 119 
ILE OXT  O N N 120 
ILE H    H N N 121 
ILE H2   H N N 122 
ILE HA   H N N 123 
ILE HB   H N N 124 
ILE HG12 H N N 125 
ILE HG13 H N N 126 
ILE HG21 H N N 127 
ILE HG22 H N N 128 
ILE HG23 H N N 129 
ILE HD11 H N N 130 
ILE HD12 H N N 131 
ILE HD13 H N N 132 
ILE HXT  H N N 133 
LEU N    N N N 134 
LEU CA   C N S 135 
LEU C    C N N 136 
LEU O    O N N 137 
LEU CB   C N N 138 
LEU CG   C N N 139 
LEU CD1  C N N 140 
LEU CD2  C N N 141 
LEU OXT  O N N 142 
LEU H    H N N 143 
LEU H2   H N N 144 
LEU HA   H N N 145 
LEU HB2  H N N 146 
LEU HB3  H N N 147 
LEU HG   H N N 148 
LEU HD11 H N N 149 
LEU HD12 H N N 150 
LEU HD13 H N N 151 
LEU HD21 H N N 152 
LEU HD22 H N N 153 
LEU HD23 H N N 154 
LEU HXT  H N N 155 
LYS N    N N N 156 
LYS CA   C N S 157 
LYS C    C N N 158 
LYS O    O N N 159 
LYS CB   C N N 160 
LYS CG   C N N 161 
LYS CD   C N N 162 
LYS CE   C N N 163 
LYS NZ   N N N 164 
LYS OXT  O N N 165 
LYS H    H N N 166 
LYS H2   H N N 167 
LYS HA   H N N 168 
LYS HB2  H N N 169 
LYS HB3  H N N 170 
LYS HG2  H N N 171 
LYS HG3  H N N 172 
LYS HD2  H N N 173 
LYS HD3  H N N 174 
LYS HE2  H N N 175 
LYS HE3  H N N 176 
LYS HZ1  H N N 177 
LYS HZ2  H N N 178 
LYS HZ3  H N N 179 
LYS HXT  H N N 180 
MET N    N N N 181 
MET CA   C N S 182 
MET C    C N N 183 
MET O    O N N 184 
MET CB   C N N 185 
MET CG   C N N 186 
MET SD   S N N 187 
MET CE   C N N 188 
MET OXT  O N N 189 
MET H    H N N 190 
MET H2   H N N 191 
MET HA   H N N 192 
MET HB2  H N N 193 
MET HB3  H N N 194 
MET HG2  H N N 195 
MET HG3  H N N 196 
MET HE1  H N N 197 
MET HE2  H N N 198 
MET HE3  H N N 199 
MET HXT  H N N 200 
PHE N    N N N 201 
PHE CA   C N S 202 
PHE C    C N N 203 
PHE O    O N N 204 
PHE CB   C N N 205 
PHE CG   C Y N 206 
PHE CD1  C Y N 207 
PHE CD2  C Y N 208 
PHE CE1  C Y N 209 
PHE CE2  C Y N 210 
PHE CZ   C Y N 211 
PHE OXT  O N N 212 
PHE H    H N N 213 
PHE H2   H N N 214 
PHE HA   H N N 215 
PHE HB2  H N N 216 
PHE HB3  H N N 217 
PHE HD1  H N N 218 
PHE HD2  H N N 219 
PHE HE1  H N N 220 
PHE HE2  H N N 221 
PHE HZ   H N N 222 
PHE HXT  H N N 223 
PRO N    N N N 224 
PRO CA   C N S 225 
PRO C    C N N 226 
PRO O    O N N 227 
PRO CB   C N N 228 
PRO CG   C N N 229 
PRO CD   C N N 230 
PRO OXT  O N N 231 
PRO H    H N N 232 
PRO HA   H N N 233 
PRO HB2  H N N 234 
PRO HB3  H N N 235 
PRO HG2  H N N 236 
PRO HG3  H N N 237 
PRO HD2  H N N 238 
PRO HD3  H N N 239 
PRO HXT  H N N 240 
SER N    N N N 241 
SER CA   C N S 242 
SER C    C N N 243 
SER O    O N N 244 
SER CB   C N N 245 
SER OG   O N N 246 
SER OXT  O N N 247 
SER H    H N N 248 
SER H2   H N N 249 
SER HA   H N N 250 
SER HB2  H N N 251 
SER HB3  H N N 252 
SER HG   H N N 253 
SER HXT  H N N 254 
THR N    N N N 255 
THR CA   C N S 256 
THR C    C N N 257 
THR O    O N N 258 
THR CB   C N R 259 
THR OG1  O N N 260 
THR CG2  C N N 261 
THR OXT  O N N 262 
THR H    H N N 263 
THR H2   H N N 264 
THR HA   H N N 265 
THR HB   H N N 266 
THR HG1  H N N 267 
THR HG21 H N N 268 
THR HG22 H N N 269 
THR HG23 H N N 270 
THR HXT  H N N 271 
TRP N    N N N 272 
TRP CA   C N S 273 
TRP C    C N N 274 
TRP O    O N N 275 
TRP CB   C N N 276 
TRP CG   C Y N 277 
TRP CD1  C Y N 278 
TRP CD2  C Y N 279 
TRP NE1  N Y N 280 
TRP CE2  C Y N 281 
TRP CE3  C Y N 282 
TRP CZ2  C Y N 283 
TRP CZ3  C Y N 284 
TRP CH2  C Y N 285 
TRP OXT  O N N 286 
TRP H    H N N 287 
TRP H2   H N N 288 
TRP HA   H N N 289 
TRP HB2  H N N 290 
TRP HB3  H N N 291 
TRP HD1  H N N 292 
TRP HE1  H N N 293 
TRP HE3  H N N 294 
TRP HZ2  H N N 295 
TRP HZ3  H N N 296 
TRP HH2  H N N 297 
TRP HXT  H N N 298 
TYR N    N N N 299 
TYR CA   C N S 300 
TYR C    C N N 301 
TYR O    O N N 302 
TYR CB   C N N 303 
TYR CG   C Y N 304 
TYR CD1  C Y N 305 
TYR CD2  C Y N 306 
TYR CE1  C Y N 307 
TYR CE2  C Y N 308 
TYR CZ   C Y N 309 
TYR OH   O N N 310 
TYR OXT  O N N 311 
TYR H    H N N 312 
TYR H2   H N N 313 
TYR HA   H N N 314 
TYR HB2  H N N 315 
TYR HB3  H N N 316 
TYR HD1  H N N 317 
TYR HD2  H N N 318 
TYR HE1  H N N 319 
TYR HE2  H N N 320 
TYR HH   H N N 321 
TYR HXT  H N N 322 
V4F C    C N N 323 
V4F CAF  C Y N 324 
V4F CAD  C Y N 325 
V4F CAE  C Y N 326 
V4F CAL  C Y N 327 
V4F CAM  C Y N 328 
V4F CAJ  C Y N 329 
V4F CAK  C Y N 330 
V4F CAG  C Y N 331 
V4F CAI  C Y N 332 
V4F C01  C N N 333 
V4F CA   C N N 334 
V4F NAH  N Y N 335 
V4F N    N N N 336 
V4F O    O N N 337 
V4F O01  O N N 338 
V4F O3   O N N 339 
V4F O2   O N N 340 
V4F O1   O N N 341 
V4F P    P N N 342 
V4F HAD  H N N 343 
V4F HAK  H N N 344 
V4F HAG  H N N 345 
V4F HAI  H N N 346 
V4F H3   H N N 347 
V4F HA1  H N N 348 
V4F HA2  H N N 349 
V4F H    H N N 350 
V4F H2   H N N 351 
V4F HPO3 H N N 352 
V4F HPO2 H N N 353 
V4F OXT  O N N 354 
V4F H1   H N N 355 
V4F HXT  H N N 356 
V53 C    C N N 357 
V53 CAF  C Y N 358 
V53 CAD  C Y N 359 
V53 CAJ  C Y N 360 
V53 CAL  C Y N 361 
V53 CAM  C Y N 362 
V53 CA   C Y N 363 
V53 CAK  C Y N 364 
V53 CAG  C Y N 365 
V53 CAI  C Y N 366 
V53 C01  C N N 367 
V53 NAH  N Y N 368 
V53 N    N N N 369 
V53 O    O N N 370 
V53 O01  O N N 371 
V53 O1   O N N 372 
V53 O2   O N N 373 
V53 O3   O N N 374 
V53 P    P N N 375 
V53 HAK  H N N 376 
V53 HAG  H N N 377 
V53 HAI  H N N 378 
V53 H    H N N 379 
V53 H2   H N N 380 
V53 OXT  O N N 381 
V53 HXT  H N N 382 
V53 HAD  H N N 383 
V53 HPO2 H N N 384 
V53 HPO3 H N N 385 
V53 H1   H N N 386 
V53 H3   H N N 387 
V5F C    C N N 388 
V5F C6   C N R 389 
V5F C2   C Y N 390 
V5F C1   C Y N 391 
V5F CA   C Y N 392 
V5F C5   C Y N 393 
V5F C4   C Y N 394 
V5F C3   C Y N 395 
V5F CB   C N N 396 
V5F N    N N N 397 
V5F O    O N N 398 
V5F O1   O N N 399 
V5F H6   H N N 400 
V5F H5   H N N 401 
V5F H4   H N N 402 
V5F H1   H N N 403 
V5F H3   H N N 404 
V5F HB1  H N N 405 
V5F HB2  H N N 406 
V5F HB3  H N N 407 
V5F H    H N N 408 
V5F OXT  O N N 409 
V5F HXT  H N N 410 
V5F H2   H N N 411 
VAL N    N N N 412 
VAL CA   C N S 413 
VAL C    C N N 414 
VAL O    O N N 415 
VAL CB   C N N 416 
VAL CG1  C N N 417 
VAL CG2  C N N 418 
VAL OXT  O N N 419 
VAL H    H N N 420 
VAL H2   H N N 421 
VAL HA   H N N 422 
VAL HB   H N N 423 
VAL HG11 H N N 424 
VAL HG12 H N N 425 
VAL HG13 H N N 426 
VAL HG21 H N N 427 
VAL HG22 H N N 428 
VAL HG23 H N N 429 
VAL HXT  H N N 430 
# 
loop_
_chem_comp_bond.comp_id 
_chem_comp_bond.atom_id_1 
_chem_comp_bond.atom_id_2 
_chem_comp_bond.value_order 
_chem_comp_bond.pdbx_aromatic_flag 
_chem_comp_bond.pdbx_stereo_config 
_chem_comp_bond.pdbx_ordinal 
ALA N   CA   sing N N 1   
ALA N   H    sing N N 2   
ALA N   H2   sing N N 3   
ALA CA  C    sing N N 4   
ALA CA  CB   sing N N 5   
ALA CA  HA   sing N N 6   
ALA C   O    doub N N 7   
ALA C   OXT  sing N N 8   
ALA CB  HB1  sing N N 9   
ALA CB  HB2  sing N N 10  
ALA CB  HB3  sing N N 11  
ALA OXT HXT  sing N N 12  
ARG N   CA   sing N N 13  
ARG N   H    sing N N 14  
ARG N   H2   sing N N 15  
ARG CA  C    sing N N 16  
ARG CA  CB   sing N N 17  
ARG CA  HA   sing N N 18  
ARG C   O    doub N N 19  
ARG C   OXT  sing N N 20  
ARG CB  CG   sing N N 21  
ARG CB  HB2  sing N N 22  
ARG CB  HB3  sing N N 23  
ARG CG  CD   sing N N 24  
ARG CG  HG2  sing N N 25  
ARG CG  HG3  sing N N 26  
ARG CD  NE   sing N N 27  
ARG CD  HD2  sing N N 28  
ARG CD  HD3  sing N N 29  
ARG NE  CZ   sing N N 30  
ARG NE  HE   sing N N 31  
ARG CZ  NH1  sing N N 32  
ARG CZ  NH2  doub N N 33  
ARG NH1 HH11 sing N N 34  
ARG NH1 HH12 sing N N 35  
ARG NH2 HH21 sing N N 36  
ARG NH2 HH22 sing N N 37  
ARG OXT HXT  sing N N 38  
ASN N   CA   sing N N 39  
ASN N   H    sing N N 40  
ASN N   H2   sing N N 41  
ASN CA  C    sing N N 42  
ASN CA  CB   sing N N 43  
ASN CA  HA   sing N N 44  
ASN C   O    doub N N 45  
ASN C   OXT  sing N N 46  
ASN CB  CG   sing N N 47  
ASN CB  HB2  sing N N 48  
ASN CB  HB3  sing N N 49  
ASN CG  OD1  doub N N 50  
ASN CG  ND2  sing N N 51  
ASN ND2 HD21 sing N N 52  
ASN ND2 HD22 sing N N 53  
ASN OXT HXT  sing N N 54  
ASP N   CA   sing N N 55  
ASP N   H    sing N N 56  
ASP N   H2   sing N N 57  
ASP CA  C    sing N N 58  
ASP CA  CB   sing N N 59  
ASP CA  HA   sing N N 60  
ASP C   O    doub N N 61  
ASP C   OXT  sing N N 62  
ASP CB  CG   sing N N 63  
ASP CB  HB2  sing N N 64  
ASP CB  HB3  sing N N 65  
ASP CG  OD1  doub N N 66  
ASP CG  OD2  sing N N 67  
ASP OD2 HD2  sing N N 68  
ASP OXT HXT  sing N N 69  
GLU N   CA   sing N N 70  
GLU N   H    sing N N 71  
GLU N   H2   sing N N 72  
GLU CA  C    sing N N 73  
GLU CA  CB   sing N N 74  
GLU CA  HA   sing N N 75  
GLU C   O    doub N N 76  
GLU C   OXT  sing N N 77  
GLU CB  CG   sing N N 78  
GLU CB  HB2  sing N N 79  
GLU CB  HB3  sing N N 80  
GLU CG  CD   sing N N 81  
GLU CG  HG2  sing N N 82  
GLU CG  HG3  sing N N 83  
GLU CD  OE1  doub N N 84  
GLU CD  OE2  sing N N 85  
GLU OE2 HE2  sing N N 86  
GLU OXT HXT  sing N N 87  
GLY N   CA   sing N N 88  
GLY N   H    sing N N 89  
GLY N   H2   sing N N 90  
GLY CA  C    sing N N 91  
GLY CA  HA2  sing N N 92  
GLY CA  HA3  sing N N 93  
GLY C   O    doub N N 94  
GLY C   OXT  sing N N 95  
GLY OXT HXT  sing N N 96  
GOA C   CA   sing N N 97  
GOA C   O    doub N N 98  
GOA C   OXT  sing N N 99  
GOA CA  O2   sing N N 100 
GOA CA  H22  sing N N 101 
GOA CA  H21  sing N N 102 
GOA OXT HXT  sing N N 103 
GOA O2  H20  sing N N 104 
ILE N   CA   sing N N 105 
ILE N   H    sing N N 106 
ILE N   H2   sing N N 107 
ILE CA  C    sing N N 108 
ILE CA  CB   sing N N 109 
ILE CA  HA   sing N N 110 
ILE C   O    doub N N 111 
ILE C   OXT  sing N N 112 
ILE CB  CG1  sing N N 113 
ILE CB  CG2  sing N N 114 
ILE CB  HB   sing N N 115 
ILE CG1 CD1  sing N N 116 
ILE CG1 HG12 sing N N 117 
ILE CG1 HG13 sing N N 118 
ILE CG2 HG21 sing N N 119 
ILE CG2 HG22 sing N N 120 
ILE CG2 HG23 sing N N 121 
ILE CD1 HD11 sing N N 122 
ILE CD1 HD12 sing N N 123 
ILE CD1 HD13 sing N N 124 
ILE OXT HXT  sing N N 125 
LEU N   CA   sing N N 126 
LEU N   H    sing N N 127 
LEU N   H2   sing N N 128 
LEU CA  C    sing N N 129 
LEU CA  CB   sing N N 130 
LEU CA  HA   sing N N 131 
LEU C   O    doub N N 132 
LEU C   OXT  sing N N 133 
LEU CB  CG   sing N N 134 
LEU CB  HB2  sing N N 135 
LEU CB  HB3  sing N N 136 
LEU CG  CD1  sing N N 137 
LEU CG  CD2  sing N N 138 
LEU CG  HG   sing N N 139 
LEU CD1 HD11 sing N N 140 
LEU CD1 HD12 sing N N 141 
LEU CD1 HD13 sing N N 142 
LEU CD2 HD21 sing N N 143 
LEU CD2 HD22 sing N N 144 
LEU CD2 HD23 sing N N 145 
LEU OXT HXT  sing N N 146 
LYS N   CA   sing N N 147 
LYS N   H    sing N N 148 
LYS N   H2   sing N N 149 
LYS CA  C    sing N N 150 
LYS CA  CB   sing N N 151 
LYS CA  HA   sing N N 152 
LYS C   O    doub N N 153 
LYS C   OXT  sing N N 154 
LYS CB  CG   sing N N 155 
LYS CB  HB2  sing N N 156 
LYS CB  HB3  sing N N 157 
LYS CG  CD   sing N N 158 
LYS CG  HG2  sing N N 159 
LYS CG  HG3  sing N N 160 
LYS CD  CE   sing N N 161 
LYS CD  HD2  sing N N 162 
LYS CD  HD3  sing N N 163 
LYS CE  NZ   sing N N 164 
LYS CE  HE2  sing N N 165 
LYS CE  HE3  sing N N 166 
LYS NZ  HZ1  sing N N 167 
LYS NZ  HZ2  sing N N 168 
LYS NZ  HZ3  sing N N 169 
LYS OXT HXT  sing N N 170 
MET N   CA   sing N N 171 
MET N   H    sing N N 172 
MET N   H2   sing N N 173 
MET CA  C    sing N N 174 
MET CA  CB   sing N N 175 
MET CA  HA   sing N N 176 
MET C   O    doub N N 177 
MET C   OXT  sing N N 178 
MET CB  CG   sing N N 179 
MET CB  HB2  sing N N 180 
MET CB  HB3  sing N N 181 
MET CG  SD   sing N N 182 
MET CG  HG2  sing N N 183 
MET CG  HG3  sing N N 184 
MET SD  CE   sing N N 185 
MET CE  HE1  sing N N 186 
MET CE  HE2  sing N N 187 
MET CE  HE3  sing N N 188 
MET OXT HXT  sing N N 189 
PHE N   CA   sing N N 190 
PHE N   H    sing N N 191 
PHE N   H2   sing N N 192 
PHE CA  C    sing N N 193 
PHE CA  CB   sing N N 194 
PHE CA  HA   sing N N 195 
PHE C   O    doub N N 196 
PHE C   OXT  sing N N 197 
PHE CB  CG   sing N N 198 
PHE CB  HB2  sing N N 199 
PHE CB  HB3  sing N N 200 
PHE CG  CD1  doub Y N 201 
PHE CG  CD2  sing Y N 202 
PHE CD1 CE1  sing Y N 203 
PHE CD1 HD1  sing N N 204 
PHE CD2 CE2  doub Y N 205 
PHE CD2 HD2  sing N N 206 
PHE CE1 CZ   doub Y N 207 
PHE CE1 HE1  sing N N 208 
PHE CE2 CZ   sing Y N 209 
PHE CE2 HE2  sing N N 210 
PHE CZ  HZ   sing N N 211 
PHE OXT HXT  sing N N 212 
PRO N   CA   sing N N 213 
PRO N   CD   sing N N 214 
PRO N   H    sing N N 215 
PRO CA  C    sing N N 216 
PRO CA  CB   sing N N 217 
PRO CA  HA   sing N N 218 
PRO C   O    doub N N 219 
PRO C   OXT  sing N N 220 
PRO CB  CG   sing N N 221 
PRO CB  HB2  sing N N 222 
PRO CB  HB3  sing N N 223 
PRO CG  CD   sing N N 224 
PRO CG  HG2  sing N N 225 
PRO CG  HG3  sing N N 226 
PRO CD  HD2  sing N N 227 
PRO CD  HD3  sing N N 228 
PRO OXT HXT  sing N N 229 
SER N   CA   sing N N 230 
SER N   H    sing N N 231 
SER N   H2   sing N N 232 
SER CA  C    sing N N 233 
SER CA  CB   sing N N 234 
SER CA  HA   sing N N 235 
SER C   O    doub N N 236 
SER C   OXT  sing N N 237 
SER CB  OG   sing N N 238 
SER CB  HB2  sing N N 239 
SER CB  HB3  sing N N 240 
SER OG  HG   sing N N 241 
SER OXT HXT  sing N N 242 
THR N   CA   sing N N 243 
THR N   H    sing N N 244 
THR N   H2   sing N N 245 
THR CA  C    sing N N 246 
THR CA  CB   sing N N 247 
THR CA  HA   sing N N 248 
THR C   O    doub N N 249 
THR C   OXT  sing N N 250 
THR CB  OG1  sing N N 251 
THR CB  CG2  sing N N 252 
THR CB  HB   sing N N 253 
THR OG1 HG1  sing N N 254 
THR CG2 HG21 sing N N 255 
THR CG2 HG22 sing N N 256 
THR CG2 HG23 sing N N 257 
THR OXT HXT  sing N N 258 
TRP N   CA   sing N N 259 
TRP N   H    sing N N 260 
TRP N   H2   sing N N 261 
TRP CA  C    sing N N 262 
TRP CA  CB   sing N N 263 
TRP CA  HA   sing N N 264 
TRP C   O    doub N N 265 
TRP C   OXT  sing N N 266 
TRP CB  CG   sing N N 267 
TRP CB  HB2  sing N N 268 
TRP CB  HB3  sing N N 269 
TRP CG  CD1  doub Y N 270 
TRP CG  CD2  sing Y N 271 
TRP CD1 NE1  sing Y N 272 
TRP CD1 HD1  sing N N 273 
TRP CD2 CE2  doub Y N 274 
TRP CD2 CE3  sing Y N 275 
TRP NE1 CE2  sing Y N 276 
TRP NE1 HE1  sing N N 277 
TRP CE2 CZ2  sing Y N 278 
TRP CE3 CZ3  doub Y N 279 
TRP CE3 HE3  sing N N 280 
TRP CZ2 CH2  doub Y N 281 
TRP CZ2 HZ2  sing N N 282 
TRP CZ3 CH2  sing Y N 283 
TRP CZ3 HZ3  sing N N 284 
TRP CH2 HH2  sing N N 285 
TRP OXT HXT  sing N N 286 
TYR N   CA   sing N N 287 
TYR N   H    sing N N 288 
TYR N   H2   sing N N 289 
TYR CA  C    sing N N 290 
TYR CA  CB   sing N N 291 
TYR CA  HA   sing N N 292 
TYR C   O    doub N N 293 
TYR C   OXT  sing N N 294 
TYR CB  CG   sing N N 295 
TYR CB  HB2  sing N N 296 
TYR CB  HB3  sing N N 297 
TYR CG  CD1  doub Y N 298 
TYR CG  CD2  sing Y N 299 
TYR CD1 CE1  sing Y N 300 
TYR CD1 HD1  sing N N 301 
TYR CD2 CE2  doub Y N 302 
TYR CD2 HD2  sing N N 303 
TYR CE1 CZ   doub Y N 304 
TYR CE1 HE1  sing N N 305 
TYR CE2 CZ   sing Y N 306 
TYR CE2 HE2  sing N N 307 
TYR CZ  OH   sing N N 308 
TYR OH  HH   sing N N 309 
TYR OXT HXT  sing N N 310 
V4F CAK CAG  doub Y N 311 
V4F CAK CAJ  sing Y N 312 
V4F CA  CAJ  sing N N 313 
V4F CA  N    sing N N 314 
V4F CAG CAI  sing Y N 315 
V4F CAJ CAM  doub Y N 316 
V4F CAI CAL  doub Y N 317 
V4F CAM CAL  sing Y N 318 
V4F CAM NAH  sing Y N 319 
V4F CAL CAF  sing Y N 320 
V4F NAH CAE  doub Y N 321 
V4F CAF O01  sing N N 322 
V4F CAF CAD  doub Y N 323 
V4F O1  P    doub N N 324 
V4F O01 C01  sing N N 325 
V4F CAE CAD  sing Y N 326 
V4F CAE C    sing N N 327 
V4F C   O    doub N N 328 
V4F P   C01  sing N N 329 
V4F P   O3   sing N N 330 
V4F P   O2   sing N N 331 
V4F CAD HAD  sing N N 332 
V4F CAK HAK  sing N N 333 
V4F CAG HAG  sing N N 334 
V4F CAI HAI  sing N N 335 
V4F C01 H3   sing N N 336 
V4F CA  HA1  sing N N 337 
V4F CA  HA2  sing N N 338 
V4F N   H    sing N N 339 
V4F N   H2   sing N N 340 
V4F O3  HPO3 sing N N 341 
V4F O2  HPO2 sing N N 342 
V4F C   OXT  sing N N 343 
V4F C01 H1   sing N N 344 
V4F OXT HXT  sing N N 345 
V53 O   C    doub N N 346 
V53 C   CAJ  sing N N 347 
V53 CAJ CAD  doub Y N 348 
V53 CAJ NAH  sing Y N 349 
V53 O1  P    doub N N 350 
V53 CAD CAF  sing Y N 351 
V53 C01 P    sing N N 352 
V53 C01 O01  sing N N 353 
V53 NAH CAM  doub Y N 354 
V53 P   O3   sing N N 355 
V53 P   O2   sing N N 356 
V53 CAF O01  sing N N 357 
V53 CAF CAL  doub Y N 358 
V53 CAM CAL  sing Y N 359 
V53 CAM CA   sing Y N 360 
V53 CAL CAI  sing Y N 361 
V53 N   CA   sing N N 362 
V53 CA  CAK  doub Y N 363 
V53 CAI CAG  doub Y N 364 
V53 CAK CAG  sing Y N 365 
V53 CAK HAK  sing N N 366 
V53 CAG HAG  sing N N 367 
V53 CAI HAI  sing N N 368 
V53 N   H    sing N N 369 
V53 C   OXT  sing N N 370 
V53 OXT HXT  sing N N 371 
V53 H2  N    sing N N 372 
V53 CAD HAD  sing N N 373 
V53 O2  HPO2 sing N N 374 
V53 O3  HPO3 sing N N 375 
V53 C01 H1   sing N N 376 
V53 C01 H3   sing N N 377 
V5F C3  C2   doub Y N 378 
V5F C3  C4   sing Y N 379 
V5F C2  C1   sing Y N 380 
V5F C4  C5   doub Y N 381 
V5F CB  C6   sing N N 382 
V5F C6  O1   sing N N 383 
V5F C6  C    sing N N 384 
V5F C1  CA   doub Y N 385 
V5F C1  O1   sing N N 386 
V5F C5  CA   sing Y N 387 
V5F O   C    doub N N 388 
V5F CA  N    sing N N 389 
V5F C6  H6   sing N N 390 
V5F C2  H5   sing N N 391 
V5F C5  H4   sing N N 392 
V5F C4  H1   sing N N 393 
V5F C3  H3   sing N N 394 
V5F CB  HB1  sing N N 395 
V5F CB  HB2  sing N N 396 
V5F CB  HB3  sing N N 397 
V5F N   H    sing N N 398 
V5F C   OXT  sing N N 399 
V5F OXT HXT  sing N N 400 
V5F N   H2   sing N N 401 
VAL N   CA   sing N N 402 
VAL N   H    sing N N 403 
VAL N   H2   sing N N 404 
VAL CA  C    sing N N 405 
VAL CA  CB   sing N N 406 
VAL CA  HA   sing N N 407 
VAL C   O    doub N N 408 
VAL C   OXT  sing N N 409 
VAL CB  CG1  sing N N 410 
VAL CB  CG2  sing N N 411 
VAL CB  HB   sing N N 412 
VAL CG1 HG11 sing N N 413 
VAL CG1 HG12 sing N N 414 
VAL CG1 HG13 sing N N 415 
VAL CG2 HG21 sing N N 416 
VAL CG2 HG22 sing N N 417 
VAL CG2 HG23 sing N N 418 
VAL OXT HXT  sing N N 419 
# 
_pdbx_audit_support.funding_organization   'European Research Council (ERC)' 
_pdbx_audit_support.country                'European Union' 
_pdbx_audit_support.grant_number           ? 
_pdbx_audit_support.ordinal                1 
# 
_pdbx_initial_refinement_model.id               1 
_pdbx_initial_refinement_model.entity_id_list   ? 
_pdbx_initial_refinement_model.type             'experimental model' 
_pdbx_initial_refinement_model.source_name      PDB 
_pdbx_initial_refinement_model.accession_code   8CMN 
_pdbx_initial_refinement_model.details          ? 
# 
_space_group.name_H-M_alt     'P 64 2 2' 
_space_group.name_Hall        'P 64 2 (x,y,z+1/6)' 
_space_group.IT_number        181 
_space_group.crystal_system   hexagonal 
_space_group.id               1 
# 
_atom_sites.entry_id                    8Q2M 
_atom_sites.Cartn_transf_matrix[1][1]   ? 
_atom_sites.Cartn_transf_matrix[1][2]   ? 
_atom_sites.Cartn_transf_matrix[1][3]   ? 
_atom_sites.Cartn_transf_matrix[2][1]   ? 
_atom_sites.Cartn_transf_matrix[2][2]   ? 
_atom_sites.Cartn_transf_matrix[2][3]   ? 
_atom_sites.Cartn_transf_matrix[3][1]   ? 
_atom_sites.Cartn_transf_matrix[3][2]   ? 
_atom_sites.Cartn_transf_matrix[3][3]   ? 
_atom_sites.Cartn_transf_vector[1]      ? 
_atom_sites.Cartn_transf_vector[2]      ? 
_atom_sites.Cartn_transf_vector[3]      ? 
_atom_sites.Cartn_transform_axes        ? 
_atom_sites.fract_transf_matrix[1][1]   -0.00028339 
_atom_sites.fract_transf_matrix[1][2]   0.01409049 
_atom_sites.fract_transf_matrix[1][3]   -0.00815252 
_atom_sites.fract_transf_matrix[2][1]   0.00342804 
_atom_sites.fract_transf_matrix[2][2]   0.00026811 
_atom_sites.fract_transf_matrix[2][3]   -0.01591478 
_atom_sites.fract_transf_matrix[3][1]   -0.00810860 
_atom_sites.fract_transf_matrix[3][2]   -0.00118518 
_atom_sites.fract_transf_matrix[3][3]   -0.00176656 
_atom_sites.fract_transf_vector[1]      -0.227697 
_atom_sites.fract_transf_vector[2]      -0.287010 
_atom_sites.fract_transf_vector[3]      0.066874 
_atom_sites.solution_primary            ? 
_atom_sites.solution_secondary          ? 
_atom_sites.solution_hydrogens          ? 
_atom_sites.special_details             ? 
# 
loop_
_atom_type.symbol 
_atom_type.scat_dispersion_real 
_atom_type.scat_dispersion_imag 
_atom_type.scat_Cromer_Mann_a1 
_atom_type.scat_Cromer_Mann_a2 
_atom_type.scat_Cromer_Mann_a3 
_atom_type.scat_Cromer_Mann_a4 
_atom_type.scat_Cromer_Mann_b1 
_atom_type.scat_Cromer_Mann_b2 
_atom_type.scat_Cromer_Mann_b3 
_atom_type.scat_Cromer_Mann_b4 
_atom_type.scat_Cromer_Mann_c 
_atom_type.scat_source 
_atom_type.scat_dispersion_source 
C ? ? 3.54356 2.42580 ? ? 25.62398 1.50364  ? ? 0.0 
;2-Gaussian fit: Grosse-Kunstleve RW, Sauter NK, Adams PD: Newsletter of the IUCr Commission on Crystallographic Computing 2004, 3, 22-31.
;
? 
N ? ? 6.96715 ?       ? ? 11.43723 ?        ? ? 0.0 
;1-Gaussian fit: Grosse-Kunstleve RW, Sauter NK, Adams PD: Newsletter of the IUCr Commission on Crystallographic Computing 2004, 3, 22-31.
;
? 
O ? ? 7.96527 ?       ? ? 9.05267  ?        ? ? 0.0 
;1-Gaussian fit: Grosse-Kunstleve RW, Sauter NK, Adams PD: Newsletter of the IUCr Commission on Crystallographic Computing 2004, 3, 22-31.
;
? 
P ? ? 9.51135 5.44231 ? ? 1.42069  35.72801 ? ? 0.0 
;2-Gaussian fit: Grosse-Kunstleve RW, Sauter NK, Adams PD: Newsletter of the IUCr Commission on Crystallographic Computing 2004, 3, 22-31.
;
? 
S ? ? 9.55732 6.39887 ? ? 1.23737  29.19336 ? ? 0.0 
;2-Gaussian fit: Grosse-Kunstleve RW, Sauter NK, Adams PD: Newsletter of the IUCr Commission on Crystallographic Computing 2004, 3, 22-31.
;
? 
# 
loop_
_atom_site.group_PDB 
_atom_site.id 
_atom_site.type_symbol 
_atom_site.label_atom_id 
_atom_site.label_alt_id 
_atom_site.label_comp_id 
_atom_site.label_asym_id 
_atom_site.label_entity_id 
_atom_site.label_seq_id 
_atom_site.pdbx_PDB_ins_code 
_atom_site.Cartn_x 
_atom_site.Cartn_y 
_atom_site.Cartn_z 
_atom_site.occupancy 
_atom_site.B_iso_or_equiv 
_atom_site.pdbx_formal_charge 
_atom_site.auth_seq_id 
_atom_site.auth_comp_id 
_atom_site.auth_asym_id 
_atom_site.auth_atom_id 
_atom_site.pdbx_PDB_model_num 
ATOM   1   N N   . MET A 1 1  ? 16.19087  -3.22692  -1.97430  1.000 145.24582 ? 1   MET AA N   1 
ATOM   2   C CA  . MET A 1 1  ? 16.39939  -2.46142  -0.74529  1.000 148.69392 ? 1   MET AA CA  1 
ATOM   3   C C   . MET A 1 1  ? 15.61204  -1.13260  -0.71582  1.000 157.57057 ? 1   MET AA C   1 
ATOM   4   O O   . MET A 1 1  ? 16.09300  -0.09728  -0.27654  1.000 160.18562 ? 1   MET AA O   1 
ATOM   5   C CB  . MET A 1 1  ? 17.91160  -2.28895  -0.49749  1.000 141.14095 ? 1   MET AA CB  1 
ATOM   6   C CG  . MET A 1 1  ? 18.37625  -1.30674  0.62218   1.000 147.38103 ? 1   MET AA CG  1 
ATOM   7   S SD  . MET A 1 1  ? 17.30640  -1.12020  2.04298   1.000 164.57341 ? 1   MET AA SD  1 
ATOM   8   C CE  . MET A 1 1  ? 17.06117  -2.82580  2.52416   1.000 154.96314 ? 1   MET AA CE  1 
ATOM   9   N N   . VAL A 1 2  ? 14.33570  -1.17719  -1.05829  1.000 153.13333 ? 2   VAL AA N   1 
ATOM   10  C CA  . VAL A 1 2  ? 13.50872  0.01779   -1.04163  1.000 147.47990 ? 2   VAL AA CA  1 
ATOM   11  C C   . VAL A 1 2  ? 12.44929  -0.15158  0.03326   1.000 148.64779 ? 2   VAL AA C   1 
ATOM   12  O O   . VAL A 1 2  ? 11.94679  -1.25471  0.22559   1.000 150.88237 ? 2   VAL AA O   1 
ATOM   13  C CB  . VAL A 1 2  ? 12.89626  0.26608   -2.42743  1.000 154.63552 ? 2   VAL AA CB  1 
ATOM   14  C CG1 . VAL A 1 2  ? 12.04257  1.53129   -2.42165  1.000 153.31317 ? 2   VAL AA CG1 1 
ATOM   15  C CG2 . VAL A 1 2  ? 14.02075  0.33566   -3.43633  1.000 154.35340 ? 2   VAL AA CG2 1 
ATOM   16  N N   . LYS A 1 3  ? 12.22709  0.88693   0.81643   1.000 152.12577 ? 3   LYS AA N   1 
ATOM   17  C CA  . LYS A 1 3  ? 11.32674  0.82618   1.95205   1.000 151.90565 ? 3   LYS AA CA  1 
ATOM   18  C C   . LYS A 1 3  ? 10.00859  1.52343   1.62735   1.000 149.18469 ? 3   LYS AA C   1 
ATOM   19  O O   . LYS A 1 3  ? 9.97703   2.64163   1.08480   1.000 146.88785 ? 3   LYS AA O   1 
ATOM   20  C CB  . LYS A 1 3  ? 11.94044  1.49178   3.16852   1.000 149.71770 ? 3   LYS AA CB  1 
ATOM   21  C CG  . LYS A 1 3  ? 10.85741  2.00655   4.04001   1.000 154.96644 ? 3   LYS AA CG  1 
ATOM   22  C CD  . LYS A 1 3  ? 11.37904  2.88167   5.04803   1.000 146.82453 ? 3   LYS AA CD  1 
ATOM   23  C CE  . LYS A 1 3  ? 12.42742  2.20678   5.84312   1.000 144.13016 ? 3   LYS AA CE  1 
ATOM   24  N NZ  . LYS A 1 3  ? 12.26081  2.63575   7.25586   1.000 148.03730 ? 3   LYS AA NZ  1 
ATOM   25  N N   . VAL A 1 4  ? 8.91597   0.84320   1.95706   1.000 141.83847 ? 4   VAL AA N   1 
ATOM   26  C CA  . VAL A 1 4  ? 7.57623   1.36781   1.75106   1.000 141.04130 ? 4   VAL AA CA  1 
ATOM   27  C C   . VAL A 1 4  ? 6.87277   1.66445   3.06241   1.000 149.20478 ? 4   VAL AA C   1 
ATOM   28  O O   . VAL A 1 4  ? 6.60579   0.74255   3.85359   1.000 146.87965 ? 4   VAL AA O   1 
ATOM   29  C CB  . VAL A 1 4  ? 6.73593   0.40359   0.93032   1.000 138.71345 ? 4   VAL AA CB  1 
ATOM   30  C CG1 . VAL A 1 4  ? 5.33638   0.96235   0.79204   1.000 148.16458 ? 4   VAL AA CG1 1 
ATOM   31  C CG2 . VAL A 1 4  ? 7.40693   0.22202   -0.38569  1.000 139.97930 ? 4   VAL AA CG2 1 
ATOM   32  N N   . LYS A 1 5  ? 6.49286   2.92711   3.23624   1.000 149.35588 ? 5   LYS AA N   1 
ATOM   33  C CA  . LYS A 1 5  ? 5.77548   3.39523   4.40661   1.000 142.57087 ? 5   LYS AA CA  1 
ATOM   34  C C   . LYS A 1 5  ? 4.30994   3.57605   4.06916   1.000 131.40618 ? 5   LYS AA C   1 
ATOM   35  O O   . LYS A 1 5  ? 3.95705   4.42199   3.24494   1.000 127.99449 ? 5   LYS AA O   1 
ATOM   36  C CB  . LYS A 1 5  ? 6.43897   4.68120   4.86632   1.000 145.70167 ? 5   LYS AA CB  1 
ATOM   37  C CG  . LYS A 1 5  ? 7.96803   4.71003   4.61603   1.000 142.13773 ? 5   LYS AA CG  1 
ATOM   38  C CD  . LYS A 1 5  ? 8.64165   5.83313   5.38122   1.000 142.12364 ? 5   LYS AA CD  1 
ATOM   39  C CE  . LYS A 1 5  ? 10.11510  5.65382   5.57474   1.000 137.99907 ? 5   LYS AA CE  1 
ATOM   40  N NZ  . LYS A 1 5  ? 10.74037  6.79176   6.25326   1.000 139.57718 ? 5   LYS AA NZ  1 
ATOM   41  N N   . PHE A 1 6  ? 3.46753   2.77448   4.69747   1.000 137.09426 ? 6   PHE AA N   1 
ATOM   42  C CA  . PHE A 1 6  ? 2.06041   2.71630   4.35741   1.000 140.76309 ? 6   PHE AA CA  1 
ATOM   43  C C   . PHE A 1 6  ? 1.18985   2.66844   5.58877   1.000 144.88581 ? 6   PHE AA C   1 
ATOM   44  O O   . PHE A 1 6  ? 1.63811   2.30305   6.66382   1.000 149.80130 ? 6   PHE AA O   1 
ATOM   45  C CB  . PHE A 1 6  ? 1.70565   1.49848   3.55627   1.000 141.08401 ? 6   PHE AA CB  1 
ATOM   46  C CG  . PHE A 1 6  ? 1.91158   0.24751   4.28803   1.000 146.71688 ? 6   PHE AA CG  1 
ATOM   47  C CD1 . PHE A 1 6  ? 3.18207   -0.22776  4.47607   1.000 148.45429 ? 6   PHE AA CD1 1 
ATOM   48  C CD2 . PHE A 1 6  ? 0.83326   -0.47599  4.77280   1.000 145.19211 ? 6   PHE AA CD2 1 
ATOM   49  C CE1 . PHE A 1 6  ? 3.40162   -1.37365  5.18284   1.000 148.97464 ? 6   PHE AA CE1 1 
ATOM   50  C CE2 . PHE A 1 6  ? 1.05340   -1.64668  5.46370   1.000 146.23290 ? 6   PHE AA CE2 1 
ATOM   51  C CZ  . PHE A 1 6  ? 2.33958   -2.08810  5.64687   1.000 150.34042 ? 6   PHE AA CZ  1 
ATOM   52  N N   . LYS A 1 7  ? -0.05614  3.03424   5.43233   1.000 140.14017 ? 7   LYS AA N   1 
ATOM   53  C CA  . LYS A 1 7  ? -0.99986  2.98256   6.52787   1.000 143.66192 ? 7   LYS AA CA  1 
ATOM   54  C C   . LYS A 1 7  ? -1.89992  1.77052   6.33204   1.000 139.94132 ? 7   LYS AA C   1 
ATOM   55  O O   . LYS A 1 7  ? -2.45069  1.58757   5.24892   1.000 128.28834 ? 7   LYS AA O   1 
ATOM   56  C CB  . LYS A 1 7  ? -1.76642  4.29085   6.58524   1.000 134.49702 ? 7   LYS AA CB  1 
ATOM   57  C CG  . LYS A 1 7  ? -2.33159  4.56800   7.93802   1.000 138.13882 ? 7   LYS AA CG  1 
ATOM   58  C CD  . LYS A 1 7  ? -2.24289  6.03116   8.21487   1.000 134.68493 ? 7   LYS AA CD  1 
ATOM   59  C CE  . LYS A 1 7  ? -3.24851  6.44293   9.24449   1.000 121.88554 ? 7   LYS AA CE  1 
ATOM   60  N NZ  . LYS A 1 7  ? -3.09093  7.88584   9.47165   1.000 118.58415 ? 7   LYS AA NZ  1 
ATOM   61  N N   . TYR A 1 8  ? -1.92930  0.88542   7.32747   1.000 143.91562 ? 8   TYR AA N   1 
ATOM   62  C CA  . TYR A 1 8  ? -2.81492  -0.28187  7.37080   1.000 143.48130 ? 8   TYR AA CA  1 
ATOM   63  C C   . TYR A 1 8  ? -3.76389  -0.08691  8.54410   1.000 142.18547 ? 8   TYR AA C   1 
ATOM   64  O O   . TYR A 1 8  ? -3.35065  -0.15012  9.71573   1.000 150.88202 ? 8   TYR AA O   1 
ATOM   65  C CB  . TYR A 1 8  ? -2.04735  -1.60179  7.53273   1.000 148.18309 ? 8   TYR AA CB  1 
ATOM   66  N N   . LYS A 1 9  ? -5.04779  0.06791   8.21334   1.000 141.47652 ? 9   LYS AA N   1 
ATOM   67  C CA  . LYS A 1 9  ? -6.12731  0.26836   9.17584   1.000 142.57610 ? 9   LYS AA CA  1 
ATOM   68  C C   . LYS A 1 9  ? -5.81517  1.42296   10.15056  1.000 143.48558 ? 9   LYS AA C   1 
ATOM   69  O O   . LYS A 1 9  ? -6.23271  1.40392   11.31880  1.000 148.10597 ? 9   LYS AA O   1 
ATOM   70  C CB  . LYS A 1 9  ? -6.41722  -1.02716  9.92660   1.000 148.74299 ? 9   LYS AA CB  1 
ATOM   71  N N   . GLY A 1 10 ? -5.10283  2.45896   9.66872   1.000 142.13082 ? 10  GLY AA N   1 
ATOM   72  C CA  . GLY A 1 10 ? -4.73899  3.62742   10.44611  1.000 140.87556 ? 10  GLY AA CA  1 
ATOM   73  C C   . GLY A 1 10 ? -3.46423  3.49978   11.20209  1.000 148.94416 ? 10  GLY AA C   1 
ATOM   74  O O   . GLY A 1 10 ? -3.06784  4.45630   11.87329  1.000 149.12799 ? 10  GLY AA O   1 
ATOM   75  N N   . GLU A 1 11 ? -2.80529  2.36581   11.09343  1.000 153.08043 ? 11  GLU AA N   1 
ATOM   76  C CA  . GLU A 1 11 ? -1.54951  2.14160   11.75750  1.000 158.97272 ? 11  GLU AA CA  1 
ATOM   77  C C   . GLU A 1 11 ? -0.43308  2.24878   10.73339  1.000 157.99632 ? 11  GLU AA C   1 
ATOM   78  O O   . GLU A 1 11 ? -0.53399  1.69687   9.63081   1.000 162.19164 ? 11  GLU AA O   1 
ATOM   79  C CB  . GLU A 1 11 ? -1.54879  0.76944   12.38737  1.000 162.79377 ? 11  GLU AA CB  1 
ATOM   80  C CG  . GLU A 1 11 ? -0.19827  0.32673   12.75267  1.000 165.27731 ? 11  GLU AA CG  1 
ATOM   81  C CD  . GLU A 1 11 ? -0.17527  -1.13228  13.06457  1.000 185.47602 ? 11  GLU AA CD  1 
ATOM   82  O OE1 . GLU A 1 11 ? -1.24681  -1.77640  13.02844  1.000 180.40057 ? 11  GLU AA OE1 1 
ATOM   83  O OE2 . GLU A 1 11 ? 0.93486   -1.63258  13.30533  1.000 211.60560 ? 11  GLU AA OE2 1 
ATOM   84  N N   . GLU A 1 12 ? 0.58351   3.02872   11.06510  1.000 164.91179 ? 12  GLU AA N   1 
ATOM   85  C CA  . GLU A 1 12 ? 1.71350   3.14304   10.17039  1.000 162.10081 ? 12  GLU AA CA  1 
ATOM   86  C C   . GLU A 1 12 ? 2.51201   1.86386   10.21235  1.000 158.98556 ? 12  GLU AA C   1 
ATOM   87  O O   . GLU A 1 12 ? 2.83516   1.35372   11.28319  1.000 158.60273 ? 12  GLU AA O   1 
ATOM   88  C CB  . GLU A 1 12 ? 2.56543   4.34748   10.52279  1.000 159.91791 ? 12  GLU AA CB  1 
ATOM   89  C CG  . GLU A 1 12 ? 1.95439   5.65075   10.03735  1.000 160.01884 ? 12  GLU AA CG  1 
ATOM   90  C CD  . GLU A 1 12 ? 1.69528   5.69279   8.53417   1.000 166.90717 ? 12  GLU AA CD  1 
ATOM   91  O OE1 . GLU A 1 12 ? 2.25856   4.87008   7.76970   1.000 164.67315 ? 12  GLU AA OE1 1 
ATOM   92  O OE2 . GLU A 1 12 ? 0.93323   6.58183   8.09772   1.000 167.35241 ? 12  GLU AA OE2 1 
ATOM   93  N N   . LYS A 1 13 ? 2.77672   1.32554   9.04792   1.000 157.46860 ? 13  LYS AA N   1 
ATOM   94  C CA  . LYS A 1 13 ? 3.51269   0.10645   8.94037   1.000 151.71483 ? 13  LYS AA CA  1 
ATOM   95  C C   . LYS A 1 13 ? 4.50784   0.33988   7.84546   1.000 143.31953 ? 13  LYS AA C   1 
ATOM   96  O O   . LYS A 1 13 ? 4.42030   1.32912   7.08515   1.000 143.89737 ? 13  LYS AA O   1 
ATOM   97  C CB  . LYS A 1 13 ? 2.63254   -1.05461  8.56707   1.000 152.63488 ? 13  LYS AA CB  1 
ATOM   98  C CG  . LYS A 1 13 ? 1.61810   -1.45705  9.55186   1.000 163.82335 ? 13  LYS AA CG  1 
ATOM   99  C CD  . LYS A 1 13 ? 1.19494   -2.86529  9.23297   1.000 163.40433 ? 13  LYS AA CD  1 
ATOM   100 C CE  . LYS A 1 13 ? 0.32082   -3.45887  10.30282  1.000 167.42258 ? 13  LYS AA CE  1 
ATOM   101 N NZ  . LYS A 1 13 ? -0.89211  -4.07572  9.68489   1.000 153.01375 ? 13  LYS AA NZ  1 
ATOM   102 N N   . GLU A 1 14 ? 5.45965   -0.57519  7.78956   1.000 142.77945 ? 14  GLU AA N   1 
ATOM   103 C CA  . GLU A 1 14 ? 6.49024   -0.34628  6.81882   1.000 148.48872 ? 14  GLU AA CA  1 
ATOM   104 C C   . GLU A 1 14 ? 7.04857   -1.69494  6.47591   1.000 147.31596 ? 14  GLU AA C   1 
ATOM   105 O O   . GLU A 1 14 ? 7.03235   -2.59714  7.30310   1.000 148.63808 ? 14  GLU AA O   1 
ATOM   106 C CB  . GLU A 1 14 ? 7.55583   0.60659   7.34481   1.000 154.47488 ? 14  GLU AA CB  1 
ATOM   107 C CG  . GLU A 1 14 ? 8.64572   0.75300   6.38600   1.000 161.89929 ? 14  GLU AA CG  1 
ATOM   108 C CD  . GLU A 1 14 ? 9.65781   -0.31345  6.61755   1.000 173.36635 ? 14  GLU AA CD  1 
ATOM   109 O OE1 . GLU A 1 14 ? 9.94084   -0.58769  7.80215   1.000 195.77651 ? 14  GLU AA OE1 1 
ATOM   110 O OE2 . GLU A 1 14 ? 10.20863  -0.84333  5.62609   1.000 173.45460 ? 14  GLU AA OE2 1 
ATOM   111 N N   . VAL A 1 15 ? 7.32301   -1.87946  5.19851   1.000 153.30143 ? 15  VAL AA N   1 
ATOM   112 C CA  . VAL A 1 15 ? 7.84509   -3.13849  4.69341   1.000 149.94490 ? 15  VAL AA CA  1 
ATOM   113 C C   . VAL A 1 15 ? 8.78177   -2.84168  3.51636   1.000 152.20533 ? 15  VAL AA C   1 
ATOM   114 O O   . VAL A 1 15 ? 8.65496   -1.80210  2.87079   1.000 153.25988 ? 15  VAL AA O   1 
ATOM   115 C CB  . VAL A 1 15 ? 6.66517   -4.03946  4.31726   1.000 146.50765 ? 15  VAL AA CB  1 
ATOM   116 C CG1 . VAL A 1 15 ? 5.95850   -3.44059  3.15035   1.000 148.15357 ? 15  VAL AA CG1 1 
ATOM   117 C CG2 . VAL A 1 15 ? 7.12283   -5.41474  4.00132   1.000 150.10835 ? 15  VAL AA CG2 1 
ATOM   118 N N   . ASP A 1 16 ? 9.80874   -3.69041  3.30319   1.000 158.74878 ? 16  ASP AA N   1 
ATOM   119 C CA  . ASP A 1 16 ? 10.80200  -3.49467  2.22669   1.000 159.02579 ? 16  ASP AA CA  1 
ATOM   120 C C   . ASP A 1 16 ? 10.36715  -4.11984  0.89494   1.000 155.40001 ? 16  ASP AA C   1 
ATOM   121 O O   . ASP A 1 16 ? 9.64058   -5.11004  0.89182   1.000 149.64065 ? 16  ASP AA O   1 
ATOM   122 C CB  . ASP A 1 16 ? 12.17108  -4.03259  2.62926   1.000 165.52478 ? 16  ASP AA CB  1 
ATOM   123 C CG  . ASP A 1 16 ? 13.29160  -3.61719  1.65563   1.000 168.98570 ? 16  ASP AA CG  1 
ATOM   124 O OD1 . ASP A 1 16 ? 13.42985  -4.21571  0.57152   1.000 161.57284 ? 16  ASP AA OD1 1 
ATOM   125 O OD2 . ASP A 1 16 ? 14.02556  -2.65153  1.98536   1.000 174.85445 ? 16  ASP AA OD2 1 
ATOM   126 N N   . THR A 1 17 ? 10.86849  -3.57012  -0.23989  1.000 162.99822 ? 17  THR AA N   1 
ATOM   127 C CA  . THR A 1 17 ? 10.52803  -4.05774  -1.59284  1.000 157.73848 ? 17  THR AA CA  1 
ATOM   128 C C   . THR A 1 17 ? 10.66788  -5.57232  -1.72255  1.000 155.81549 ? 17  THR AA C   1 
ATOM   129 O O   . THR A 1 17 ? 9.88754   -6.21369  -2.43264  1.000 147.86331 ? 17  THR AA O   1 
ATOM   130 C CB  . THR A 1 17 ? 11.41206  -3.39313  -2.68921  1.000 161.48125 ? 17  THR AA CB  1 
ATOM   131 O OG1 . THR A 1 17 ? 11.04637  -2.02327  -2.93443  1.000 159.90465 ? 17  THR AA OG1 1 
ATOM   132 C CG2 . THR A 1 17 ? 11.32853  -4.15850  -4.01862  1.000 156.82407 ? 17  THR AA CG2 1 
ATOM   133 N N   . SER A 1 18 ? 11.72120  -6.14439  -1.13749  1.000 159.85186 ? 18  SER AA N   1 
ATOM   134 C CA  . SER A 1 18 ? 12.00927  -7.57403  -1.27038  1.000 155.18376 ? 18  SER AA CA  1 
ATOM   135 C C   . SER A 1 18 ? 10.91544  -8.48048  -0.72083  1.000 156.28445 ? 18  SER AA C   1 
ATOM   136 O O   . SER A 1 18 ? 10.44450  -9.39961  -1.40360  1.000 155.08001 ? 18  SER AA O   1 
ATOM   137 C CB  . SER A 1 18 ? 13.28612  -7.86606  -0.52438  1.000 156.87945 ? 18  SER AA CB  1 
ATOM   138 O OG  . SER A 1 18 ? 13.06334  -7.59110  0.84592   1.000 161.49908 ? 18  SER AA OG  1 
ATOM   139 N N   . LYS A 1 19 ? 10.39932  -8.14923  0.46131   1.000 158.29897 ? 19  LYS AA N   1 
ATOM   140 C CA  . LYS A 1 19 ? 9.39378   -8.97615  1.13294   1.000 156.90323 ? 19  LYS AA CA  1 
ATOM   141 C C   . LYS A 1 19 ? 8.07524   -8.97673  0.36838   1.000 153.03572 ? 19  LYS AA C   1 
ATOM   142 O O   . LYS A 1 19 ? 7.15361   -9.74595  0.70583   1.000 152.86981 ? 19  LYS AA O   1 
ATOM   143 C CB  . LYS A 1 19 ? 9.13814   -8.52943  2.62107   1.000 159.02174 ? 19  LYS AA CB  1 
ATOM   144 C CG  . LYS A 1 19 ? 10.37150  -8.22219  3.47747   1.000 157.81419 ? 19  LYS AA CG  1 
ATOM   145 C CD  . LYS A 1 19 ? 9.94494   -7.78669  4.89857   1.000 160.88452 ? 19  LYS AA CD  1 
ATOM   146 C CE  . LYS A 1 19 ? 10.11617  -6.26804  5.04703   1.000 157.25443 ? 19  LYS AA CE  1 
ATOM   147 N NZ  . LYS A 1 19 ? 10.38189  -5.69306  6.38548   1.000 157.82663 ? 19  LYS AA NZ  1 
ATOM   148 N N   . ILE A 1 20 ? 7.99054   -8.13081  -0.64752  1.000 151.17097 ? 20  ILE AA N   1 
ATOM   149 C CA  . ILE A 1 20 ? 6.74680   -7.93283  -1.35882  1.000 144.96498 ? 20  ILE AA CA  1 
ATOM   150 C C   . ILE A 1 20 ? 6.50371   -9.10001  -2.27084  1.000 141.35423 ? 20  ILE AA C   1 
ATOM   151 O O   . ILE A 1 20 ? 7.34079   -9.41375  -3.11966  1.000 139.08415 ? 20  ILE AA O   1 
ATOM   152 C CB  . ILE A 1 20 ? 6.81337   -6.64118  -2.16091  1.000 144.11356 ? 20  ILE AA CB  1 
ATOM   153 C CG1 . ILE A 1 20 ? 7.02685   -5.49630  -1.17910  1.000 152.61513 ? 20  ILE AA CG1 1 
ATOM   154 C CG2 . ILE A 1 20 ? 5.58262   -6.49572  -3.02871  1.000 139.15230 ? 20  ILE AA CG2 1 
ATOM   155 C CD1 . ILE A 1 20 ? 7.19545   -4.23666  -1.86641  1.000 159.91902 ? 20  ILE AA CD1 1 
ATOM   156 N N   . LYS A 1 21 ? 5.26430   -9.56996  -2.24807  1.000 141.95339 ? 21  LYS AA N   1 
ATOM   157 C CA  . LYS A 1 21 ? 4.88206   -10.67626 -3.11124  1.000 140.38284 ? 21  LYS AA CA  1 
ATOM   158 C C   . LYS A 1 21 ? 4.00179   -10.19937 -4.26057  1.000 142.95835 ? 21  LYS AA C   1 
ATOM   159 O O   . LYS A 1 21 ? 4.43611   -10.24378 -5.42458  1.000 140.22787 ? 21  LYS AA O   1 
ATOM   160 C CB  . LYS A 1 21 ? 4.16324   -11.75665 -2.26373  1.000 136.78910 ? 21  LYS AA CB  1 
ATOM   161 C CG  . LYS A 1 21 ? 4.58308   -11.85910 -0.73807  1.000 147.71030 ? 21  LYS AA CG  1 
ATOM   162 C CD  . LYS A 1 21 ? 4.34210   -13.30239 -0.14589  1.000 158.12797 ? 21  LYS AA CD  1 
ATOM   163 C CE  . LYS A 1 21 ? 2.89431   -13.76442 0.09552   1.000 164.09959 ? 21  LYS AA CE  1 
ATOM   164 N NZ  . LYS A 1 21 ? 2.77146   -14.55183 1.38599   1.000 183.45134 ? 21  LYS AA NZ  1 
ATOM   165 N N   . LYS A 1 22 ? 2.80824   -9.65322  -3.99816  1.000 137.51428 ? 22  LYS AA N   1 
ATOM   166 C CA  . LYS A 1 22 ? 1.81008   -9.28518  -5.01444  1.000 129.29109 ? 22  LYS AA CA  1 
ATOM   167 C C   . LYS A 1 22 ? 1.49907   -7.77266  -5.13471  1.000 130.35034 ? 22  LYS AA C   1 
ATOM   168 O O   . LYS A 1 22 ? 1.35678   -7.04959  -4.12296  1.000 134.80912 ? 22  LYS AA O   1 
ATOM   169 C CB  . LYS A 1 22 ? 0.45337   -10.02084 -4.79799  1.000 129.92805 ? 22  LYS AA CB  1 
ATOM   170 C CG  . LYS A 1 22 ? 0.43374   -11.57863 -4.59470  1.000 119.95482 ? 22  LYS AA CG  1 
ATOM   171 C CD  . LYS A 1 22 ? 0.38036   -12.38951 -5.98349  1.000 122.69251 ? 22  LYS AA CD  1 
ATOM   172 C CE  . LYS A 1 22 ? -0.81001  -13.48440 -6.08547  1.000 120.19556 ? 22  LYS AA CE  1 
ATOM   173 N NZ  . LYS A 1 22 ? -1.39185  -14.06780 -7.38974  1.000 114.82151 ? 22  LYS AA NZ  1 
ATOM   174 N N   . VAL A 1 23 ? 1.24410   -7.34002  -6.38564  1.000 127.24554 ? 23  VAL AA N   1 
ATOM   175 C CA  . VAL A 1 23 ? 0.91434   -5.93517  -6.66887  1.000 128.13739 ? 23  VAL AA CA  1 
ATOM   176 C C   . VAL A 1 23 ? -0.22365  -5.82461  -7.70834  1.000 113.69197 ? 23  VAL AA C   1 
ATOM   177 O O   . VAL A 1 23 ? -0.05121  -6.23843  -8.85773  1.000 119.33517 ? 23  VAL AA O   1 
ATOM   178 C CB  . VAL A 1 23 ? 2.17529   -5.16046  -7.12476  1.000 125.23003 ? 23  VAL AA CB  1 
ATOM   179 C CG1 . VAL A 1 23 ? 2.70883   -5.56758  -8.49091  1.000 122.13413 ? 23  VAL AA CG1 1 
ATOM   180 C CG2 . VAL A 1 23 ? 1.91105   -3.65326  -7.16084  1.000 133.18809 ? 23  VAL AA CG2 1 
ATOM   181 N N   . TRP A 1 24 ? -1.30162  -5.09956  -7.36758  1.000 114.44689 ? 24  TRP AA N   1 
ATOM   182 C CA  . TRP A 1 24 ? -2.41910  -4.90403  -8.27920  1.000 123.87524 ? 24  TRP AA CA  1 
ATOM   183 C C   . TRP A 1 24 ? -2.60123  -3.40378  -8.40098  1.000 127.06525 ? 24  TRP AA C   1 
ATOM   184 O O   . TRP A 1 24 ? -2.47729  -2.66157  -7.40890  1.000 131.15617 ? 24  TRP AA O   1 
ATOM   185 C CB  . TRP A 1 24 ? -3.71632  -5.54939  -7.73152  1.000 109.92067 ? 24  TRP AA CB  1 
ATOM   186 N N   . ARG A 1 25 ? -3.04570  -3.00032  -9.58794  1.000 126.18748 ? 25  ARG AA N   1 
ATOM   187 C CA  . ARG A 1 25 ? -3.40538  -1.61813  -9.84519  1.000 133.55825 ? 25  ARG AA CA  1 
ATOM   188 C C   . ARG A 1 25 ? -4.89416  -1.45523  -9.55126  1.000 136.72927 ? 25  ARG AA C   1 
ATOM   189 O O   . ARG A 1 25 ? -5.73659  -2.12472  -10.18099 1.000 140.51277 ? 25  ARG AA O   1 
ATOM   190 C CB  . ARG A 1 25 ? -3.06142  -1.22085  -11.29622 1.000 149.18739 ? 25  ARG AA CB  1 
ATOM   191 C CG  . ARG A 1 25 ? -3.29410  0.26153   -11.64945 1.000 148.90072 ? 25  ARG AA CG  1 
ATOM   192 C CD  . ARG A 1 25 ? -2.57679  0.77455   -12.88863 1.000 150.27007 ? 25  ARG AA CD  1 
ATOM   193 N NE  . ARG A 1 25 ? -1.69309  1.90065   -12.54696 1.000 150.38765 ? 25  ARG AA NE  1 
ATOM   194 C CZ  . ARG A 1 25 ? -0.39666  1.99938   -12.83585 1.000 152.06663 ? 25  ARG AA CZ  1 
ATOM   195 N NH1 . ARG A 1 25 ? 0.23448   1.03639   -13.53336 1.000 153.70474 ? 25  ARG AA NH1 1 
ATOM   196 N NH2 . ARG A 1 25 ? 0.28320   3.09624   -12.42970 1.000 152.41249 ? 25  ARG AA NH2 1 
ATOM   197 N N   . ALA A 1 26 ? -5.20206  -0.64601  -8.52954  1.000 135.94891 ? 26  ALA AA N   1 
ATOM   198 C CA  . ALA A 1 26 ? -6.57640  -0.32672  -8.14741  1.000 131.09968 ? 26  ALA AA CA  1 
ATOM   199 C C   . ALA A 1 26 ? -6.81875  1.17185   -8.13622  1.000 121.76325 ? 26  ALA AA C   1 
ATOM   200 O O   . ALA A 1 26 ? -6.59668  1.82375   -7.10338  1.000 115.06695 ? 26  ALA AA O   1 
ATOM   201 C CB  . ALA A 1 26 ? -6.85888  -0.90636  -6.80001  1.000 124.72165 ? 26  ALA AA CB  1 
ATOM   202 N N   . GLY A 1 27 ? -7.34583  1.67704   -9.25318  1.000 125.78449 ? 27  GLY AA N   1 
ATOM   203 C CA  . GLY A 1 27 ? -7.51625  3.09154   -9.49671  1.000 124.08593 ? 27  GLY AA CA  1 
ATOM   204 C C   . GLY A 1 27 ? -6.28165  3.90516   -9.25139  1.000 121.41075 ? 27  GLY AA C   1 
ATOM   205 O O   . GLY A 1 27 ? -5.25883  3.73280   -9.91011  1.000 122.49955 ? 27  GLY AA O   1 
ATOM   206 N N   . LYS A 1 28 ? -6.40498  4.85731   -8.35318  1.000 112.28515 ? 28  LYS AA N   1 
ATOM   207 C CA  . LYS A 1 28 ? -5.23878  5.64576   -8.04889  1.000 111.34897 ? 28  LYS AA CA  1 
ATOM   208 C C   . LYS A 1 28 ? -4.36180  4.95007   -7.02470  1.000 113.50661 ? 28  LYS AA C   1 
ATOM   209 O O   . LYS A 1 28 ? -3.21334  5.40454   -6.78560  1.000 120.60711 ? 28  LYS AA O   1 
ATOM   210 C CB  . LYS A 1 28 ? -5.65646  7.00547   -7.56538  1.000 126.88605 ? 28  LYS AA CB  1 
ATOM   211 C CG  . LYS A 1 28 ? -6.49030  7.73479   -8.59450  1.000 131.31861 ? 28  LYS AA CG  1 
ATOM   212 C CD  . LYS A 1 28 ? -7.48346  8.67088   -7.88950  1.000 129.41327 ? 28  LYS AA CD  1 
ATOM   213 C CE  . LYS A 1 28 ? -8.16413  8.08299   -6.64779  1.000 124.33386 ? 28  LYS AA CE  1 
ATOM   214 N NZ  . LYS A 1 28 ? -9.57990  8.56181   -6.46318  1.000 128.19020 ? 28  LYS AA NZ  1 
ATOM   215 N N   . ALA A 1 29 ? -4.84789  3.80919   -6.51265  1.000 112.19428 ? 29  ALA AA N   1 
ATOM   216 C CA  . ALA A 1 29 ? -4.22009  3.14249   -5.39604  1.000 111.23193 ? 29  ALA AA CA  1 
ATOM   217 C C   . ALA A 1 29 ? -3.45882  1.89481   -5.82227  1.000 116.20399 ? 29  ALA AA C   1 
ATOM   218 O O   . ALA A 1 29 ? -3.83597  1.18397   -6.75014  1.000 122.05467 ? 29  ALA AA O   1 
ATOM   219 C CB  . ALA A 1 29 ? -5.24682  2.72121   -4.37378  1.000 100.92950 ? 29  ALA AA CB  1 
ATOM   220 N N   . VAL A 1 30 ? -2.43232  1.59363   -5.06745  1.000 108.87393 ? 30  VAL AA N   1 
ATOM   221 C CA  . VAL A 1 30 ? -1.63737  0.40157   -5.25767  1.000 113.28404 ? 30  VAL AA CA  1 
ATOM   222 C C   . VAL A 1 30 ? -1.89043  -0.55624  -4.10413  1.000 117.90759 ? 30  VAL AA C   1 
ATOM   223 O O   . VAL A 1 30 ? -1.56943  -0.22031  -2.94889  1.000 118.20272 ? 30  VAL AA O   1 
ATOM   224 C CB  . VAL A 1 30 ? -0.16017  0.80079   -5.33167  1.000 119.63903 ? 30  VAL AA CB  1 
ATOM   225 C CG1 . VAL A 1 30 ? 0.66277   -0.42322  -5.63440  1.000 118.27522 ? 30  VAL AA CG1 1 
ATOM   226 C CG2 . VAL A 1 30 ? 0.05984   1.97414   -6.31435  1.000 125.32014 ? 30  VAL AA CG2 1 
ATOM   227 N N   . SER A 1 31 ? -2.40736  -1.76921  -4.43424  1.000 113.57498 ? 31  SER AA N   1 
ATOM   228 C CA  . SER A 1 31 ? -2.80553  -2.77772  -3.44224  1.000 110.45058 ? 31  SER AA CA  1 
ATOM   229 C C   . SER A 1 31 ? -1.87943  -3.97682  -3.48220  1.000 116.41464 ? 31  SER AA C   1 
ATOM   230 O O   . SER A 1 31 ? -1.77760  -4.62522  -4.52922  1.000 126.97364 ? 31  SER AA O   1 
ATOM   231 C CB  . SER A 1 31 ? -4.22461  -3.29660  -3.69625  1.000 106.07515 ? 31  SER AA CB  1 
ATOM   232 O OG  . SER A 1 31 ? -4.46907  -4.35326  -2.77353  1.000 110.06015 ? 31  SER AA OG  1 
ATOM   233 N N   . PHE A 1 32 ? -1.40993  -4.39735  -2.30475  1.000 119.72674 ? 32  PHE AA N   1 
ATOM   234 C CA  . PHE A 1 32 ? -0.29724  -5.33744  -2.30407  1.000 120.61802 ? 32  PHE AA CA  1 
ATOM   235 C C   . PHE A 1 32 ? -0.26982  -6.28397  -1.10139  1.000 131.52351 ? 32  PHE AA C   1 
ATOM   236 O O   . PHE A 1 32 ? -0.89938  -6.04294  -0.06123  1.000 131.53086 ? 32  PHE AA O   1 
ATOM   237 C CB  . PHE A 1 32 ? 0.99186   -4.54474  -2.34072  1.000 123.63424 ? 32  PHE AA CB  1 
ATOM   238 C CG  . PHE A 1 32 ? 1.19020   -3.66457  -1.13544  1.000 129.95385 ? 32  PHE AA CG  1 
ATOM   239 C CD1 . PHE A 1 32 ? 1.73809   -4.20377  0.00915   1.000 129.57588 ? 32  PHE AA CD1 1 
ATOM   240 C CD2 . PHE A 1 32 ? 0.79109   -2.33958  -1.11277  1.000 126.36107 ? 32  PHE AA CD2 1 
ATOM   241 C CE1 . PHE A 1 32 ? 1.93983   -3.44512  1.14006   1.000 139.28398 ? 32  PHE AA CE1 1 
ATOM   242 C CE2 . PHE A 1 32 ? 1.00290   -1.58051  0.01185   1.000 133.35748 ? 32  PHE AA CE2 1 
ATOM   243 C CZ  . PHE A 1 32 ? 1.57226   -2.14652  1.14455   1.000 144.05862 ? 32  PHE AA CZ  1 
ATOM   244 N N   . THR A 1 33 ? 0.50127   -7.38477  -1.28808  1.000 138.49587 ? 33  THR AA N   1 
ATOM   245 C CA  . THR A 1 33 ? 0.80324   -8.44606  -0.30057  1.000 139.81054 ? 33  THR AA CA  1 
ATOM   246 C C   . THR A 1 33 ? 2.28441   -8.75087  -0.05848  1.000 141.37666 ? 33  THR AA C   1 
ATOM   247 O O   . THR A 1 33 ? 3.00579   -8.99475  -1.03689  1.000 136.66384 ? 33  THR AA O   1 
ATOM   248 C CB  . THR A 1 33 ? 0.26742   -9.75284  -0.72301  1.000 142.12449 ? 33  THR AA CB  1 
ATOM   249 O OG1 . THR A 1 33 ? 1.21583   -10.29075 -1.64664  1.000 144.90497 ? 33  THR AA OG1 1 
ATOM   250 C CG2 . THR A 1 33 ? -0.99896  -9.52989  -1.43878  1.000 134.69810 ? 33  THR AA CG2 1 
ATOM   251 N N   . TYR A 1 34 ? 2.68492   -8.90485  1.22314   1.000 143.29530 ? 34  TYR AA N   1 
ATOM   252 C CA  . TYR A 1 34 ? 4.05828   -9.21999  1.63571   1.000 144.53403 ? 34  TYR AA CA  1 
ATOM   253 C C   . TYR A 1 34 ? 4.13650   -10.45686 2.52748   1.000 152.58017 ? 34  TYR AA C   1 
ATOM   254 O O   . TYR A 1 34 ? 3.12063   -10.96655 2.98103   1.000 151.87872 ? 34  TYR AA O   1 
ATOM   255 C CB  . TYR A 1 34 ? 4.64256   -7.98616  2.36041   1.000 146.89927 ? 34  TYR AA CB  1 
ATOM   256 C CG  . TYR A 1 34 ? 3.88711   -7.56386  3.62516   1.000 152.06704 ? 34  TYR AA CG  1 
ATOM   257 C CD1 . TYR A 1 34 ? 2.78619   -6.72399  3.53860   1.000 150.36690 ? 34  TYR AA CD1 1 
ATOM   258 C CD2 . TYR A 1 34 ? 4.29616   -7.96290  4.89803   1.000 156.57182 ? 34  TYR AA CD2 1 
ATOM   259 C CE1 . TYR A 1 34 ? 2.07561   -6.31035  4.67806   1.000 151.63199 ? 34  TYR AA CE1 1 
ATOM   260 C CE2 . TYR A 1 34 ? 3.59074   -7.54767  6.05747   1.000 159.11417 ? 34  TYR AA CE2 1 
ATOM   261 C CZ  . TYR A 1 34 ? 2.47722   -6.72014  5.93644   1.000 158.15628 ? 34  TYR AA CZ  1 
ATOM   262 O OH  . TYR A 1 34 ? 1.74905   -6.29089  7.04197   1.000 159.04723 ? 34  TYR AA OH  1 
ATOM   263 N N   . ASP A 1 35 ? 5.35640   -10.94778 2.77014   1.000 155.63957 ? 35  ASP AA N   1 
ATOM   264 C CA  . ASP A 1 35 ? 5.61434   -12.10526 3.63469   1.000 162.26033 ? 35  ASP AA CA  1 
ATOM   265 C C   . ASP A 1 35 ? 6.21938   -11.57116 4.92529   1.000 167.20577 ? 35  ASP AA C   1 
ATOM   266 O O   . ASP A 1 35 ? 7.43563   -11.36157 5.03267   1.000 167.93905 ? 35  ASP AA O   1 
ATOM   267 C CB  . ASP A 1 35 ? 6.51595   -13.14732 2.99516   1.000 171.40063 ? 35  ASP AA CB  1 
ATOM   268 C CG  . ASP A 1 35 ? 6.66543   -14.39294 3.85637   1.000 181.23722 ? 35  ASP AA CG  1 
ATOM   269 O OD1 . ASP A 1 35 ? 5.78811   -15.29543 3.83820   1.000 173.20376 ? 35  ASP AA OD1 1 
ATOM   270 O OD2 . ASP A 1 35 ? 7.73515   -14.50370 4.51445   1.000 186.85538 ? 35  ASP AA OD2 1 
ATOM   271 N N   . ASP A 1 36 ? 5.35669   -11.41809 5.92126   1.000 169.59022 ? 36  ASP AA N   1 
ATOM   272 C CA  . ASP A 1 36 ? 5.84415   -11.02718 7.23234   1.000 176.66224 ? 36  ASP AA CA  1 
ATOM   273 C C   . ASP A 1 36 ? 6.22495   -12.33152 7.90196   1.000 186.19050 ? 36  ASP AA C   1 
ATOM   274 O O   . ASP A 1 36 ? 5.40814   -13.00614 8.55675   1.000 195.50108 ? 36  ASP AA O   1 
ATOM   275 C CB  . ASP A 1 36 ? 4.80819   -10.19444 7.99240   1.000 174.83045 ? 36  ASP AA CB  1 
ATOM   276 C CG  . ASP A 1 36 ? 3.37867   -10.75697 7.94039   1.000 172.47068 ? 36  ASP AA CG  1 
ATOM   277 O OD1 . ASP A 1 36 ? 3.16644   -11.82519 7.38510   1.000 168.54771 ? 36  ASP AA OD1 1 
ATOM   278 O OD2 . ASP A 1 36 ? 2.44545   -10.07101 8.41325   1.000 175.56616 ? 36  ASP AA OD2 1 
ATOM   279 N N   . ASN A 1 37 ? 7.50135   -12.68761 7.69645   1.000 187.99823 ? 37  ASN AA N   1 
ATOM   280 C CA  . ASN A 1 37 ? 8.02457   -13.93348 8.20802   1.000 186.18003 ? 37  ASN AA CA  1 
ATOM   281 C C   . ASN A 1 37 ? 7.08698   -15.05955 7.75310   1.000 182.67335 ? 37  ASN AA C   1 
ATOM   282 O O   . ASN A 1 37 ? 6.72806   -15.13089 6.57242   1.000 179.77310 ? 37  ASN AA O   1 
ATOM   283 C CB  . ASN A 1 37 ? 8.16655   -13.71705 9.67707   1.000 197.48515 ? 37  ASN AA CB  1 
ATOM   284 C CG  . ASN A 1 37 ? 9.47508   -14.15421 10.14939  1.000 189.55170 ? 37  ASN AA CG  1 
ATOM   285 O OD1 . ASN A 1 37 ? 10.50123  -13.71766 9.60983   1.000 184.12427 ? 37  ASN AA OD1 1 
ATOM   286 N ND2 . ASN A 1 37 ? 9.49354   -14.96235 11.17880  1.000 191.13425 ? 37  ASN AA ND2 1 
ATOM   287 N N   . GLY A 1 38 ? 6.68113   -15.98007 8.61721   1.000 183.36998 ? 38  GLY AA N   1 
ATOM   288 C CA  . GLY A 1 38 ? 5.83156   -17.06628 8.15108   1.000 180.17579 ? 38  GLY AA CA  1 
ATOM   289 C C   . GLY A 1 38 ? 4.53188   -16.61461 7.52830   1.000 170.68659 ? 38  GLY AA C   1 
ATOM   290 O O   . GLY A 1 38 ? 4.07538   -17.19653 6.53142   1.000 169.10930 ? 38  GLY AA O   1 
ATOM   291 N N   . LYS A 1 39 ? 3.99043   -15.50635 8.00687   1.000 178.69548 ? 39  LYS AA N   1 
ATOM   292 C CA  . LYS A 1 39 ? 2.65483   -15.13602 7.58659   1.000 182.50688 ? 39  LYS AA CA  1 
ATOM   293 C C   . LYS A 1 39 ? 2.73644   -14.22006 6.35935   1.000 173.94503 ? 39  LYS AA C   1 
ATOM   294 O O   . LYS A 1 39 ? 3.80939   -13.86278 5.86926   1.000 175.30919 ? 39  LYS AA O   1 
ATOM   295 C CB  . LYS A 1 39 ? 1.86770   -14.46072 8.73116   1.000 180.75936 ? 39  LYS AA CB  1 
ATOM   296 N N   . THR A 1 40 ? 1.56957   -13.94480 5.79656   1.000 164.25166 ? 40  THR AA N   1 
ATOM   297 C CA  . THR A 1 40 ? 1.36668   -12.96152 4.73830   1.000 165.70794 ? 40  THR AA CA  1 
ATOM   298 C C   . THR A 1 40 ? 0.64253   -11.73057 5.31062   1.000 172.80746 ? 40  THR AA C   1 
ATOM   299 O O   . THR A 1 40 ? -0.15259  -11.84255 6.24913   1.000 177.34221 ? 40  THR AA O   1 
ATOM   300 C CB  . THR A 1 40 ? 0.57736   -13.58947 3.58966   1.000 164.36349 ? 40  THR AA CB  1 
ATOM   301 N N   . GLY A 1 41 ? 0.98510   -10.53396 4.81653   1.000 162.60734 ? 41  GLY AA N   1 
ATOM   302 C CA  . GLY A 1 41 ? 0.33122   -9.30052  5.24374   1.000 151.95589 ? 41  GLY AA CA  1 
ATOM   303 C C   . GLY A 1 41 ? -0.14691  -8.42543  4.09493   1.000 146.22613 ? 41  GLY AA C   1 
ATOM   304 O O   . GLY A 1 41 ? 0.43741   -8.44122  3.01984   1.000 145.57228 ? 41  GLY AA O   1 
ATOM   305 N N   . ARG A 1 42 ? -1.20465  -7.61904  4.32987   1.000 137.83041 ? 42  ARG AA N   1 
ATOM   306 C CA  . ARG A 1 42 ? -1.80997  -6.78429  3.28432   1.000 129.03790 ? 42  ARG AA CA  1 
ATOM   307 C C   . ARG A 1 42 ? -1.60642  -5.28784  3.52629   1.000 132.94935 ? 42  ARG AA C   1 
ATOM   308 O O   . ARG A 1 42 ? -1.54525  -4.81108  4.65494   1.000 140.27455 ? 42  ARG AA O   1 
ATOM   309 C CB  . ARG A 1 42 ? -3.33658  -7.00633  3.13620   1.000 125.14152 ? 42  ARG AA CB  1 
ATOM   310 C CG  . ARG A 1 42 ? -3.78494  -8.35434  2.44322   1.000 134.62029 ? 42  ARG AA CG  1 
ATOM   311 C CD  . ARG A 1 42 ? -5.31626  -8.71716  2.43774   1.000 133.99316 ? 42  ARG AA CD  1 
ATOM   312 N NE  . ARG A 1 42 ? -5.77790  -9.41145  1.22357   1.000 138.21516 ? 42  ARG AA NE  1 
ATOM   313 C CZ  . ARG A 1 42 ? -5.79169  -8.93037  -0.01878  1.000 131.60383 ? 42  ARG AA CZ  1 
ATOM   314 N NH1 . ARG A 1 42 ? -5.36292  -7.68748  -0.30069  1.000 130.59178 ? 42  ARG AA NH1 1 
ATOM   315 N NH2 . ARG A 1 42 ? -6.23607  -9.71067  -1.01465  1.000 123.28813 ? 42  ARG AA NH2 1 
ATOM   316 N N   . GLY A 1 43 ? -1.51810  -4.54866  2.43455   1.000 127.41802 ? 43  GLY AA N   1 
ATOM   317 C CA  . GLY A 1 43 ? -1.35315  -3.10532  2.53429   1.000 127.58572 ? 43  GLY AA CA  1 
ATOM   318 C C   . GLY A 1 43 ? -1.65280  -2.33576  1.25531   1.000 113.93910 ? 43  GLY AA C   1 
ATOM   319 O O   . GLY A 1 43 ? -1.96795  -2.92590  0.20988   1.000 115.84138 ? 43  GLY AA O   1 
ATOM   320 N N   . ALA A 1 44 ? -1.56554  -1.00185  1.31177   1.000 103.68793 ? 44  ALA AA N   1 
ATOM   321 C CA  . ALA A 1 44 ? -1.82048  -0.17926  0.13316   1.000 103.95174 ? 44  ALA AA CA  1 
ATOM   322 C C   . ALA A 1 44 ? -1.26394  1.22053   0.34840   1.000 115.48946 ? 44  ALA AA C   1 
ATOM   323 O O   . ALA A 1 44 ? -1.14664  1.69983   1.48062   1.000 123.80414 ? 44  ALA AA O   1 
ATOM   324 C CB  . ALA A 1 44 ? -3.30867  -0.16054  -0.19320  1.000 97.00977  ? 44  ALA AA CB  1 
ATOM   325 N N   . VAL A 1 45 ? -0.85028  1.82852   -0.76894  1.000 105.82167 ? 45  VAL AA N   1 
ATOM   326 C CA  . VAL A 1 45 ? -0.46587  3.24558   -0.81236  1.000 117.20602 ? 45  VAL AA CA  1 
ATOM   327 C C   . VAL A 1 45 ? -1.04282  3.93034   -2.04403  1.000 120.20669 ? 45  VAL AA C   1 
ATOM   328 O O   . VAL A 1 45 ? -1.50739  3.26618   -2.94816  1.000 121.59343 ? 45  VAL AA O   1 
ATOM   329 C CB  . VAL A 1 45 ? 1.04328   3.49541   -0.80405  1.000 117.05533 ? 45  VAL AA CB  1 
ATOM   330 C CG1 . VAL A 1 45 ? 1.74981   2.66842   0.25019   1.000 115.47299 ? 45  VAL AA CG1 1 
ATOM   331 C CG2 . VAL A 1 45 ? 1.63534   3.23718   -2.17953  1.000 113.13990 ? 45  VAL AA CG2 1 
ATOM   332 N N   . SER A 1 46 ? -0.87797  5.25630   -2.15020  1.000 125.25581 ? 46  SER AA N   1 
ATOM   333 C CA  . SER A 1 46 ? -1.23010  5.96922   -3.38060  1.000 127.27043 ? 46  SER AA CA  1 
ATOM   334 C C   . SER A 1 46 ? -0.13206  5.89220   -4.38043  1.000 131.95980 ? 46  SER AA C   1 
ATOM   335 O O   . SER A 1 46 ? 1.03411   6.04791   -4.02591  1.000 138.04967 ? 46  SER AA O   1 
ATOM   336 C CB  . SER A 1 46 ? -1.44922  7.44124   -3.11004  1.000 137.59801 ? 46  SER AA CB  1 
ATOM   337 O OG  . SER A 1 46 ? -0.21810  8.14782   -3.20702  1.000 145.00766 ? 46  SER AA OG  1 
ATOM   338 N N   . GLU A 1 47 ? -0.52566  5.82275   -5.65083  1.000 124.25128 ? 47  GLU AA N   1 
ATOM   339 C CA  . GLU A 1 47 ? 0.50069   5.76577   -6.67891  1.000 132.36480 ? 47  GLU AA CA  1 
ATOM   340 C C   . GLU A 1 47 ? 1.42287   6.97418   -6.60048  1.000 143.00910 ? 47  GLU AA C   1 
ATOM   341 O O   . GLU A 1 47 ? 2.62726   6.89820   -6.93145  1.000 143.16568 ? 47  GLU AA O   1 
ATOM   342 C CB  . GLU A 1 47 ? -0.12488  5.67111   -8.05542  1.000 127.31438 ? 47  GLU AA CB  1 
ATOM   343 C CG  . GLU A 1 47 ? 0.85578   6.01555   -9.14712  1.000 135.21947 ? 47  GLU AA CG  1 
ATOM   344 C CD  . GLU A 1 47 ? 0.73252   7.46103   -9.51596  1.000 152.16023 ? 47  GLU AA CD  1 
ATOM   345 O OE1 . GLU A 1 47 ? -0.34930  8.03975   -9.27369  1.000 158.02027 ? 47  GLU AA OE1 1 
ATOM   346 O OE2 . GLU A 1 47 ? 1.73012   8.02247   -10.00277 1.000 147.60461 ? 47  GLU AA OE2 1 
ATOM   347 N N   . LYS A 1 48 ? 0.88713   8.09165   -6.10979  1.000 143.47701 ? 48  LYS AA N   1 
ATOM   348 C CA  . LYS A 1 48 ? 1.70022   9.28693   -5.99938  1.000 146.36326 ? 48  LYS AA CA  1 
ATOM   349 C C   . LYS A 1 48 ? 2.84408   9.15792   -4.99424  1.000 150.02799 ? 48  LYS AA C   1 
ATOM   350 O O   . LYS A 1 48 ? 4.01459   9.40300   -5.33876  1.000 152.18196 ? 48  LYS AA O   1 
ATOM   351 C CB  . LYS A 1 48 ? 0.79900   10.40112  -5.54812  1.000 148.50712 ? 48  LYS AA CB  1 
ATOM   352 C CG  . LYS A 1 48 ? -0.01440  10.86026  -6.67475  1.000 157.36911 ? 48  LYS AA CG  1 
ATOM   353 C CD  . LYS A 1 48 ? -0.90515  11.95338  -6.19263  1.000 158.70359 ? 48  LYS AA CD  1 
ATOM   354 C CE  . LYS A 1 48 ? -1.31717  11.72206  -4.73784  1.000 149.85024 ? 48  LYS AA CE  1 
ATOM   355 N NZ  . LYS A 1 48 ? -2.48579  12.59181  -4.36451  1.000 169.48490 ? 48  LYS AA NZ  1 
ATOM   356 N N   . ASP A 1 49 ? 2.54291   8.56161   -3.82422  1.000 149.84866 ? 49  ASP AA N   1 
ATOM   357 C CA  . ASP A 1 49 ? 3.52946   8.41907   -2.75802  1.000 152.55459 ? 49  ASP AA CA  1 
ATOM   358 C C   . ASP A 1 49 ? 4.34877   7.14934   -2.91927  1.000 143.74510 ? 49  ASP AA C   1 
ATOM   359 O O   . ASP A 1 49 ? 4.83158   6.62289   -1.89294  1.000 178.37310 ? 49  ASP AA O   1 
ATOM   360 C CB  . ASP A 1 49 ? 2.85540   8.38761   -1.37139  1.000 143.26071 ? 49  ASP AA CB  1 
ATOM   361 C CG  . ASP A 1 49 ? 1.75966   9.43373   -1.22946  1.000 145.59106 ? 49  ASP AA CG  1 
ATOM   362 O OD1 . ASP A 1 49 ? 1.88296   10.50750  -1.84490  1.000 149.30811 ? 49  ASP AA OD1 1 
ATOM   363 O OD2 . ASP A 1 49 ? 0.81739   9.19596   -0.45042  1.000 144.73455 ? 49  ASP AA OD2 1 
ATOM   364 N N   . ALA A 1 50 ? 4.43003   6.61272   -4.17210  1.000 132.16751 ? 50  ALA AA N   1 
ATOM   365 C CA  . ALA A 1 50 ? 5.13182   5.34683   -4.20669  1.000 139.72218 ? 50  ALA AA CA  1 
ATOM   366 C C   . ALA A 1 50 ? 6.56589   5.47072   -4.69235  1.000 142.24837 ? 50  ALA AA C   1 
ATOM   367 O O   . ALA A 1 50 ? 6.82373   6.21405   -5.64618  1.000 140.58516 ? 50  ALA AA O   1 
ATOM   368 C CB  . ALA A 1 50 ? 4.38175   4.45997   -5.13823  1.000 137.88839 ? 50  ALA AA CB  1 
ATOM   369 N N   . PRO A 1 51 ? 7.47002   4.69588   -4.08725  1.000 125.72309 ? 51  PRO AA N   1 
ATOM   370 C CA  . PRO A 1 51 ? 8.86672   4.70813   -4.53028  1.000 126.71869 ? 51  PRO AA CA  1 
ATOM   371 C C   . PRO A 1 51 ? 9.07494   4.05730   -5.87936  1.000 127.95214 ? 51  PRO AA C   1 
ATOM   372 O O   . PRO A 1 51 ? 8.21516   3.34082   -6.36235  1.000 127.62505 ? 51  PRO AA O   1 
ATOM   373 C CB  . PRO A 1 51 ? 9.59926   3.93609   -3.43589  1.000 125.32865 ? 51  PRO AA CB  1 
ATOM   374 C CG  . PRO A 1 51 ? 8.58062   3.21552   -2.71401  1.000 118.22932 ? 51  PRO AA CG  1 
ATOM   375 C CD  . PRO A 1 51 ? 7.30851   3.98878   -2.79643  1.000 120.62913 ? 51  PRO AA CD  1 
ATOM   376 N N   . LYS A 1 52 ? 10.16558  4.43338   -6.53675  1.000 138.72252 ? 52  LYS AA N   1 
ATOM   377 C CA  . LYS A 1 52 ? 10.39805  3.98725   -7.90022  1.000 135.09613 ? 52  LYS AA CA  1 
ATOM   378 C C   . LYS A 1 52 ? 10.50565  2.46879   -8.01386  1.000 133.73101 ? 52  LYS AA C   1 
ATOM   379 O O   . LYS A 1 52 ? 9.81204   1.87186   -8.83657  1.000 133.57902 ? 52  LYS AA O   1 
ATOM   380 C CB  . LYS A 1 52 ? 11.66970  4.59346   -8.44241  1.000 127.61547 ? 52  LYS AA CB  1 
ATOM   381 C CG  . LYS A 1 52 ? 11.91666  3.95506   -9.77737  1.000 122.34086 ? 52  LYS AA CG  1 
ATOM   382 C CD  . LYS A 1 52 ? 13.21223  4.37811   -10.28271 1.000 129.71335 ? 52  LYS AA CD  1 
ATOM   383 C CE  . LYS A 1 52 ? 13.43789  3.95886   -11.72839 1.000 134.02617 ? 52  LYS AA CE  1 
ATOM   384 N NZ  . LYS A 1 52 ? 13.66192  2.51280   -11.98076 1.000 138.71699 ? 52  LYS AA NZ  1 
ATOM   385 N N   . GLU A 1 53 ? 11.25838  1.81567   -7.12789  1.000 143.07089 ? 53  GLU AA N   1 
ATOM   386 C CA  . GLU A 1 53 ? 11.45563  0.37532   -7.24349  1.000 145.48939 ? 53  GLU AA CA  1 
ATOM   387 C C   . GLU A 1 53 ? 10.15996  -0.36013  -7.33697  1.000 137.64796 ? 53  GLU AA C   1 
ATOM   388 O O   . GLU A 1 53 ? 9.99231   -1.26837  -8.15456  1.000 141.49019 ? 53  GLU AA O   1 
ATOM   389 C CB  . GLU A 1 53 ? 12.17941  -0.11865  -6.03955  1.000 143.95863 ? 53  GLU AA CB  1 
ATOM   390 C CG  . GLU A 1 53 ? 12.14940  -1.55920  -5.95303  1.000 145.18494 ? 53  GLU AA CG  1 
ATOM   391 C CD  . GLU A 1 53 ? 13.12037  -2.19813  -6.85977  1.000 156.40960 ? 53  GLU AA CD  1 
ATOM   392 O OE1 . GLU A 1 53 ? 13.52764  -1.55362  -7.83492  1.000 152.30645 ? 53  GLU AA OE1 1 
ATOM   393 O OE2 . GLU A 1 53 ? 13.53819  -3.31824  -6.52886  1.000 160.30872 ? 53  GLU AA OE2 1 
ATOM   394 N N   . LEU A 1 54 ? 9.21792   0.07891   -6.54569  1.000 127.17583 ? 54  LEU AA N   1 
ATOM   395 C CA  . LEU A 1 54 ? 7.87158   -0.45797  -6.54428  1.000 128.55375 ? 54  LEU AA CA  1 
ATOM   396 C C   . LEU A 1 54 ? 7.14913   -0.27705  -7.86859  1.000 135.42456 ? 54  LEU AA C   1 
ATOM   397 O O   . LEU A 1 54 ? 6.78313   -1.25904  -8.53002  1.000 136.06781 ? 54  LEU AA O   1 
ATOM   398 C CB  . LEU A 1 54 ? 7.10932   0.33994   -5.52697  1.000 123.07035 ? 54  LEU AA CB  1 
ATOM   399 C CG  . LEU A 1 54 ? 5.74086   -0.23603  -5.30133  1.000 123.73137 ? 54  LEU AA CG  1 
ATOM   400 C CD1 . LEU A 1 54 ? 5.94889   -1.50463  -4.62971  1.000 131.59331 ? 54  LEU AA CD1 1 
ATOM   401 C CD2 . LEU A 1 54 ? 5.01581   0.77713   -4.45035  1.000 138.62870 ? 54  LEU AA CD2 1 
ATOM   402 N N   . LEU A 1 55 ? 7.14185   0.95460   -8.36426  1.000 146.41455 ? 55  LEU AA N   1 
ATOM   403 C CA  . LEU A 1 55 ? 6.41788   1.27295   -9.57815  1.000 143.96531 ? 55  LEU AA CA  1 
ATOM   404 C C   . LEU A 1 55 ? 6.95445   0.41863   -10.71680 1.000 148.14970 ? 55  LEU AA C   1 
ATOM   405 O O   . LEU A 1 55 ? 6.18166   -0.10188  -11.53458 1.000 148.75911 ? 55  LEU AA O   1 
ATOM   406 C CB  . LEU A 1 55 ? 6.51607   2.80916   -9.79496  1.000 144.89109 ? 55  LEU AA CB  1 
ATOM   407 C CG  . LEU A 1 55 ? 5.81756   3.84780   -8.84163  1.000 136.07534 ? 55  LEU AA CG  1 
ATOM   408 C CD1 . LEU A 1 55 ? 6.31554   5.29437   -8.89197  1.000 139.39058 ? 55  LEU AA CD1 1 
ATOM   409 C CD2 . LEU A 1 55 ? 4.33219   3.94564   -9.10765  1.000 136.52592 ? 55  LEU AA CD2 1 
ATOM   410 N N   . ASP A 1 56 ? 8.24779   0.14846   -10.67301 1.000 141.99992 ? 56  ASP AA N   1 
ATOM   411 C CA  . ASP A 1 56 ? 8.84819   -0.73906  -11.64493 1.000 146.46896 ? 56  ASP AA CA  1 
ATOM   412 C C   . ASP A 1 56 ? 8.34398   -2.16413  -11.45847 1.000 151.56454 ? 56  ASP AA C   1 
ATOM   413 O O   . ASP A 1 56 ? 7.95409   -2.80958  -12.44076 1.000 156.73893 ? 56  ASP AA O   1 
ATOM   414 C CB  . ASP A 1 56 ? 10.36266  -0.63846  -11.48441 1.000 151.32239 ? 56  ASP AA CB  1 
ATOM   415 C CG  . ASP A 1 56 ? 10.89561  0.65682   -12.02375 1.000 148.89107 ? 56  ASP AA CG  1 
ATOM   416 O OD1 . ASP A 1 56 ? 10.09608  1.41471   -12.60416 1.000 150.15869 ? 56  ASP AA OD1 1 
ATOM   417 O OD2 . ASP A 1 56 ? 12.08347  0.93723   -11.79076 1.000 147.92655 ? 56  ASP AA OD2 1 
ATOM   418 N N   . MET A 1 57 ? 8.22234   -2.63273  -10.21119 1.000 143.23225 ? 57  MET AA N   1 
ATOM   419 C CA  . MET A 1 57 ? 7.63792   -3.95254  -10.00108 1.000 147.64017 ? 57  MET AA CA  1 
ATOM   420 C C   . MET A 1 57 ? 6.28181   -4.05116  -10.66749 1.000 151.72011 ? 57  MET AA C   1 
ATOM   421 O O   . MET A 1 57 ? 5.99080   -5.01179  -11.39654 1.000 162.37685 ? 57  MET AA O   1 
ATOM   422 C CB  . MET A 1 57 ? 7.53478   -4.22777  -8.51385  1.000 149.53612 ? 57  MET AA CB  1 
ATOM   423 C CG  . MET A 1 57 ? 8.87808   -4.13999  -7.85573  1.000 151.55275 ? 57  MET AA CG  1 
ATOM   424 S SD  . MET A 1 57 ? 8.86378   -4.36931  -6.11254  1.000 148.30688 ? 57  MET AA SD  1 
ATOM   425 C CE  . MET A 1 57 ? 8.17584   -6.02606  -6.05136  1.000 136.20205 ? 57  MET AA CE  1 
ATOM   426 N N   . LEU A 1 58 ? 5.46339   -3.00193  -10.51968 1.000 144.28075 ? 58  LEU AA N   1 
ATOM   427 C CA  . LEU A 1 58 ? 4.13295   -2.99486  -11.13494 1.000 144.03707 ? 58  LEU AA CA  1 
ATOM   428 C C   . LEU A 1 58 ? 4.16736   -3.10884  -12.66860 1.000 153.72667 ? 58  LEU AA C   1 
ATOM   429 O O   . LEU A 1 58 ? 3.48932   -3.96057  -13.28436 1.000 161.90921 ? 58  LEU AA O   1 
ATOM   430 C CB  . LEU A 1 58 ? 3.35492   -1.73089  -10.75666 1.000 142.14133 ? 58  LEU AA CB  1 
ATOM   431 C CG  . LEU A 1 58 ? 1.92345   -1.71671  -11.34233 1.000 145.17133 ? 58  LEU AA CG  1 
ATOM   432 C CD1 . LEU A 1 58 ? 1.22934   -3.06730  -11.29304 1.000 148.08108 ? 58  LEU AA CD1 1 
ATOM   433 C CD2 . LEU A 1 58 ? 1.09909   -0.67605  -10.63481 1.000 146.53845 ? 58  LEU AA CD2 1 
ATOM   434 N N   . ALA A 1 59 ? 4.97151   -2.24203  -13.30270 1.000 149.39878 ? 59  ALA AA N   1 
ATOM   435 C CA  . ALA A 1 59 ? 5.07966   -2.28195  -14.76985 1.000 156.34858 ? 59  ALA AA CA  1 
ATOM   436 C C   . ALA A 1 59 ? 5.44280   -3.67767  -15.24894 1.000 163.96177 ? 59  ALA AA C   1 
ATOM   437 O O   . ALA A 1 59 ? 4.79555   -4.25444  -16.14570 1.000 166.79903 ? 59  ALA AA O   1 
ATOM   438 C CB  . ALA A 1 59 ? 6.17077   -1.31568  -15.29086 1.000 151.16260 ? 59  ALA AA CB  1 
ATOM   439 N N   . ARG A 1 60 ? 6.36607   -4.28662  -14.51575 1.000 155.32430 ? 60  ARG AA N   1 
ATOM   440 C CA  . ARG A 1 60 ? 6.78336   -5.62628  -14.81154 1.000 159.09924 ? 60  ARG AA CA  1 
ATOM   441 C C   . ARG A 1 60 ? 5.57347   -6.51049  -14.81259 1.000 169.42281 ? 60  ARG AA C   1 
ATOM   442 O O   . ARG A 1 60 ? 5.36100   -7.31558  -15.72051 1.000 176.25724 ? 60  ARG AA O   1 
ATOM   443 C CB  . ARG A 1 60 ? 7.73812   -6.07129  -13.70887 1.000 157.15518 ? 60  ARG AA CB  1 
ATOM   444 C CG  . ARG A 1 60 ? 9.06710   -5.45559  -13.80666 1.000 162.58387 ? 60  ARG AA CG  1 
ATOM   445 C CD  . ARG A 1 60 ? 9.97595   -5.73106  -12.61871 1.000 171.04463 ? 60  ARG AA CD  1 
ATOM   446 N NE  . ARG A 1 60 ? 10.85568  -4.61157  -12.23122 1.000 172.82456 ? 60  ARG AA NE  1 
ATOM   447 C CZ  . ARG A 1 60 ? 11.21599  -4.29206  -10.98699 1.000 170.16058 ? 60  ARG AA CZ  1 
ATOM   448 N NH1 . ARG A 1 60 ? 10.79255  -4.96840  -9.95407  1.000 163.13875 ? 60  ARG AA NH1 1 
ATOM   449 N NH2 . ARG A 1 60 ? 12.11243  -3.32677  -10.77991 1.000 166.08553 ? 60  ARG AA NH2 1 
ATOM   450 N N   . ALA A 1 61 ? 4.75229   -6.35345  -13.78718 1.000 158.83733 ? 61  ALA AA N   1 
ATOM   451 C CA  . ALA A 1 61 ? 3.61849   -7.24669  -13.64972 1.000 159.84032 ? 61  ALA AA CA  1 
ATOM   452 C C   . ALA A 1 61 ? 2.61454   -7.16311  -14.77508 1.000 164.20085 ? 61  ALA AA C   1 
ATOM   453 O O   . ALA A 1 61 ? 2.20356   -8.21509  -15.26550 1.000 168.67198 ? 61  ALA AA O   1 
ATOM   454 C CB  . ALA A 1 61 ? 2.91089   -6.94862  -12.33551 1.000 158.18124 ? 61  ALA AA CB  1 
ATOM   455 N N   . GLU A 1 62 ? 2.51381   -6.04160  -15.44402 1.000 168.77217 ? 62  GLU AA N   1 
ATOM   456 C CA  . GLU A 1 62 ? 1.53608   -6.03659  -16.52952 1.000 173.77017 ? 62  GLU AA CA  1 
ATOM   457 C C   . GLU A 1 62 ? 2.08195   -6.61555  -17.81668 1.000 177.06961 ? 62  GLU AA C   1 
ATOM   458 O O   . GLU A 1 62 ? 1.35450   -6.68303  -18.83430 1.000 177.93168 ? 62  GLU AA O   1 
ATOM   459 C CB  . GLU A 1 62 ? 0.99442   -4.61669  -16.68507 1.000 173.41214 ? 62  GLU AA CB  1 
ATOM   460 C CG  . GLU A 1 62 ? 0.37633   -4.21556  -15.35215 1.000 162.70453 ? 62  GLU AA CG  1 
ATOM   461 C CD  . GLU A 1 62 ? 0.02706   -2.76905  -15.29642 1.000 156.77146 ? 62  GLU AA CD  1 
ATOM   462 O OE1 . GLU A 1 62 ? 0.97537   -1.99108  -15.48138 1.000 158.16757 ? 62  GLU AA OE1 1 
ATOM   463 O OE2 . GLU A 1 62 ? -1.13706  -2.40637  -15.06497 1.000 147.39323 ? 62  GLU AA OE2 1 
ATOM   464 N N   . ARG A 1 63 ? 3.28546   -7.16339  -17.69873 1.000 171.01965 ? 63  ARG AA N   1 
ATOM   465 C CA  . ARG A 1 63 ? 3.98222   -7.78763  -18.76746 1.000 163.69596 ? 63  ARG AA CA  1 
ATOM   466 C C   . ARG A 1 63 ? 4.04382   -6.72891  -19.83919 1.000 169.03832 ? 63  ARG AA C   1 
ATOM   467 O O   . ARG A 1 63 ? 4.83883   -5.80125  -19.68544 1.000 168.99935 ? 63  ARG AA O   1 
ATOM   468 C CB  . ARG A 1 63 ? 3.26865   -9.05292  -19.29424 1.000 157.32551 ? 63  ARG AA CB  1 
ATOM   469 C CG  . ARG A 1 63 ? 3.18540   -10.28012 -18.32997 1.000 146.36099 ? 63  ARG AA CG  1 
ATOM   470 C CD  . ARG A 1 63 ? 2.02981   -10.12008 -17.38223 1.000 150.98865 ? 63  ARG AA CD  1 
ATOM   471 N NE  . ARG A 1 63 ? 0.97504   -9.42432  -18.08699 1.000 155.81576 ? 63  ARG AA NE  1 
ATOM   472 C CZ  . ARG A 1 63 ? 0.10852   -10.01063 -18.89488 1.000 159.40395 ? 63  ARG AA CZ  1 
ATOM   473 N NH1 . ARG A 1 63 ? 0.13075   -11.30835 -19.09637 1.000 155.77292 ? 63  ARG AA NH1 1 
ATOM   474 N NH2 . ARG A 1 63 ? -0.75186  -9.25161  -19.55030 1.000 161.12098 ? 63  ARG AA NH2 1 
HETATM 475 C C   . GOA B 2 1  ? -8.22463  -4.58085  -3.35677  1.000 93.57770  ? 101 GOA A  C   1 
HETATM 476 C CA  . GOA B 2 1  ? -9.30949  -4.70704  -4.46121  1.000 87.85036  ? 101 GOA A  CA  1 
HETATM 477 O O   . GOA B 2 1  ? -7.07375  -4.19580  -3.62322  1.000 91.21417  ? 101 GOA A  O   1 
HETATM 478 O O2  . GOA B 2 1  ? -10.70864 -4.88667  -4.05895  1.000 93.91348  ? 101 GOA A  O2  1 
HETATM 479 C C   . V4F B 2 2  ? -12.26619 -3.62696  -1.26981  1.000 95.47592  ? 102 V4F A  C   1 
HETATM 480 C CAF . V4F B 2 2  ? -11.77673 -6.04498  1.48145   1.000 107.92637 ? 102 V4F A  CAF 1 
HETATM 481 C CAD . V4F B 2 2  ? -12.39201 -5.21141  0.54225   1.000 108.11236 ? 102 V4F A  CAD 1 
HETATM 482 C CAE . V4F B 2 2  ? -11.66754 -4.58449  -0.47340  1.000 102.63324 ? 102 V4F A  CAE 1 
HETATM 483 C CAL . V4F B 2 2  ? -10.40333 -6.28019  1.31109   1.000 102.42872 ? 102 V4F A  CAL 1 
HETATM 484 C CAM . V4F B 2 2  ? -9.75678  -5.60427  0.28207   1.000 105.19920 ? 102 V4F A  CAM 1 
HETATM 485 C CAJ . V4F B 2 2  ? -8.40513  -5.78068  0.07091   1.000 107.16974 ? 102 V4F A  CAJ 1 
HETATM 486 C CAK . V4F B 2 2  ? -7.71489  -6.63211  0.90026   1.000 105.07963 ? 102 V4F A  CAK 1 
HETATM 487 C CAG . V4F B 2 2  ? -8.31817  -7.32487  1.93337   1.000 107.15390 ? 102 V4F A  CAG 1 
HETATM 488 C CAI . V4F B 2 2  ? -9.65080  -7.13264  2.09852   1.000 104.58113 ? 102 V4F A  CAI 1 
HETATM 489 C C01 . V4F B 2 2  ? -12.06294 -7.47883  3.56510   1.000 121.25006 ? 102 V4F A  C01 1 
HETATM 490 C CA  . V4F B 2 2  ? -7.70738  -5.10654  -0.95952  1.000 100.55784 ? 102 V4F A  CA  1 
HETATM 491 N NAH . V4F B 2 2  ? -10.35626 -4.73355  -0.52281  1.000 101.44544 ? 102 V4F A  NAH 1 
HETATM 492 N N   . V4F B 2 2  ? -8.58187  -5.11086  -2.16106  1.000 96.92839  ? 102 V4F A  N   1 
HETATM 493 O O   . V4F B 2 2  ? -13.47862 -3.51173  -1.25395  1.000 93.83144  ? 102 V4F A  O   1 
HETATM 494 O O01 . V4F B 2 2  ? -12.56360 -6.62710  2.50699   1.000 115.37532 ? 102 V4F A  O01 1 
HETATM 495 O O3  . V4F B 2 2  ? -13.83406 -9.00349  4.12974   1.000 132.34210 ? 102 V4F A  O3  1 
HETATM 496 O O2  . V4F B 2 2  ? -13.93805 -6.75013  5.26391   1.000 120.63531 ? 102 V4F A  O2  1 
HETATM 497 O O1  . V4F B 2 2  ? -12.05163 -8.22419  5.73113   1.000 135.54807 ? 102 V4F A  O1  1 
HETATM 498 P P   . V4F B 2 2  ? -13.12953 -7.90102  4.79164   1.000 139.02249 ? 102 V4F A  P   1 
HETATM 499 C C   . V53 B 2 3  ? -7.47173  -0.60307  -2.21606  1.000 74.52650  ? 103 V53 A  C   1 
HETATM 500 C CAF . V53 B 2 3  ? -10.08775 0.95436   -4.36970  1.000 84.51138  ? 103 V53 A  CAF 1 
HETATM 501 C CAD . V53 B 2 3  ? -8.82043  0.70807   -3.78784  1.000 80.59874  ? 103 V53 A  CAD 1 
HETATM 502 C CAJ . V53 B 2 3  ? -8.67096  -0.35381  -2.88798  1.000 71.39836  ? 103 V53 A  CAJ 1 
HETATM 503 C CAL . V53 B 2 3  ? -11.11603 0.12464   -4.02618  1.000 74.09608  ? 103 V53 A  CAL 1 
HETATM 504 C CAM . V53 B 2 3  ? -10.85986 -0.91378  -3.14673  1.000 71.18123  ? 103 V53 A  CAM 1 
HETATM 505 C CA  . V53 B 2 3  ? -11.86436 -1.71106  -2.67569  1.000 77.43885  ? 103 V53 A  CA  1 
HETATM 506 C CAK . V53 B 2 3  ? -13.11100 -1.58136  -3.28020  1.000 72.41607  ? 103 V53 A  CAK 1 
HETATM 507 C CAG . V53 B 2 3  ? -13.36980 -0.55217  -4.20616  1.000 71.53281  ? 103 V53 A  CAG 1 
HETATM 508 C CAI . V53 B 2 3  ? -12.36332 0.33778   -4.60388  1.000 72.99918  ? 103 V53 A  CAI 1 
HETATM 509 C C01 . V53 B 2 3  ? -9.42515  2.78208   -5.60082  1.000 96.49958  ? 103 V53 A  C01 1 
HETATM 510 N NAH . V53 B 2 3  ? -9.69581  -1.07990  -2.54894  1.000 73.07595  ? 103 V53 A  NAH 1 
HETATM 511 N N   . V53 B 2 3  ? -11.44966 -2.71369  -1.86651  1.000 89.81266  ? 103 V53 A  N   1 
HETATM 512 O O   . V53 B 2 3  ? -6.42040  -0.08971  -2.60374  1.000 76.66263  ? 103 V53 A  O   1 
HETATM 513 O O01 . V53 B 2 3  ? -10.49729 1.93688   -5.26972  1.000 90.45150  ? 103 V53 A  O01 1 
HETATM 514 O O1  . V53 B 2 3  ? -8.78826  4.30111   -7.16031  1.000 100.39088 ? 103 V53 A  O1  1 
HETATM 515 O O2  . V53 B 2 3  ? -11.16115 3.50643   -7.27564  1.000 96.42468  ? 103 V53 A  O2  1 
HETATM 516 O O3  . V53 B 2 3  ? -10.40409 5.00229   -5.40061  1.000 108.65984 ? 103 V53 A  O3  1 
HETATM 517 P P   . V53 B 2 3  ? -10.04418 4.04963   -6.45252  1.000 113.66923 ? 103 V53 A  P   1 
HETATM 518 C C   . V4F B 2 4  ? -10.86403 -1.85252  1.64042   1.000 99.17241  ? 104 V4F A  C   1 
HETATM 519 C CAF . V4F B 2 4  ? -8.41556  -4.12951  3.25892   1.000 105.07827 ? 104 V4F A  CAF 1 
HETATM 520 C CAD . V4F B 2 4  ? -9.63203  -3.50210  2.96250   1.000 103.33362 ? 104 V4F A  CAD 1 
HETATM 521 C CAE . V4F B 2 4  ? -9.67543  -2.53068  1.95103   1.000 97.65788  ? 104 V4F A  CAE 1 
HETATM 522 C CAL . V4F B 2 4  ? -7.33194  -3.80748  2.42780   1.000 101.50634 ? 104 V4F A  CAL 1 
HETATM 523 C CAM . V4F B 2 4  ? -7.43746  -2.89038  1.36440   1.000 93.57832  ? 104 V4F A  CAM 1 
HETATM 524 C CAJ . V4F B 2 4  ? -6.30298  -2.44281  0.65170   1.000 89.43447  ? 104 V4F A  CAJ 1 
HETATM 525 C CAK . V4F B 2 4  ? -5.12310  -3.14503  0.81954   1.000 99.14699  ? 104 V4F A  CAK 1 
HETATM 526 C CAG . V4F B 2 4  ? -5.01361  -4.10161  1.83087   1.000 111.66522 ? 104 V4F A  CAG 1 
HETATM 527 C CAI . V4F B 2 4  ? -6.10737  -4.43162  2.64117   1.000 108.68607 ? 104 V4F A  CAI 1 
HETATM 528 C C01 . V4F B 2 4  ? -9.30723  -5.67099  5.01418   1.000 118.38565 ? 104 V4F A  C01 1 
HETATM 529 C CA  . V4F B 2 4  ? -6.31539  -1.63412  -0.48018  1.000 90.83914  ? 104 V4F A  CA  1 
HETATM 530 N NAH . V4F B 2 4  ? -8.59537  -2.22381  1.23446   1.000 92.13737  ? 104 V4F A  NAH 1 
HETATM 531 N N   . V4F B 2 4  ? -7.49572  -1.40691  -1.10791  1.000 87.05554  ? 104 V4F A  N   1 
HETATM 532 O O   . V4F B 2 4  ? -11.90504 -2.22183  2.15943   1.000 106.52872 ? 104 V4F A  O   1 
HETATM 533 O O01 . V4F B 2 4  ? -8.17592  -5.14975  4.20966   1.000 106.74464 ? 104 V4F A  O01 1 
HETATM 534 O O3  . V4F B 2 4  ? -8.52043  -8.15811  5.61197   1.000 127.70212 ? 104 V4F A  O3  1 
HETATM 535 O O2  . V4F B 2 4  ? -10.06075 -6.99160  7.09725   1.000 132.76012 ? 104 V4F A  O2  1 
HETATM 536 O O1  . V4F B 2 4  ? -7.71028  -6.24370  6.97638   1.000 134.44424 ? 104 V4F A  O1  1 
HETATM 537 P P   . V4F B 2 4  ? -8.84045  -6.87646  6.30803   1.000 133.68499 ? 104 V4F A  P   1 
HETATM 538 C C   . V53 B 2 5  ? -8.51245  2.81116   -1.33679  1.000 76.17787  ? 105 V53 A  C   1 
HETATM 539 C CAF . V53 B 2 5  ? -12.12516 2.86729   -1.88844  1.000 86.85983  ? 105 V53 A  CAF 1 
HETATM 540 C CAD . V53 B 2 5  ? -10.77723 3.20910   -2.01680  1.000 79.51727  ? 105 V53 A  CAD 1 
HETATM 541 C CAJ . V53 B 2 5  ? -9.83337  2.40111   -1.37703  1.000 75.44199  ? 105 V53 A  CAJ 1 
HETATM 542 C CAL . V53 B 2 5  ? -12.45659 1.75729   -1.13845  1.000 80.09269  ? 105 V53 A  CAL 1 
HETATM 543 C CAM . V53 B 2 5  ? -11.46673 1.02590   -0.49307  1.000 75.99030  ? 105 V53 A  CAM 1 
HETATM 544 C CA  . V53 B 2 5  ? -11.79092 -0.00603  0.37635   1.000 81.26187  ? 105 V53 A  CA  1 
HETATM 545 C CAK . V53 B 2 5  ? -13.11550 -0.41952  0.38661   1.000 82.25117  ? 105 V53 A  CAK 1 
HETATM 546 C CAG . V53 B 2 5  ? -14.10977 0.29535   -0.26210  1.000 84.08425  ? 105 V53 A  CAG 1 
HETATM 547 C CAI . V53 B 2 5  ? -13.79153 1.40324   -1.04178  1.000 86.35291  ? 105 V53 A  CAI 1 
HETATM 548 C C01 . V53 B 2 5  ? -12.94283 4.57537   -3.35208  1.000 108.41367 ? 105 V53 A  C01 1 
HETATM 549 N NAH . V53 B 2 5  ? -10.20061 1.42153   -0.56216  1.000 67.79474  ? 105 V53 A  NAH 1 
HETATM 550 N N   . V53 B 2 5  ? -10.77226 -0.78640  0.79800   1.000 90.49982  ? 105 V53 A  N   1 
HETATM 551 O O   . V53 B 2 5  ? -8.03922  3.51269   -2.24135  1.000 79.51707  ? 105 V53 A  O   1 
HETATM 552 O O01 . V53 B 2 5  ? -13.21475 3.46846   -2.49398  1.000 94.35375  ? 105 V53 A  O01 1 
HETATM 553 O O1  . V53 B 2 5  ? -13.74492 6.15748   -4.92516  1.000 132.21733 ? 105 V53 A  O1  1 
HETATM 554 O O2  . V53 B 2 5  ? -15.37491 4.31334   -4.63133  1.000 131.74408 ? 105 V53 A  O2  1 
HETATM 555 O O3  . V53 B 2 5  ? -14.96524 5.91809   -2.77818  1.000 129.68261 ? 105 V53 A  O3  1 
HETATM 556 P P   . V53 B 2 5  ? -14.46806 5.25988   -4.00130  1.000 138.10950 ? 105 V53 A  P   1 
HETATM 557 C C   . V5F B 2 6  ? -7.62696  0.91577   4.23226   1.000 86.18190  ? 106 V5F A  C   1 
HETATM 558 C C6  . V5F B 2 6  ? -6.51838  1.04298   3.28321   1.000 83.36951  ? 106 V5F A  C6  1 
HETATM 559 C C2  . V5F B 2 6  ? -4.83062  2.31790   1.81700   1.000 79.33577  ? 106 V5F A  C2  1 
HETATM 560 C C1  . V5F B 2 6  ? -6.11685  2.08598   1.32624   1.000 71.47510  ? 106 V5F A  C1  1 
HETATM 561 C CA  . V5F B 2 6  ? -6.56354  2.61152   0.12707   1.000 69.06981  ? 106 V5F A  CA  1 
HETATM 562 C C5  . V5F B 2 6  ? -5.63044  3.21814   -0.67510  1.000 70.30849  ? 106 V5F A  C5  1 
HETATM 563 C C4  . V5F B 2 6  ? -4.32707  3.40507   -0.24460  1.000 87.45210  ? 106 V5F A  C4  1 
HETATM 564 C C3  . V5F B 2 6  ? -3.90089  2.96084   1.00936   1.000 89.79253  ? 106 V5F A  C3  1 
HETATM 565 C CB  . V5F B 2 6  ? -6.05515  -0.38558  3.11791   1.000 92.13770  ? 106 V5F A  CB  1 
HETATM 566 N N   . V5F B 2 6  ? -7.87031  2.36441   -0.19014  1.000 64.49059  ? 106 V5F A  N   1 
HETATM 567 O O   . V5F B 2 6  ? -7.36701  0.68207   5.40336   1.000 91.77578  ? 106 V5F A  O   1 
HETATM 568 O O1  . V5F B 2 6  ? -7.09103  1.55341   2.09853   1.000 80.04435  ? 106 V5F A  O1  1 
HETATM 569 C C   . V4F B 2 7  ? -10.63430 4.31363   1.36707   1.000 80.61594  ? 107 V4F A  C   1 
HETATM 570 C CAF . V4F B 2 7  ? -13.66571 2.59238   2.12664   1.000 88.85062  ? 107 V4F A  CAF 1 
HETATM 571 C CAD . V4F B 2 7  ? -12.87407 3.53184   1.53367   1.000 79.60200  ? 107 V4F A  CAD 1 
HETATM 572 C CAE . V4F B 2 7  ? -11.53417 3.46820   1.90091   1.000 82.62656  ? 107 V4F A  CAE 1 
HETATM 573 C CAL . V4F B 2 7  ? -13.15011 1.70478   3.06741   1.000 90.38644  ? 107 V4F A  CAL 1 
HETATM 574 C CAM . V4F B 2 7  ? -11.80252 1.71186   3.40136   1.000 89.31711  ? 107 V4F A  CAM 1 
HETATM 575 C CAJ . V4F B 2 7  ? -11.24839 0.83228   4.32693   1.000 94.25749  ? 107 V4F A  CAJ 1 
HETATM 576 C CAK . V4F B 2 7  ? -12.06082 -0.08211  4.94718   1.000 101.65596 ? 107 V4F A  CAK 1 
HETATM 577 C CAG . V4F B 2 7  ? -13.40738 -0.09967  4.61349   1.000 112.89596 ? 107 V4F A  CAG 1 
HETATM 578 C CAI . V4F B 2 7  ? -13.96144 0.77910   3.68260   1.000 95.59730  ? 107 V4F A  CAI 1 
HETATM 579 C C01 . V4F B 2 7  ? -15.46467 3.50403   0.94366   1.000 94.80195  ? 107 V4F A  C01 1 
HETATM 580 C CA  . V4F B 2 7  ? -9.92087  0.84462   4.72754   1.000 91.47776  ? 107 V4F A  CA  1 
HETATM 581 N NAH . V4F B 2 7  ? -11.03403 2.63776   2.84207   1.000 83.71934  ? 107 V4F A  NAH 1 
HETATM 582 N N   . V4F B 2 7  ? -8.86431  0.97853   3.72692   1.000 85.92310  ? 107 V4F A  N   1 
HETATM 583 O O   . V4F B 2 7  ? -11.02941 4.97723   0.41603   1.000 82.10884  ? 107 V4F A  O   1 
HETATM 584 O O01 . V4F B 2 7  ? -14.98264 2.53023   1.85664   1.000 95.19408  ? 107 V4F A  O01 1 
HETATM 585 O O3  . V4F B 2 7  ? -17.65147 2.47933   1.07688   1.000 113.26262 ? 107 V4F A  O3  1 
HETATM 586 O O2  . V4F B 2 7  ? -17.49396 4.93577   0.60494   1.000 107.18988 ? 107 V4F A  O2  1 
HETATM 587 O O1  . V4F B 2 7  ? -17.15914 4.08649   2.89482   1.000 123.73652 ? 107 V4F A  O1  1 
HETATM 588 P P   . V4F B 2 7  ? -17.12756 3.78430   1.45730   1.000 116.43384 ? 107 V4F A  P   1 
HETATM 589 C C   . V53 B 2 8  ? -6.58973  4.01365   5.92000   1.000 95.14263  ? 108 V53 A  C   1 
HETATM 590 C CAF . V53 B 2 8  ? -4.83258  5.59099   3.15636   1.000 81.95469  ? 108 V53 A  CAF 1 
HETATM 591 C CAD . V53 B 2 8  ? -5.07455  5.04054   4.41125   1.000 80.93946  ? 108 V53 A  CAD 1 
HETATM 592 C CAJ . V53 B 2 8  ? -6.32753  4.45579   4.64274   1.000 83.85215  ? 108 V53 A  CAJ 1 
HETATM 593 C CAL . V53 B 2 8  ? -5.94577  5.55371   2.23688   1.000 71.08673  ? 108 V53 A  CAL 1 
HETATM 594 C CAM . V53 B 2 8  ? -7.18837  4.95551   2.57431   1.000 73.26042  ? 108 V53 A  CAM 1 
HETATM 595 C CA  . V53 B 2 8  ? -8.37645  5.02016   1.77291   1.000 72.68305  ? 108 V53 A  CA  1 
HETATM 596 C CAK . V53 B 2 8  ? -8.22625  5.42014   0.46420   1.000 77.81812  ? 108 V53 A  CAK 1 
HETATM 597 C CAG . V53 B 2 8  ? -6.99747  5.98218   0.10993   1.000 81.25866  ? 108 V53 A  CAG 1 
HETATM 598 C CAI . V53 B 2 8  ? -5.87642  6.06522   0.95548   1.000 68.00702  ? 108 V53 A  CAI 1 
HETATM 599 C C01 . V53 B 2 8  ? -2.47596  6.22833   3.86773   1.000 100.63103 ? 108 V53 A  C01 1 
HETATM 600 N NAH . V53 B 2 8  ? -7.35260  4.51717   3.80714   1.000 83.71288  ? 108 V53 A  NAH 1 
HETATM 601 N N   . V53 B 2 8  ? -9.47111  4.28703   2.05719   1.000 72.56353  ? 108 V53 A  N   1 
HETATM 602 O O   . V53 B 2 8  ? -5.63725  3.80799   6.68682   1.000 104.59394 ? 108 V53 A  O   1 
HETATM 603 O O01 . V53 B 2 8  ? -3.53576  6.19184   2.86295   1.000 92.52866  ? 108 V53 A  O01 1 
HETATM 604 O O1  . V53 B 2 8  ? 0.17365   6.83867   4.36112   1.000 135.46141 ? 108 V53 A  O1  1 
HETATM 605 O O2  . V53 B 2 8  ? -0.52938  6.43340   2.00143   1.000 122.97698 ? 108 V53 A  O2  1 
HETATM 606 O O3  . V53 B 2 8  ? -1.34547  8.41844   3.20867   1.000 118.99128 ? 108 V53 A  O3  1 
HETATM 607 P P   . V53 B 2 8  ? -0.86022  7.03487   3.29339   1.000 115.32175 ? 108 V53 A  P   1 
HETATM 608 C C   . V4F B 2 9  ? -11.72393 5.91787   4.43347   1.000 93.94037  ? 109 V4F A  C   1 
HETATM 609 C CAF . V4F B 2 9  ? -13.27495 3.40173   6.46275   1.000 102.97601 ? 109 V4F A  CAF 1 
HETATM 610 C CAD . V4F B 2 9  ? -13.13933 4.42171   5.56411   1.000 98.19029  ? 109 V4F A  CAD 1 
HETATM 611 C CAE . V4F B 2 9  ? -11.88186 4.90840   5.37750   1.000 98.55640  ? 109 V4F A  CAE 1 
HETATM 612 C CAL . V4F B 2 9  ? -12.16539 2.91087   7.19033   1.000 107.52639 ? 109 V4F A  CAL 1 
HETATM 613 C CAM . V4F B 2 9  ? -10.89502 3.44533   6.94202   1.000 102.97752 ? 109 V4F A  CAM 1 
HETATM 614 C CAJ . V4F B 2 9  ? -9.77224  2.94672   7.66482   1.000 104.21601 ? 109 V4F A  CAJ 1 
HETATM 615 C CAK . V4F B 2 9  ? -9.94427  1.91803   8.60466   1.000 110.63780 ? 109 V4F A  CAK 1 
HETATM 616 C CAG . V4F B 2 9  ? -11.19859 1.37687   8.84509   1.000 118.76596 ? 109 V4F A  CAG 1 
HETATM 617 C CAI . V4F B 2 9  ? -12.30596 1.86843   8.14366   1.000 127.04596 ? 109 V4F A  CAI 1 
HETATM 618 C C01 . V4F B 2 9  ? -15.53350 3.61252   6.00101   1.000 108.94855 ? 109 V4F A  C01 1 
HETATM 619 C CA  . V4F B 2 9  ? -8.41339  3.38665   7.55497   1.000 100.81305 ? 109 V4F A  CA  1 
HETATM 620 N NAH . V4F B 2 9  ? -10.82630 4.45022   6.06181   1.000 100.89283 ? 109 V4F A  NAH 1 
HETATM 621 N N   . V4F B 2 9  ? -7.93520  3.85695   6.21995   1.000 94.40725  ? 109 V4F A  N   1 
HETATM 622 O O   . V4F B 2 9  ? -12.66806 6.22059   3.67622   1.000 98.50984  ? 109 V4F A  O   1 
HETATM 623 O O01 . V4F B 2 9  ? -14.51975 2.90646   6.74815   1.000 117.25596 ? 109 V4F A  O01 1 
HETATM 624 O O3  . V4F B 2 9  ? -18.14933 3.93187   6.23070   1.000 130.92141 ? 109 V4F A  O3  1 
HETATM 625 O O2  . V4F B 2 9  ? -17.18098 2.04521   4.98059   1.000 133.21927 ? 109 V4F A  O2  1 
HETATM 626 O O1  . V4F B 2 9  ? -17.05360 2.06044   7.46613   1.000 152.17596 ? 109 V4F A  O1  1 
HETATM 627 P P   . V4F B 2 9  ? -17.14171 2.85332   6.21380   1.000 142.66320 ? 109 V4F A  P   1 
HETATM 628 C C   . V53 B 2 10 ? -5.94861  7.29381   6.27014   1.000 99.11552  ? 110 V53 A  C   1 
HETATM 629 C CAF . V53 B 2 10 ? -6.70445  9.10966   3.24027   1.000 89.85862  ? 110 V53 A  CAF 1 
HETATM 630 C CAD . V53 B 2 10 ? -5.99898  8.64491   4.33921   1.000 80.73478  ? 110 V53 A  CAD 1 
HETATM 631 C CAJ . V53 B 2 10 ? -6.65284  7.75990   5.15735   1.000 86.23711  ? 110 V53 A  CAJ 1 
HETATM 632 C CAL . V53 B 2 10 ? -8.04035  8.68057   3.01782   1.000 84.57555  ? 110 V53 A  CAL 1 
HETATM 633 C CAM . V53 B 2 10 ? -8.62707  7.74705   3.87856   1.000 87.33136  ? 110 V53 A  CAM 1 
HETATM 634 C CA  . V53 B 2 10 ? -9.99356  7.38752   3.67178   1.000 84.06588  ? 110 V53 A  CA  1 
HETATM 635 C CAK . V53 B 2 10 ? -10.69977 7.79306   2.53659   1.000 85.92740  ? 110 V53 A  CAK 1 
HETATM 636 C CAG . V53 B 2 10 ? -10.11869 8.69821   1.66307   1.000 91.70191  ? 110 V53 A  CAG 1 
HETATM 637 C CAI . V53 B 2 10 ? -8.78696  9.13333   1.90442   1.000 83.15095  ? 110 V53 A  CAI 1 
HETATM 638 C C01 . V53 B 2 10 ? -4.68624  10.44252  2.60043   1.000 105.84579 ? 110 V53 A  C01 1 
HETATM 639 N NAH . V53 B 2 10 ? -7.89186  7.34159   4.93897   1.000 88.02260  ? 110 V53 A  NAH 1 
HETATM 640 N N   . V53 B 2 10 ? -10.45447 6.41831   4.45256   1.000 86.11517  ? 110 V53 A  N   1 
HETATM 641 O O   . V53 B 2 10 ? -4.71976  7.63300   6.54186   1.000 96.21325  ? 110 V53 A  O   1 
HETATM 642 O O01 . V53 B 2 10 ? -6.10536  10.03914  2.35575   1.000 98.25106  ? 110 V53 A  O01 1 
HETATM 643 O O1  . V53 B 2 10 ? -2.77057  12.05982  2.50986   1.000 137.92702 ? 110 V53 A  O1  1 
HETATM 644 O O2  . V53 B 2 10 ? -3.68636  11.73884  0.21718   1.000 123.92727 ? 110 V53 A  O2  1 
HETATM 645 O O3  . V53 B 2 10 ? -5.00826  13.00476  1.91234   1.000 134.23448 ? 110 V53 A  O3  1 
HETATM 646 P P   . V53 B 2 10 ? -3.93607  12.07840  1.63410   1.000 144.42969 ? 110 V53 A  P   1 
HETATM 647 O OXT . V53 B 2 10 ? -6.57061  6.65258   7.13858   1.000 102.28755 ? 110 V53 A  OXT 1 
HETATM 648 C C   . GOA C 2 1  ? -14.32437 20.65288  12.47091  1.000 97.09434  ? 111 GOA B  C   1 
HETATM 649 C CA  . GOA C 2 1  ? -14.93255 21.37094  11.25806  1.000 98.09552  ? 111 GOA B  CA  1 
HETATM 650 O O   . GOA C 2 1  ? -15.10727 20.21065  13.30522  1.000 87.54493  ? 111 GOA B  O   1 
HETATM 651 O O2  . GOA C 2 1  ? -13.82121 22.11748  10.77916  1.000 104.53275 ? 111 GOA B  O2  1 
HETATM 652 C C   . V4F C 2 2  ? -11.20975 20.80566  9.08602   1.000 112.76904 ? 112 V4F B  C   1 
HETATM 653 C CAF . V4F C 2 2  ? -8.00799  21.14737  10.92820  1.000 130.86230 ? 112 V4F B  CAF 1 
HETATM 654 C CAD . V4F C 2 2  ? -9.00562  21.30575  9.98318   1.000 122.20825 ? 112 V4F B  CAD 1 
HETATM 655 C CAE . V4F C 2 2  ? -10.32752 20.88097  10.15768  1.000 117.31150 ? 112 V4F B  CAE 1 
HETATM 656 C CAL . V4F C 2 2  ? -8.61380  20.98517  12.22234  1.000 129.38528 ? 112 V4F B  CAL 1 
HETATM 657 C CAM . V4F C 2 2  ? -9.99319  20.66635  12.34574  1.000 124.26886 ? 112 V4F B  CAM 1 
HETATM 658 C CAJ . V4F C 2 2  ? -10.66608 20.34986  13.52071  1.000 120.47805 ? 112 V4F B  CAJ 1 
HETATM 659 C CAK . V4F C 2 2  ? -9.90360  20.37971  14.68893  1.000 124.03839 ? 112 V4F B  CAK 1 
HETATM 660 C CAG . V4F C 2 2  ? -8.53188  20.70182  14.64895  1.000 132.55359 ? 112 V4F B  CAG 1 
HETATM 661 C CAI . V4F C 2 2  ? -7.93927  21.00603  13.43458  1.000 136.73681 ? 112 V4F B  CAI 1 
HETATM 662 C C01 . V4F C 2 2  ? -5.76368  21.26756  11.73003  1.000 139.55512 ? 112 V4F B  C01 1 
HETATM 663 C CA  . V4F C 2 2  ? -12.07726 20.04900  13.57689  1.000 109.14129 ? 112 V4F B  CA  1 
HETATM 664 N NAH . V4F C 2 2  ? -10.77103 20.54333  11.31896  1.000 119.35514 ? 112 V4F B  NAH 1 
HETATM 665 N N   . V4F C 2 2  ? -12.94297 20.66131  12.52510  1.000 103.17447 ? 112 V4F B  N   1 
HETATM 666 O O   . V4F C 2 2  ? -11.16752 21.75558  8.35248   1.000 120.27268 ? 112 V4F B  O   1 
HETATM 667 O O01 . V4F C 2 2  ? -6.66738  21.57489  10.69291  1.000 135.56570 ? 112 V4F B  O01 1 
HETATM 668 O O3  . V4F C 2 2  ? -4.24403  22.57945  12.47583  1.000 152.16002 ? 112 V4F B  O3  1 
HETATM 669 O O2  . V4F C 2 2  ? -3.79034  21.82421  10.22257  1.000 156.15544 ? 112 V4F B  O2  1 
HETATM 670 O O1  . V4F C 2 2  ? -3.40202  20.33423  12.21823  1.000 147.82616 ? 112 V4F B  O1  1 
HETATM 671 P P   . V4F C 2 2  ? -4.09334  21.49087  11.62828  1.000 159.40487 ? 112 V4F B  P   1 
HETATM 672 C C   . V53 C 2 3  ? -14.89696 16.86385  11.40705  1.000 93.61462  ? 113 V53 B  C   1 
HETATM 673 C CAF . V53 C 2 3  ? -16.55615 17.87763  8.33406   1.000 101.68574 ? 113 V53 B  CAF 1 
HETATM 674 C CAD . V53 C 2 3  ? -16.34141 17.36555  9.60993   1.000 94.80916  ? 113 V53 B  CAD 1 
HETATM 675 C CAJ . V53 C 2 3  ? -15.14440 17.62843  10.28742  1.000 93.87079  ? 113 V53 B  CAJ 1 
HETATM 676 C CAL . V53 C 2 3  ? -15.55431 18.80825  7.94395   1.000 93.62927  ? 113 V53 B  CAL 1 
HETATM 677 C CAM . V53 C 2 3  ? -14.39088 18.99964  8.69945   1.000 94.93263  ? 113 V53 B  CAM 1 
HETATM 678 C CA  . V53 C 2 3  ? -13.33117 19.80435  8.31035   1.000 97.41207  ? 113 V53 B  CA  1 
HETATM 679 C CAK . V53 C 2 3  ? -13.47381 20.53531  7.13643   1.000 94.26064  ? 113 V53 B  CAK 1 
HETATM 680 C CAG . V53 C 2 3  ? -14.64527 20.34823  6.35485   1.000 92.30677  ? 113 V53 B  CAG 1 
HETATM 681 C CAI . V53 C 2 3  ? -15.69069 19.49212  6.74652   1.000 95.55092  ? 113 V53 B  CAI 1 
HETATM 682 C C01 . V53 C 2 3  ? -19.00251 17.33639  8.18651   1.000 118.11204 ? 113 V53 B  C01 1 
HETATM 683 N NAH . V53 C 2 3  ? -14.18934 18.38842  9.81609   1.000 96.00509  ? 113 V53 B  NAH 1 
HETATM 684 N N   . V53 C 2 3  ? -12.32153 20.04600  9.19953   1.000 106.50504 ? 113 V53 B  N   1 
HETATM 685 O O   . V53 C 2 3  ? -15.88279 16.35585  11.96310  1.000 86.25917  ? 113 V53 B  O   1 
HETATM 686 O O01 . V53 C 2 3  ? -17.79589 17.87825  7.59927   1.000 110.77646 ? 113 V53 B  O01 1 
HETATM 687 O O1  . V53 C 2 3  ? -20.18186 16.44001  6.22490   1.000 134.73435 ? 113 V53 B  O1  1 
HETATM 688 O O2  . V53 C 2 3  ? -20.81994 18.82833  6.55835   1.000 135.93461 ? 113 V53 B  O2  1 
HETATM 689 O O3  . V53 C 2 3  ? -21.55775 17.11969  8.18418   1.000 150.38240 ? 113 V53 B  O3  1 
HETATM 690 P P   . V53 C 2 3  ? -20.55185 17.50739  7.16129   1.000 140.91416 ? 113 V53 B  P   1 
HETATM 691 C C   . V4F C 2 4  ? -10.23734 17.46933  9.10757   1.000 108.20946 ? 114 V4F B  C   1 
HETATM 692 C CAF . V4F C 2 4  ? -8.38569  17.71683  12.28808  1.000 124.30713 ? 114 V4F B  CAF 1 
HETATM 693 C CAD . V4F C 2 4  ? -8.68930  17.78121  10.91898  1.000 119.39751 ? 114 V4F B  CAD 1 
HETATM 694 C CAE . V4F C 2 4  ? -9.93893  17.39600  10.44906  1.000 114.02881 ? 114 V4F B  CAE 1 
HETATM 695 C CAL . V4F C 2 4  ? -9.47967  17.24089  13.12185  1.000 120.08066 ? 114 V4F B  CAL 1 
HETATM 696 C CAM . V4F C 2 4  ? -10.74282 16.91416  12.55485  1.000 115.74204 ? 114 V4F B  CAM 1 
HETATM 697 C CAJ . V4F C 2 4  ? -11.78546 16.32587  13.29830  1.000 108.09369 ? 114 V4F B  CAJ 1 
HETATM 698 C CAK . V4F C 2 4  ? -11.67124 16.29165  14.67156  1.000 103.48382 ? 114 V4F B  CAK 1 
HETATM 699 C CAG . V4F C 2 4  ? -10.48820 16.62213  15.30086  1.000 113.48469 ? 114 V4F B  CAG 1 
HETATM 700 C CAI . V4F C 2 4  ? -9.43645  17.07733  14.50614  1.000 122.20545 ? 114 V4F B  CAI 1 
HETATM 701 C C01 . V4F C 2 4  ? -6.70940  18.14464  14.09852  1.000 142.41427 ? 114 V4F B  C01 1 
HETATM 702 C CA  . V4F C 2 4  ? -13.14177 16.15904  13.01226  1.000 98.49593  ? 114 V4F B  CA  1 
HETATM 703 N NAH . V4F C 2 4  ? -10.90815 16.97512  11.25017  1.000 112.22653 ? 114 V4F B  NAH 1 
HETATM 704 N N   . V4F C 2 4  ? -13.58007 16.87563  11.88568  1.000 92.54807  ? 114 V4F B  N   1 
HETATM 705 O O   . V4F C 2 4  ? -9.69225  18.35149  8.47543   1.000 108.17953 ? 114 V4F B  O   1 
HETATM 706 O O01 . V4F C 2 4  ? -7.06197  18.13278  12.70498  1.000 134.63742 ? 114 V4F B  O01 1 
HETATM 707 O O3  . V4F C 2 4  ? -5.02791  16.77085  14.63586  1.000 171.49253 ? 114 V4F B  O3  1 
HETATM 708 O O2  . V4F C 2 4  ? -5.38005  18.59009  16.29318  1.000 163.36378 ? 114 V4F B  O2  1 
HETATM 709 O O1  . V4F C 2 4  ? -3.89000  18.99774  14.33340  1.000 154.98540 ? 114 V4F B  O1  1 
HETATM 710 P P   . V4F C 2 4  ? -5.04875  18.19536  14.90645  1.000 162.52155 ? 114 V4F B  P   1 
HETATM 711 C C   . V53 C 2 5  ? -15.37159 14.23811  9.25738   1.000 100.96343 ? 115 V53 B  C   1 
HETATM 712 C CAF . V53 C 2 5  ? -14.92394 15.60158  5.97716   1.000 103.29043 ? 115 V53 B  CAF 1 
HETATM 713 C CAD . V53 C 2 5  ? -15.53877 15.04684  7.05863   1.000 100.61738 ? 115 V53 B  CAD 1 
HETATM 714 C CAJ . V53 C 2 5  ? -14.84869 15.01577  8.24652   1.000 99.73054  ? 115 V53 B  CAJ 1 
HETATM 715 C CAL . V53 C 2 5  ? -13.73550 16.30920  6.18653   1.000 96.37388  ? 115 V53 B  CAL 1 
HETATM 716 C CAM . V53 C 2 5  ? -13.05831 16.16931  7.37510   1.000 96.63898  ? 115 V53 B  CAM 1 
HETATM 717 C CA  . V53 C 2 5  ? -11.85537 16.83479  7.53615   1.000 95.77260  ? 115 V53 B  CA  1 
HETATM 718 C CAK . V53 C 2 5  ? -11.23749 17.55659  6.51917   1.000 91.49401  ? 115 V53 B  CAK 1 
HETATM 719 C CAG . V53 C 2 5  ? -11.89096 17.65113  5.28170   1.000 97.44770  ? 115 V53 B  CAG 1 
HETATM 720 C CAI . V53 C 2 5  ? -13.14642 17.01626  5.12830   1.000 100.66732 ? 115 V53 B  CAI 1 
HETATM 721 C C01 . V53 C 2 5  ? -17.05171 15.60618  5.10630   1.000 117.70008 ? 115 V53 B  C01 1 
HETATM 722 N NAH . V53 C 2 5  ? -13.61808 15.52617  8.36027   1.000 96.58229  ? 115 V53 B  NAH 1 
HETATM 723 N N   . V53 C 2 5  ? -11.38934 16.87709  8.75381   1.000 101.15704 ? 115 V53 B  N   1 
HETATM 724 O O   . V53 C 2 5  ? -16.60231 14.24214  9.48444   1.000 104.90403 ? 115 V53 B  O   1 
HETATM 725 O O01 . V53 C 2 5  ? -15.61842 15.90589  4.86694   1.000 110.56219 ? 115 V53 B  O01 1 
HETATM 726 O O1  . V53 C 2 5  ? -17.55519 17.13175  2.92586   1.000 127.01883 ? 115 V53 B  O1  1 
HETATM 727 O O2  . V53 C 2 5  ? -17.61311 14.61562  3.19940   1.000 147.80593 ? 115 V53 B  O2  1 
HETATM 728 O O3  . V53 C 2 5  ? -19.53517 15.98591  3.92048   1.000 142.32083 ? 115 V53 B  O3  1 
HETATM 729 P P   . V53 C 2 5  ? -18.07273 15.91431  3.64903   1.000 144.67323 ? 115 V53 B  P   1 
HETATM 730 C C   . V5F C 2 6  ? -9.84219  13.53464  10.26602  1.000 107.23046 ? 116 V5F B  C   1 
HETATM 731 C C6  . V5F C 2 6  ? -10.69889 12.80388  11.28747  1.000 109.79029 ? 116 V5F B  C6  1 
HETATM 732 C C2  . V5F C 2 6  ? -13.07084 11.81710  12.65761  1.000 98.33413  ? 116 V5F B  C2  1 
HETATM 733 C C1  . V5F C 2 6  ? -13.15678 12.60164  11.52476  1.000 102.32107 ? 116 V5F B  C1  1 
HETATM 734 C CA  . V5F C 2 6  ? -14.38997 12.96538  10.99613  1.000 95.45652  ? 116 V5F B  CA  1 
HETATM 735 C C5  . V5F C 2 6  ? -15.58221 12.52211  11.53808  1.000 89.40869  ? 116 V5F B  C5  1 
HETATM 736 C C4  . V5F C 2 6  ? -15.51835 11.71301  12.67007  1.000 102.27129 ? 116 V5F B  C4  1 
HETATM 737 C C3  . V5F C 2 6  ? -14.26367 11.36173  13.23889  1.000 106.06354 ? 116 V5F B  C3  1 
HETATM 738 C CB  . V5F C 2 6  ? -10.14117 12.89920  12.73067  1.000 94.36005  ? 116 V5F B  CB  1 
HETATM 739 N N   . V5F C 2 6  ? -14.31273 13.74818  9.95386   1.000 95.92400  ? 116 V5F B  N   1 
HETATM 740 O O   . V5F C 2 6  ? -9.82719  14.75425  10.20897  1.000 105.11290 ? 116 V5F B  O   1 
HETATM 741 O O1  . V5F C 2 6  ? -12.06992 13.09500  10.90895  1.000 107.36118 ? 116 V5F B  O1  1 
HETATM 742 C C   . V4F C 2 7  ? -13.00425 11.41808  7.92428   1.000 102.00766 ? 117 V4F B  C   1 
HETATM 743 C CAF . V4F C 2 7  ? -12.25569 13.63211  5.07356   1.000 101.75310 ? 117 V4F B  CAF 1 
HETATM 744 C CAD . V4F C 2 7  ? -13.03311 12.77332  5.86005   1.000 99.15477  ? 117 V4F B  CAD 1 
HETATM 745 C CAE . V4F C 2 7  ? -12.42161 12.31825  7.03803   1.000 102.61566 ? 117 V4F B  CAE 1 
HETATM 746 C CAL . V4F C 2 7  ? -11.03418 14.05194  5.50414   1.000 98.93270  ? 117 V4F B  CAL 1 
HETATM 747 C CAM . V4F C 2 7  ? -10.50730 13.54904  6.66533   1.000 98.47031  ? 117 V4F B  CAM 1 
HETATM 748 C CAJ . V4F C 2 7  ? -9.27346  13.97774  7.08675   1.000 99.48717  ? 117 V4F B  CAJ 1 
HETATM 749 C CAK . V4F C 2 7  ? -8.56181  14.84195  6.29015   1.000 100.75746 ? 117 V4F B  CAK 1 
HETATM 750 C CAG . V4F C 2 7  ? -9.09268  15.33603  5.10754   1.000 106.55049 ? 117 V4F B  CAG 1 
HETATM 751 C CAI . V4F C 2 7  ? -10.35072 14.93021  4.69076   1.000 100.45198 ? 117 V4F B  CAI 1 
HETATM 752 C C01 . V4F C 2 7  ? -13.88779 14.13053  3.43534   1.000 115.18601 ? 117 V4F B  C01 1 
HETATM 753 C CA  . V4F C 2 7  ? -8.62812  13.49175  8.21215   1.000 103.91597 ? 117 V4F B  CA  1 
HETATM 754 N NAH . V4F C 2 7  ? -11.19648 12.68046  7.38726   1.000 101.24779 ? 117 V4F B  NAH 1 
HETATM 755 N N   . V4F C 2 7  ? -9.46457  12.82681  9.23694   1.000 104.51280 ? 117 V4F B  N   1 
HETATM 756 O O   . V4F C 2 7  ? -14.24205 11.29687  7.95303   1.000 100.71599 ? 117 V4F B  O   1 
HETATM 757 O O01 . V4F C 2 7  ? -12.58484 14.29841  3.93344   1.000 102.97891 ? 117 V4F B  O01 1 
HETATM 758 O O3  . V4F C 2 7  ? -14.54598 16.50452  2.37071   1.000 129.66131 ? 117 V4F B  O3  1 
HETATM 759 O O2  . V4F C 2 7  ? -15.09928 14.22974  1.53249   1.000 133.19025 ? 117 V4F B  O2  1 
HETATM 760 O O1  . V4F C 2 7  ? -12.74616 15.14944  1.35896   1.000 119.26440 ? 117 V4F B  O1  1 
HETATM 761 P P   . V4F C 2 7  ? -14.07029 15.12865  2.01952   1.000 136.40247 ? 117 V4F B  P   1 
HETATM 762 C C   . V53 C 2 8  ? -7.48017  9.52429   10.15291  1.000 114.58418 ? 118 V53 B  C   1 
HETATM 763 C CAF . V53 C 2 8  ? -10.17147 8.21302   12.26330  1.000 118.78909 ? 118 V53 B  CAF 1 
HETATM 764 C CAD . V53 C 2 8  ? -8.91206  8.58176   11.81655  1.000 117.64509 ? 118 V53 B  CAD 1 
HETATM 765 C CAJ . V53 C 2 8  ? -8.77015  9.40401   10.69647  1.000 113.24615 ? 118 V53 B  CAJ 1 
HETATM 766 C CAL . V53 C 2 8  ? -11.27045 8.75662   11.61001  1.000 111.53797 ? 118 V53 B  CAL 1 
HETATM 767 C CAM . V53 C 2 8  ? -11.11202 9.57188   10.48006  1.000 107.67271 ? 118 V53 B  CAM 1 
HETATM 768 C CA  . V53 C 2 8  ? -12.24307 9.99236   9.73538   1.000 102.25384 ? 118 V53 B  CA  1 
HETATM 769 C CAK . V53 C 2 8  ? -13.51043 9.76437   10.25642  1.000 99.03388  ? 118 V53 B  CAK 1 
HETATM 770 C CAG . V53 C 2 8  ? -13.65594 8.95947   11.39130  1.000 106.51577 ? 118 V53 B  CAG 1 
HETATM 771 C CAI . V53 C 2 8  ? -12.54654 8.46658   12.08638  1.000 110.46318 ? 118 V53 B  CAI 1 
HETATM 772 C C01 . V53 C 2 8  ? -9.29405  7.14826   14.16760  1.000 134.78425 ? 118 V53 B  C01 1 
HETATM 773 N NAH . V53 C 2 8  ? -9.86315  9.77423   10.02449  1.000 109.37870 ? 118 V53 B  NAH 1 
HETATM 774 N N   . V53 C 2 8  ? -12.05355 10.88463  8.76171   1.000 100.24962 ? 118 V53 B  N   1 
HETATM 775 O O   . V53 C 2 8  ? -6.45278  9.28881   10.80728  1.000 117.60362 ? 118 V53 B  O   1 
HETATM 776 O O01 . V53 C 2 8  ? -10.45564 7.48842   13.40132  1.000 126.33917 ? 118 V53 B  O01 1 
HETATM 777 O O1  . V53 C 2 8  ? -8.37291  5.33153   15.42629  1.000 151.22193 ? 118 V53 B  O1  1 
HETATM 778 O O2  . V53 C 2 8  ? -9.73083  6.93816   16.77778  1.000 165.67452 ? 118 V53 B  O2  1 
HETATM 779 O O3  . V53 C 2 8  ? -10.86674 5.33393   15.33293  1.000 160.11232 ? 118 V53 B  O3  1 
HETATM 780 P P   . V53 C 2 8  ? -9.60797  6.08629   15.57947  1.000 168.89131 ? 118 V53 B  P   1 
HETATM 781 C C   . V4F C 2 9  ? -10.78431 9.40067   6.31211   1.000 98.62327  ? 119 V4F B  C   1 
HETATM 782 C CAF . V4F C 2 9  ? -8.71659  11.71751  4.40292   1.000 103.60102 ? 119 V4F B  CAF 1 
HETATM 783 C CAD . V4F C 2 9  ? -9.82434  11.02748  4.90805   1.000 95.66898  ? 119 V4F B  CAD 1 
HETATM 784 C CAE . V4F C 2 9  ? -9.68223  10.19293  5.98967   1.000 97.10020  ? 119 V4F B  CAE 1 
HETATM 785 C CAL . V4F C 2 9  ? -7.46831  11.69878  5.12399   1.000 103.83931 ? 119 V4F B  CAL 1 
HETATM 786 C CAM . V4F C 2 9  ? -7.41490  10.86666  6.24690   1.000 103.86679 ? 119 V4F B  CAM 1 
HETATM 787 C CAJ . V4F C 2 9  ? -6.21291  10.75884  6.98795   1.000 108.92524 ? 119 V4F B  CAJ 1 
HETATM 788 C CAK . V4F C 2 9  ? -5.05387  11.46265  6.64947   1.000 114.55313 ? 119 V4F B  CAK 1 
HETATM 789 C CAG . V4F C 2 9  ? -5.09428  12.30438  5.53710   1.000 112.90503 ? 119 V4F B  CAG 1 
HETATM 790 C CAI . V4F C 2 9  ? -6.29433  12.38538  4.83306   1.000 103.61675 ? 119 V4F B  CAI 1 
HETATM 791 C C01 . V4F C 2 9  ? -8.07087  13.21962  2.58362   1.000 110.97307 ? 119 V4F B  C01 1 
HETATM 792 C CA  . V4F C 2 9  ? -6.11041  9.95663   8.11790   1.000 111.30625 ? 119 V4F B  CA  1 
HETATM 793 N NAH . V4F C 2 9  ? -8.48288  10.11359  6.61508   1.000 99.31865  ? 119 V4F B  NAH 1 
HETATM 794 N N   . V4F C 2 9  ? -7.43032  9.80558   8.81192   1.000 111.44035 ? 119 V4F B  N   1 
HETATM 795 O O   . V4F C 2 9  ? -11.91784 9.63879   5.85525   1.000 91.73937  ? 119 V4F B  O   1 
HETATM 796 O O01 . V4F C 2 9  ? -9.05311  12.44633  3.24688   1.000 110.17112 ? 119 V4F B  O01 1 
HETATM 797 O O3  . V4F C 2 9  ? -8.56745  12.69528  0.01385   1.000 126.26355 ? 119 V4F B  O3  1 
HETATM 798 O O2  . V4F C 2 9  ? -9.84667  14.51858  1.25333   1.000 113.00158 ? 119 V4F B  O2  1 
HETATM 799 O O1  . V4F C 2 9  ? -7.32751  14.56307  0.92148   1.000 112.96559 ? 119 V4F B  O1  1 
HETATM 800 P P   . V4F C 2 9  ? -8.55329  13.78463  1.03098   1.000 109.83083 ? 119 V4F B  P   1 
HETATM 801 C C   . V53 C 2 10 ? -7.43092  6.22474   10.38569  1.000 112.29972 ? 120 V53 B  C   1 
HETATM 802 C CAF . V53 C 2 10 ? -11.10332 5.04487   10.29173  1.000 114.38758 ? 120 V53 B  CAF 1 
HETATM 803 C CAD . V53 C 2 10 ? -9.71592  5.13158   10.65802  1.000 111.00781 ? 120 V53 B  CAD 1 
HETATM 804 C CAJ . V53 C 2 10 ? -8.82029  6.01569   10.00594  1.000 107.04781 ? 120 V53 B  CAJ 1 
HETATM 805 C CAL . V53 C 2 10 ? -11.57845 5.78479   9.23797   1.000 103.44642 ? 120 V53 B  CAL 1 
HETATM 806 C CAM . V53 C 2 10 ? -10.71893 6.71161   8.68828   1.000 103.22388 ? 120 V53 B  CAM 1 
HETATM 807 C CA  . V53 C 2 10 ? -11.32327 7.55182   7.74351   1.000 105.85138 ? 120 V53 B  CA  1 
HETATM 808 C CAK . V53 C 2 10 ? -12.67676 7.43934   7.34753   1.000 103.73376 ? 120 V53 B  CAK 1 
HETATM 809 C CAG . V53 C 2 10 ? -13.51011 6.52652   7.94781   1.000 100.98553 ? 120 V53 B  CAG 1 
HETATM 810 C CAI . V53 C 2 10 ? -12.94611 5.72258   8.91796   1.000 101.92733 ? 120 V53 B  CAI 1 
HETATM 811 C C01 . V53 C 2 10 ? -11.70685 3.40806   11.91176  1.000 131.63573 ? 120 V53 B  C01 1 
HETATM 812 N NAH . V53 C 2 10 ? -9.40674  6.82053   9.08738   1.000 101.78281 ? 120 V53 B  NAH 1 
HETATM 813 N N   . V53 C 2 10 ? -10.46528 8.45348   7.24405   1.000 103.67613 ? 120 V53 B  N   1 
HETATM 814 O O   . V53 C 2 10 ? -6.57804  6.67675   9.56729   1.000 106.42501 ? 120 V53 B  O   1 
HETATM 815 O O01 . V53 C 2 10 ? -12.09576 4.18764   10.76966  1.000 127.94821 ? 120 V53 B  O01 1 
HETATM 816 O O1  . V53 C 2 10 ? -12.02651 1.68802   13.19185  1.000 149.60908 ? 120 V53 B  O1  1 
HETATM 817 O O2  . V53 C 2 10 ? -13.56934 3.44554   13.99669  1.000 146.30709 ? 120 V53 B  O2  1 
HETATM 818 O O3  . V53 C 2 10 ? -14.16249 2.12645   11.90500  1.000 143.86470 ? 120 V53 B  O3  1 
HETATM 819 P P   . V53 C 2 10 ? -13.14924 2.56627   12.88942  1.000 153.98209 ? 120 V53 B  P   1 
HETATM 820 O OXT . V53 C 2 10 ? -6.89862  5.75249   11.44487  1.000 112.35395 ? 120 V53 B  OXT 1 
# 
loop_
_atom_site_anisotrop.id 
_atom_site_anisotrop.type_symbol 
_atom_site_anisotrop.pdbx_label_atom_id 
_atom_site_anisotrop.pdbx_label_alt_id 
_atom_site_anisotrop.pdbx_label_comp_id 
_atom_site_anisotrop.pdbx_label_asym_id 
_atom_site_anisotrop.pdbx_label_seq_id 
_atom_site_anisotrop.pdbx_PDB_ins_code 
_atom_site_anisotrop.U[1][1] 
_atom_site_anisotrop.U[2][2] 
_atom_site_anisotrop.U[3][3] 
_atom_site_anisotrop.U[1][2] 
_atom_site_anisotrop.U[1][3] 
_atom_site_anisotrop.U[2][3] 
_atom_site_anisotrop.pdbx_auth_seq_id 
_atom_site_anisotrop.pdbx_auth_comp_id 
_atom_site_anisotrop.pdbx_auth_asym_id 
_atom_site_anisotrop.pdbx_auth_atom_id 
1   N N   . MET A 1  ? 1.46938 1.95733 2.09198 0.37345  -0.26015 0.10928  1  MET AA N   
2   C CA  . MET A 1  ? 1.52050 2.00568 2.12351 0.36667  -0.26723 0.12149  1  MET AA CA  
3   C C   . MET A 1  ? 1.62468 2.13597 2.22632 0.33718  -0.27251 0.10979  1  MET AA C   
4   O O   . MET A 1  ? 1.65617 2.18047 2.24968 0.33060  -0.27751 0.11837  1  MET AA O   
5   C CB  . MET A 1  ? 1.42379 1.91462 2.02430 0.38422  -0.26857 0.14536  1  MET AA CB  
6   C CG  . MET A 1  ? 1.50800 2.00239 2.08943 0.37704  -0.27669 0.15452  1  MET AA CG  
7   S SD  . MET A 1  ? 1.74080 2.20971 2.30252 0.36457  -0.28478 0.14593  1  MET AA SD  
8   C CE  . MET A 1  ? 1.63955 2.05572 2.19262 0.38732  -0.28075 0.14935  1  MET AA CE  
9   N N   . VAL A 2  ? 1.56499 2.08066 2.17272 0.32006  -0.27105 0.08967  2  VAL AA N   
10  C CA  . VAL A 2  ? 1.48740 2.02292 2.09324 0.29406  -0.27455 0.07901  2  VAL AA CA  
11  C C   . VAL A 2  ? 1.51133 2.02953 2.10708 0.28312  -0.27932 0.06899  2  VAL AA C   
12  O O   . VAL A 2  ? 1.54415 2.03619 2.15251 0.29235  -0.28863 0.05030  2  VAL AA O   
13  C CB  . VAL A 2  ? 1.56396 2.12538 2.18612 0.28098  -0.26883 0.06426  2  VAL AA CB  
14  C CG1 . VAL A 2  ? 1.54370 2.12031 2.16119 0.25725  -0.27149 0.05519  2  VAL AA CG1 
15  C CG2 . VAL A 2  ? 1.55168 2.12839 2.18466 0.29277  -0.26505 0.07589  2  VAL AA CG2 
16  N N   . LYS A 3  ? 1.55848 2.07899 2.14262 0.26960  -0.28521 0.07027  3  LYS AA N   
17  C CA  . LYS A 3  ? 1.56401 2.06959 2.13812 0.25871  -0.29085 0.06300  3  LYS AA CA  
18  C C   . LYS A 3  ? 1.52092 2.04735 2.10007 0.23375  -0.28990 0.04449  3  LYS AA C   
19  O O   . LYS A 3  ? 1.48567 2.02980 2.06558 0.22446  -0.28826 0.04363  3  LYS AA O   
20  C CB  . LYS A 3  ? 1.54661 2.03836 2.10361 0.26106  -0.29793 0.07618  3  LYS AA CB  
21  C CG  . LYS A 3  ? 1.61626 2.10580 2.16595 0.24168  -0.30294 0.06569  3  LYS AA CG  
22  C CD  . LYS A 3  ? 1.52070 2.00166 2.05630 0.24081  -0.30880 0.07559  3  LYS AA CD  
23  C CE  . LYS A 3  ? 1.49841 1.95421 2.02367 0.26041  -0.31275 0.09190  3  LYS AA CE  
24  N NZ  . LYS A 3  ? 1.55843 1.99732 2.06901 0.25320  -0.32073 0.09460  3  LYS AA NZ  
25  N N   . VAL A 4  ? 1.42721 1.94658 2.01543 0.22553  -0.29673 0.02332  4  VAL AA N   
26  C CA  . VAL A 4  ? 1.40885 1.95008 2.00000 0.20152  -0.29478 0.00456  4  VAL AA CA  
27  C C   . VAL A 4  ? 1.51851 2.04941 2.10117 0.18963  -0.30507 -0.00243 4  VAL AA C   
28  O O   . VAL A 4  ? 1.49279 1.99746 2.09051 0.19531  -0.32521 -0.02194 4  VAL AA O   
29  C CB  . VAL A 4  ? 1.36696 1.91558 1.98793 0.20047  -0.30165 -0.03338 4  VAL AA CB  
30  C CG1 . VAL A 4  ? 1.47866 2.05315 2.09777 0.17466  -0.29728 -0.05286 4  VAL AA CG1 
31  C CG2 . VAL A 4  ? 1.37677 1.93750 2.00430 0.21082  -0.29002 -0.02541 4  VAL AA CG2 
32  N N   . LYS A 5  ? 1.52081 2.06701 2.08703 0.17460  -0.29745 0.00612  5  LYS AA N   
33  C CA  . LYS A 5  ? 1.43998 1.98229 1.99477 0.16125  -0.30306 0.00220  5  LYS AA CA  
34  C C   . LYS A 5  ? 1.28986 1.85391 1.84906 0.13967  -0.29995 -0.01907 5  LYS AA C   
35  O O   . LYS A 5  ? 1.24137 1.81872 1.80311 0.13606  -0.29503 -0.02526 5  LYS AA O   
36  C CB  . LYS A 5  ? 1.48601 2.02053 2.02946 0.16618  -0.30542 0.01522  5  LYS AA CB  
37  C CG  . LYS A 5  ? 1.44475 1.96869 1.98716 0.18579  -0.30527 0.03353  5  LYS AA CG  
38  C CD  . LYS A 5  ? 1.45164 1.96689 1.98153 0.18810  -0.30947 0.04507  5  LYS AA CD  
39  C CE  . LYS A 5  ? 1.40473 1.90799 1.93062 0.20559  -0.31153 0.06218  5  LYS AA CE  
40  N NZ  . LYS A 5  ? 1.42980 1.92845 1.94505 0.20543  -0.31560 0.07072  5  LYS AA NZ  
41  N N   . PHE A 6  ? 1.35889 1.91903 1.93104 0.13183  -0.31402 -0.04802 6  PHE AA N   
42  C CA  . PHE A 6  ? 1.39509 1.97943 1.97384 0.11168  -0.31191 -0.07831 6  PHE AA CA  
43  C C   . PHE A 6  ? 1.44919 2.03239 2.02343 0.09565  -0.32252 -0.09555 6  PHE AA C   
44  O O   . PHE A 6  ? 1.51919 2.07840 2.09419 0.10130  -0.33772 -0.09204 6  PHE AA O   
45  C CB  . PHE A 6  ? 1.38610 1.98237 1.99208 0.11226  -0.31654 -0.11498 6  PHE AA CB  
46  C CG  . PHE A 6  ? 1.45689 2.03243 2.08526 0.11839  -0.33868 -0.13774 6  PHE AA CG  
47  C CD1 . PHE A 6  ? 1.48830 2.02809 2.12420 0.14503  -0.34993 -0.11711 6  PHE AA CD1 
48  C CD2 . PHE A 6  ? 1.42960 2.01811 2.06892 0.09472  -0.34806 -0.17957 6  PHE AA CD2 
49  C CE1 . PHE A 6  ? 1.49912 2.00509 2.15614 0.15430  -0.37586 -0.13198 6  PHE AA CE1 
50  C CE2 . PHE A 6  ? 1.44486 2.00552 2.10580 0.09561  -0.37362 -0.20015 6  PHE AA CE2 
51  C CZ  . PHE A 6  ? 1.51351 2.02180 2.17693 0.12751  -0.38526 -0.17109 6  PHE AA CZ  
52  N N   . LYS A 7  ? 1.38348 1.99003 1.95117 0.07557  -0.31464 -0.11329 7  LYS AA N   
53  C CA  . LYS A 7  ? 1.42916 2.03995 1.98939 0.05628  -0.32157 -0.13217 7  LYS AA CA  
54  C C   . LYS A 7  ? 1.37062 2.00139 1.94512 0.03691  -0.32453 -0.18053 7  LYS AA C   
55  O O   . LYS A 7  ? 1.21331 1.86878 1.79228 0.03101  -0.31114 -0.19926 7  LYS AA O   
56  C CB  . LYS A 7  ? 1.31712 1.93723 1.85592 0.04666  -0.30909 -0.11776 7  LYS AA CB  
57  C CG  . LYS A 7  ? 1.36892 1.98507 1.89466 0.03327  -0.31607 -0.12101 7  LYS AA CG  
58  C CD  . LYS A 7  ? 1.33292 1.94185 1.84265 0.03889  -0.30985 -0.09240 7  LYS AA CD  
59  C CE  . LYS A 7  ? 1.17349 1.78672 1.67089 0.02361  -0.31257 -0.10317 7  LYS AA CE  
60  N NZ  . LYS A 7  ? 1.13431 1.74306 1.62828 0.03957  -0.31302 -0.09549 7  LYS AA NZ  
61  N N   . TYR A 8  ? 1.42373 2.04046 2.00395 0.02522  -0.34167 -0.20094 8  TYR AA N   
62  C CA  . TYR A 8  ? 1.41272 2.04315 1.99576 -0.00747 -0.34169 -0.25084 8  TYR AA CA  
63  C C   . TYR A 8  ? 1.40510 2.03670 1.96059 -0.03743 -0.34049 -0.26195 8  TYR AA C   
64  O O   . TYR A 8  ? 1.52707 2.12798 2.07778 -0.03764 -0.35936 -0.25141 8  TYR AA O   
65  C CB  . TYR A 8  ? 1.48473 2.06830 2.07725 -0.00571 -0.35641 -0.26273 8  TYR AA CB  
66  N N   . LYS A 9  ? 1.39189 2.05578 1.92779 -0.06249 -0.31830 -0.28391 9  LYS AA N   
67  C CA  . LYS A 9  ? 1.41401 2.08326 1.91997 -0.09127 -0.31133 -0.29567 9  LYS AA CA  
68  C C   . LYS A 9  ? 1.43236 2.08635 1.93309 -0.07283 -0.32302 -0.25817 9  LYS AA C   
69  O O   . LYS A 9  ? 1.50070 2.14456 1.98209 -0.09247 -0.32808 -0.26293 9  LYS AA O   
70  C CB  . LYS A 9  ? 1.50661 2.15340 1.99153 -0.13348 -0.31296 -0.33189 9  LYS AA CB  
71  N N   . GLY A 10 ? 1.41313 2.06246 1.92473 -0.03972 -0.32373 -0.22086 10 GLY AA N   
72  C CA  . GLY A 10 ? 1.40587 2.03895 1.90780 -0.02597 -0.32874 -0.18487 10 GLY AA CA  
73  C C   . GLY A 10 ? 1.51600 2.11959 2.02361 -0.01054 -0.34569 -0.16113 10 GLY AA C   
74  O O   . GLY A 10 ? 1.52588 2.11816 2.02215 -0.00111 -0.34627 -0.13173 10 GLY AA O   
75  N N   . GLU A 11 ? 1.56789 2.15604 2.09243 -0.00644 -0.35918 -0.17384 11 GLU AA N   
76  C CA  . GLU A 11 ? 1.65269 2.20311 2.18444 0.01445  -0.37830 -0.15085 11 GLU AA CA  
77  C C   . GLU A 11 ? 1.63835 2.18069 2.18410 0.04530  -0.37331 -0.12744 11 GLU AA C   
78  O O   . GLU A 11 ? 1.68158 2.23745 2.24351 0.04712  -0.36823 -0.14440 11 GLU AA O   
79  C CB  . GLU A 11 ? 1.70839 2.22877 2.24825 -0.00139 -0.40310 -0.17801 11 GLU AA CB  
80  C CG  . GLU A 11 ? 1.75257 2.22181 2.30541 0.02699  -0.42791 -0.15098 11 GLU AA CG  
81  C CD  . GLU A 11 ? 2.05071 2.43886 2.55767 0.00781  -0.41505 -0.15715 11 GLU AA CD  
82  O OE1 . GLU A 11 ? 2.00092 2.38096 2.47251 -0.03148 -0.39127 -0.18840 11 GLU AA OE1 
83  O OE2 . GLU A 11 ? 2.40672 2.73220 2.90112 0.03184  -0.42008 -0.12700 11 GLU AA OE2 
84  N N   . GLU A 12 ? 1.73558 2.26034 2.26997 0.06570  -0.36986 -0.09024 12 GLU AA N   
85  C CA  . GLU A 12 ? 1.70119 2.21800 2.23989 0.09002  -0.36118 -0.06728 12 GLU AA CA  
86  C C   . GLU A 12 ? 1.66693 2.14769 2.22610 0.10686  -0.38235 -0.07112 12 GLU AA C   
87  O O   . GLU A 12 ? 1.67435 2.11871 2.23312 0.10973  -0.40368 -0.06646 12 GLU AA O   
88  C CB  . GLU A 12 ? 1.68273 2.19630 2.19711 0.10049  -0.34693 -0.03132 12 GLU AA CB  
89  C CG  . GLU A 12 ? 1.67920 2.22158 2.17921 0.08947  -0.32730 -0.02319 12 GLU AA CG  
90  C CD  . GLU A 12 ? 1.75676 2.31484 2.27012 0.09122  -0.31892 -0.03178 12 GLU AA CD  
91  O OE1 . GLU A 12 ? 1.72575 2.28241 2.24868 0.09991  -0.31673 -0.02926 12 GLU AA OE1 
92  O OE2 . GLU A 12 ? 1.75799 2.32863 2.27201 0.08588  -0.31473 -0.04177 12 GLU AA OE2 
93  N N   . LYS A 13 ? 1.63992 2.12662 2.21655 0.11762  -0.37840 -0.07838 13 LYS AA N   
94  C CA  . LYS A 13 ? 1.57222 2.02215 2.17011 0.13712  -0.39833 -0.08075 13 LYS AA CA  
95  C C   . LYS A 13 ? 1.46482 1.91997 2.06070 0.15873  -0.37988 -0.05917 13 LYS AA C   
96  O O   . LYS A 13 ? 1.46521 1.95492 2.04731 0.15243  -0.35561 -0.04906 13 LYS AA O   
97  C CB  . LYS A 13 ? 1.57182 2.02928 2.19834 0.12241  -0.41423 -0.12527 13 LYS AA CB  
98  C CG  . LYS A 13 ? 1.73271 2.16642 2.32541 0.08482  -0.41035 -0.14629 13 LYS AA CG  
99  C CD  . LYS A 13 ? 1.76554 2.13602 2.30706 0.05940  -0.37850 -0.16688 13 LYS AA CD  
100 C CE  . LYS A 13 ? 1.85213 2.17321 2.33596 0.01733  -0.36385 -0.18103 13 LYS AA CE  
101 N NZ  . LYS A 13 ? 1.67384 2.00716 2.13281 -0.02334 -0.33524 -0.22232 13 LYS AA NZ  
102 N N   . GLU A 14 ? 1.46742 1.88385 2.07369 0.18345  -0.39238 -0.04943 14 GLU AA N   
103 C CA  . GLU A 14 ? 1.53938 1.96369 2.13882 0.20151  -0.37280 -0.02797 14 GLU AA CA  
104 C C   . GLU A 14 ? 1.53044 1.91636 2.15054 0.22675  -0.38803 -0.03371 14 GLU AA C   
105 O O   . GLU A 14 ? 1.56132 1.89815 2.18810 0.23623  -0.41346 -0.03723 14 GLU AA O   
106 C CB  . GLU A 14 ? 1.62639 2.04943 2.19352 0.20772  -0.35750 0.00936  14 GLU AA CB  
107 C CG  . GLU A 14 ? 1.71844 2.15444 2.27856 0.22317  -0.33925 0.02904  14 GLU AA CG  
108 C CD  . GLU A 14 ? 1.87667 2.27043 2.44003 0.24974  -0.34992 0.03994  14 GLU AA CD  
109 O OE1 . GLU A 14 ? 2.17621 2.53345 2.72896 0.25559  -0.36310 0.04995  14 GLU AA OE1 
110 O OE2 . GLU A 14 ? 1.87391 2.26965 2.44693 0.26532  -0.34362 0.04124  14 GLU AA OE2 
111 N N   . VAL A 15 ? 1.59578 2.00209 2.22688 0.23587  -0.37447 -0.03862 15 VAL AA N   
112 C CA  . VAL A 15 ? 1.55866 1.92989 2.20867 0.26346  -0.38439 -0.04597 15 VAL AA CA  
113 C C   . VAL A 15 ? 1.58177 1.97734 2.22400 0.27514  -0.36020 -0.02783 15 VAL AA C   
114 O O   . VAL A 15 ? 1.58282 2.02562 2.21474 0.25758  -0.34016 -0.02030 15 VAL AA O   
115 C CB  . VAL A 15 ? 1.50898 1.87857 2.17906 0.24912  -0.38971 -0.09113 15 VAL AA CB  
116 C CG1 . VAL A 15 ? 1.49489 1.94188 2.19240 0.23385  -0.37888 -0.11522 15 VAL AA CG1 
117 C CG2 . VAL A 15 ? 1.59508 1.88441 2.22394 0.25807  -0.36803 -0.09228 15 VAL AA CG2 
118 N N   . ASP A 16 ? 1.67754 2.03601 2.31818 0.30526  -0.36124 -0.01506 16 ASP AA N   
119 C CA  . ASP A 16 ? 1.67482 2.05846 2.30898 0.31645  -0.33981 0.00327  16 ASP AA CA  
120 C C   . ASP A 16 ? 1.61380 2.01438 2.27631 0.32141  -0.33661 -0.02644 16 ASP AA C   
121 O O   . ASP A 16 ? 1.54079 1.91619 2.22868 0.32987  -0.35217 -0.06073 16 ASP AA O   
122 C CB  . ASP A 16 ? 1.77637 2.12137 2.39145 0.34524  -0.33783 0.03243  16 ASP AA CB  
123 C CG  . ASP A 16 ? 1.80972 2.19357 2.41740 0.35217  -0.31481 0.05625  16 ASP AA CG  
124 O OD1 . ASP A 16 ? 1.70905 2.09674 2.33324 0.36457  -0.31016 0.04499  16 ASP AA OD1 
125 O OD2 . ASP A 16 ? 1.88166 2.29458 2.46743 0.34462  -0.30133 0.08517  16 ASP AA OD2 
126 N N   . THR A 17 ? 1.69743 2.13954 2.35622 0.31738  -0.31608 -0.01334 17 THR AA N   
127 C CA  . THR A 17 ? 1.61531 2.07984 2.29818 0.32010  -0.30977 -0.03944 17 THR AA CA  
128 C C   . THR A 17 ? 1.59957 2.01787 2.30284 0.35261  -0.32096 -0.06416 17 THR AA C   
129 O O   . THR A 17 ? 1.48530 1.91506 2.21777 0.35350  -0.32224 -0.10437 17 THR AA O   
130 C CB  . THR A 17 ? 1.65441 2.15457 2.32658 0.31769  -0.28854 -0.01140 17 THR AA CB  
131 O OG1 . THR A 17 ? 1.62654 2.16583 2.28327 0.28773  -0.27606 0.00503  17 THR AA OG1 
132 C CG2 . THR A 17 ? 1.58353 2.09564 2.27942 0.32854  -0.28344 -0.03628 17 THR AA CG2 
133 N N   . SER A 18 ? 1.67410 2.04045 2.35909 0.38082  -0.32447 -0.03997 18 SER AA N   
134 C CA  . SER A 18 ? 1.63510 1.93701 2.32417 0.41778  -0.33012 -0.05590 18 SER AA CA  
135 C C   . SER A 18 ? 1.68228 1.91460 2.34121 0.39820  -0.32400 -0.08606 18 SER AA C   
136 O O   . SER A 18 ? 1.68975 1.88459 2.31800 0.38297  -0.29690 -0.11290 18 SER AA O   
137 C CB  . SER A 18 ? 1.68442 1.93730 2.33898 0.44182  -0.32849 -0.01687 18 SER AA CB  
138 O OG  . SER A 18 ? 1.75829 1.98227 2.39568 0.43244  -0.34223 -0.00368 18 SER AA OG  
139 N N   . LYS A 19 ? 1.72108 1.93348 2.36008 0.37589  -0.33228 -0.07936 19 LYS AA N   
140 C CA  . LYS A 19 ? 1.75131 1.88504 2.32525 0.33586  -0.31012 -0.09908 19 LYS AA CA  
141 C C   . LYS A 19 ? 1.68994 1.86114 2.26359 0.29247  -0.28968 -0.13977 19 LYS AA C   
142 O O   . LYS A 19 ? 1.72598 1.83772 2.24466 0.25425  -0.26686 -0.16234 19 LYS AA O   
143 C CB  . LYS A 19 ? 1.79137 1.90369 2.34705 0.32099  -0.32547 -0.08205 19 LYS AA CB  
144 C CG  . LYS A 19 ? 1.77749 1.87527 2.34346 0.36082  -0.35118 -0.04026 19 LYS AA CG  
145 C CD  . LYS A 19 ? 1.82903 1.90881 2.37504 0.33928  -0.36362 -0.02870 19 LYS AA CD  
146 C CE  . LYS A 19 ? 1.72959 1.90687 2.33849 0.34709  -0.39351 -0.01420 19 LYS AA CE  
147 N NZ  . LYS A 19 ? 1.74225 1.91069 2.34375 0.34726  -0.41279 0.01203  19 LYS AA NZ  
148 N N   . ILE A 20 ? 1.61392 1.88334 2.24655 0.29757  -0.29772 -0.14883 20 ILE AA N   
149 C CA  . ILE A 20 ? 1.51496 1.83734 2.15571 0.25901  -0.28269 -0.18536 20 ILE AA CA  
150 C C   . ILE A 20 ? 1.49458 1.77411 2.10213 0.24769  -0.25161 -0.21226 20 ILE AA C   
151 O O   . ILE A 20 ? 1.45958 1.74116 2.08384 0.27895  -0.24940 -0.20674 20 ILE AA O   
152 C CB  . ILE A 20 ? 1.44128 1.87992 2.15446 0.27189  -0.30274 -0.18358 20 ILE AA CB  
153 C CG1 . ILE A 20 ? 1.52886 2.00129 2.26853 0.28074  -0.33291 -0.15749 20 ILE AA CG1 
154 C CG2 . ILE A 20 ? 1.35585 1.85292 2.07837 0.23646  -0.28643 -0.22169 20 ILE AA CG2 
155 C CD1 . ILE A 20 ? 1.60564 2.13195 2.33861 0.26914  -0.32136 -0.13479 20 ILE AA CD1 
156 N N   . LYS A 21 ? 1.52082 1.78242 2.09033 0.20047  -0.22853 -0.24495 21 LYS AA N   
157 C CA  . LYS A 21 ? 1.52641 1.74769 2.05981 0.18190  -0.19675 -0.27479 21 LYS AA CA  
158 C C   . LYS A 21 ? 1.51490 1.83192 2.08494 0.15827  -0.18836 -0.30693 21 LYS AA C   
159 O O   . LYS A 21 ? 1.45786 1.81201 2.05815 0.17799  -0.18465 -0.31250 21 LYS AA O   
160 C CB  . LYS A 21 ? 1.54239 1.66028 1.99470 0.14263  -0.17290 -0.28949 21 LYS AA CB  
161 C CG  . LYS A 21 ? 1.71751 1.76022 2.13459 0.15103  -0.18631 -0.25911 21 LYS AA CG  
162 C CD  . LYS A 21 ? 1.92378 1.83375 2.25061 0.12714  -0.15937 -0.26766 21 LYS AA CD  
163 C CE  . LYS A 21 ? 2.02312 1.91225 2.29967 0.06337  -0.13444 -0.30322 21 LYS AA CE  
164 N NZ  . LYS A 21 ? 2.33101 2.10721 2.53211 0.04397  -0.12651 -0.29345 21 LYS AA NZ  
165 N N   . LYS A 22 ? 1.42791 1.79582 2.00119 0.11945  -0.18738 -0.32723 22 LYS AA N   
166 C CA  . LYS A 22 ? 1.28537 1.74179 1.88532 0.09224  -0.17692 -0.36105 22 LYS AA CA  
167 C C   . LYS A 22 ? 1.23862 1.81066 1.90345 0.09914  -0.20317 -0.35605 22 LYS AA C   
168 O O   . LYS A 22 ? 1.28948 1.87188 1.96078 0.09840  -0.22233 -0.34073 22 LYS AA O   
169 C CB  . LYS A 22 ? 1.32171 1.74911 1.86585 0.03445  -0.14807 -0.39832 22 LYS AA CB  
170 C CG  . LYS A 22 ? 1.26255 1.56744 1.72774 0.01325  -0.11734 -0.41051 22 LYS AA CG  
171 C CD  . LYS A 22 ? 1.30067 1.60362 1.75747 0.00669  -0.09079 -0.43808 22 LYS AA CD  
172 C CE  . LYS A 22 ? 1.30839 1.56223 1.69626 -0.05383 -0.05342 -0.47962 22 LYS AA CE  
173 N NZ  . LYS A 22 ? 1.23387 1.51457 1.61425 -0.08020 -0.02546 -0.51801 22 LYS AA NZ  
174 N N   . VAL A 23 ? 1.15651 1.81440 1.86384 0.10077  -0.20138 -0.37319 23 VAL AA N   
175 C CA  . VAL A 23 ? 1.11157 1.87900 1.87808 0.10812  -0.22457 -0.37072 23 VAL AA CA  
176 C C   . VAL A 23 ? 0.89795 1.74434 1.67749 0.07818  -0.20855 -0.40908 23 VAL AA C   
177 O O   . VAL A 23 ? 0.96008 1.82443 1.74968 0.08229  -0.19507 -0.42229 23 VAL AA O   
178 C CB  . VAL A 23 ? 1.06180 1.84015 1.85624 0.15289  -0.24285 -0.32889 23 VAL AA CB  
179 C CG1 . VAL A 23 ? 1.01406 1.80566 1.82082 0.16780  -0.23066 -0.33374 23 VAL AA CG1 
180 C CG2 . VAL A 23 ? 1.18012 1.95152 1.92889 0.14334  -0.23843 -0.28564 23 VAL AA CG2 
181 N N   . TRP A 24 ? 0.90942 1.77653 1.66251 0.05292  -0.20411 -0.41030 24 TRP AA N   
182 C CA  . TRP A 24 ? 1.02576 1.92760 1.75334 0.02765  -0.18108 -0.42891 24 TRP AA CA  
183 C C   . TRP A 24 ? 1.08264 1.96912 1.77615 0.04215  -0.18405 -0.38230 24 TRP AA C   
184 O O   . TRP A 24 ? 1.14737 2.00695 1.82903 0.04935  -0.19701 -0.35332 24 TRP AA O   
185 C CB  . TRP A 24 ? 0.84761 1.77024 1.55862 -0.02164 -0.16601 -0.47501 24 TRP AA CB  
186 N N   . ARG A 25 ? 1.07097 1.97536 1.74822 0.04029  -0.17053 -0.38108 25 ARG AA N   
187 C CA  . ARG A 25 ? 1.17893 2.06940 1.82628 0.04725  -0.17128 -0.34574 25 ARG AA CA  
188 C C   . ARG A 25 ? 1.21846 2.13395 1.84268 0.02318  -0.15926 -0.37073 25 ARG AA C   
189 O O   . ARG A 25 ? 1.25560 2.20828 1.87496 0.00260  -0.14126 -0.40908 25 ARG AA O   
190 C CB  . ARG A 25 ? 1.37795 2.26987 2.02061 0.05871  -0.16560 -0.32985 25 ARG AA CB  
191 C CG  . ARG A 25 ? 1.38987 2.26081 2.00688 0.06496  -0.16782 -0.29211 25 ARG AA CG  
192 C CD  . ARG A 25 ? 1.40729 2.27703 2.02526 0.08040  -0.16809 -0.27729 25 ARG AA CD  
193 N NE  . ARG A 25 ? 1.41747 2.26311 2.03346 0.09872  -0.18167 -0.24793 25 ARG AA NE  
194 C CZ  . ARG A 25 ? 1.44088 2.26855 2.06840 0.11370  -0.18878 -0.22401 25 ARG AA CZ  
195 N NH1 . ARG A 25 ? 1.45527 2.28604 2.09878 0.11654  -0.18422 -0.22485 25 ARG AA NH1 
196 N NH2 . ARG A 25 ? 1.45350 2.26132 2.07616 0.12544  -0.19970 -0.19951 25 ARG AA NH2 
197 N N   . ALA A 26 ? 1.21989 2.11600 1.82955 0.02406  -0.16776 -0.35083 26 ALA AA N   
198 C CA  . ALA A 26 ? 1.15953 2.07609 1.74557 0.00598  -0.15763 -0.36877 26 ALA AA CA  
199 C C   . ALA A 26 ? 1.05529 1.94979 1.62137 0.02030  -0.16346 -0.33350 26 ALA AA C   
200 O O   . ALA A 26 ? 0.98078 1.84768 1.54356 0.02615  -0.17542 -0.30941 26 ALA AA O   
201 C CB  . ALA A 26 ? 1.07768 1.99491 1.66626 -0.01199 -0.16065 -0.38677 26 ALA AA CB  
202 N N   . GLY A 27 ? 1.10375 2.01824 1.65724 0.02430  -0.15386 -0.34006 27 GLY AA N   
203 C CA  . GLY A 27 ? 1.08430 2.00574 1.62467 0.04296  -0.15774 -0.33462 27 GLY AA CA  
204 C C   . GLY A 27 ? 1.05902 1.94541 1.60862 0.06365  -0.17417 -0.30118 27 GLY AA C   
205 O O   . GLY A 27 ? 1.07306 1.94604 1.63532 0.07306  -0.17830 -0.28608 27 GLY AA O   
206 N N   . LYS A 28 ? 0.95016 1.82444 1.49173 0.07038  -0.18230 -0.29079 28 LYS AA N   
207 C CA  . LYS A 28 ? 0.94712 1.78817 1.49546 0.08669  -0.19665 -0.25949 28 LYS AA CA  
208 C C   . LYS A 28 ? 0.98008 1.78979 1.54286 0.08358  -0.20615 -0.23907 28 LYS AA C   
209 O O   . LYS A 28 ? 1.07685 1.85922 1.64645 0.09603  -0.21697 -0.21144 28 LYS AA O   
210 C CB  . LYS A 28 ? 1.14900 1.98904 1.68306 0.09532  -0.20146 -0.25617 28 LYS AA CB  
211 C CG  . LYS A 28 ? 1.19940 2.07168 1.71843 0.10061  -0.19308 -0.27501 28 LYS AA CG  
212 C CD  . LYS A 28 ? 1.17664 2.06111 1.67937 0.10275  -0.19278 -0.28526 28 LYS AA CD  
213 C CE  . LYS A 28 ? 1.11216 1.99898 1.61297 0.08885  -0.19035 -0.29566 28 LYS AA CE  
214 N NZ  . LYS A 28 ? 1.15534 2.07784 1.63746 0.08638  -0.18096 -0.32142 28 LYS AA NZ  
215 N N   . ALA A 29 ? 0.96019 1.77566 1.52702 0.06599  -0.20146 -0.25264 29 ALA AA N   
216 C CA  . ALA A 29 ? 0.95346 1.74223 1.53061 0.06071  -0.21104 -0.23579 29 ALA AA CA  
217 C C   . ALA A 29 ? 1.01071 1.79729 1.60722 0.05959  -0.21067 -0.23704 29 ALA AA C   
218 O O   . ALA A 29 ? 1.07315 1.88874 1.67564 0.05351  -0.19982 -0.26652 29 ALA AA O   
219 C CB  . ALA A 29 ? 0.82350 1.61957 1.39179 0.03993  -0.20857 -0.25215 29 ALA AA CB  
220 N N   . VAL A 30 ? 0.92091 1.68560 1.53020 0.06928  -0.22300 -0.22103 30 VAL AA N   
221 C CA  . VAL A 30 ? 0.96651 1.73644 1.60133 0.07716  -0.22686 -0.23729 30 VAL AA CA  
222 C C   . VAL A 30 ? 1.01850 1.79435 1.66709 0.06647  -0.23502 -0.26813 30 VAL AA C   
223 O O   . VAL A 30 ? 1.03193 1.78320 1.67603 0.07058  -0.24772 -0.24863 30 VAL AA O   
224 C CB  . VAL A 30 ? 1.05666 1.79402 1.69506 0.09921  -0.23505 -0.19328 30 VAL AA CB  
225 C CG1 . VAL A 30 ? 1.02885 1.76998 1.69508 0.11314  -0.23916 -0.21070 30 VAL AA CG1 
226 C CG2 . VAL A 30 ? 1.13580 1.86645 1.75935 0.10385  -0.22845 -0.16448 30 VAL AA CG2 
227 N N   . SER A 31 ? 0.94767 1.75456 1.61310 0.04935  -0.22708 -0.31672 31 SER AA N   
228 C CA  . SER A 31 ? 0.90244 1.71516 1.57902 0.02590  -0.23188 -0.35434 31 SER AA CA  
229 C C   . SER A 31 ? 0.96817 1.77196 1.68309 0.03489  -0.24291 -0.37445 31 SER AA C   
230 O O   . SER A 31 ? 1.08930 1.91370 1.82142 0.03380  -0.23184 -0.39705 31 SER AA O   
231 C CB  . SER A 31 ? 0.84085 1.68973 1.49979 -0.01510 -0.20982 -0.39947 31 SER AA CB  
232 O OG  . SER A 31 ? 0.89414 1.73367 1.55397 -0.04879 -0.21233 -0.43569 31 SER AA OG  
233 N N   . PHE A 32 ? 1.03083 1.78104 1.73721 0.03694  -0.25583 -0.36574 32 PHE AA N   
234 C CA  . PHE A 32 ? 1.07981 1.74139 1.76174 0.05801  -0.24917 -0.34572 32 PHE AA CA  
235 C C   . PHE A 32 ? 1.27527 1.82969 1.89232 0.03998  -0.23778 -0.33927 32 PHE AA C   
236 O O   . PHE A 32 ? 1.28446 1.83201 1.88111 0.01710  -0.24168 -0.34147 32 PHE AA O   
237 C CB  . PHE A 32 ? 1.09646 1.77573 1.82535 0.10783  -0.27855 -0.30745 32 PHE AA CB  
238 C CG  . PHE A 32 ? 1.17243 1.85402 1.91121 0.11791  -0.30478 -0.28220 32 PHE AA CG  
239 C CD1 . PHE A 32 ? 1.20970 1.80404 1.90956 0.12202  -0.30688 -0.26044 32 PHE AA CD1 
240 C CD2 . PHE A 32 ? 1.13521 1.82596 1.83998 0.10977  -0.29396 -0.25295 32 PHE AA CD2 
241 C CE1 . PHE A 32 ? 1.33053 1.92456 2.03707 0.12996  -0.33008 -0.23751 32 PHE AA CE1 
242 C CE2 . PHE A 32 ? 1.23940 1.90359 1.92398 0.11256  -0.30344 -0.22176 32 PHE AA CE2 
243 C CZ  . PHE A 32 ? 1.38212 2.01220 2.07925 0.12375  -0.32601 -0.21937 32 PHE AA CZ  
244 N N   . THR A 33 ? 1.40309 1.87239 1.98673 0.05229  -0.22349 -0.33099 33 THR AA N   
245 C CA  . THR A 33 ? 1.48088 1.83226 1.99902 0.04443  -0.21207 -0.31989 33 THR AA CA  
246 C C   . THR A 33 ? 1.52220 1.80974 2.03973 0.09157  -0.22458 -0.28237 33 THR AA C   
247 O O   . THR A 33 ? 1.45365 1.74712 1.99183 0.11949  -0.22182 -0.27891 33 THR AA O   
248 C CB  . THR A 33 ? 1.55035 1.83848 2.01125 0.01155  -0.17737 -0.34886 33 THR AA CB  
249 O OG1 . THR A 33 ? 1.59149 1.85368 2.06056 0.04429  -0.17170 -0.34126 33 THR AA OG1 
250 C CG2 . THR A 33 ? 1.42670 1.79264 1.89857 -0.02729 -0.16272 -0.38812 33 THR AA CG2 
251 N N   . TYR A 34 ? 1.57949 1.79948 2.06560 0.09732  -0.23440 -0.25744 34 TYR AA N   
252 C CA  . TYR A 34 ? 1.61830 1.77514 2.09819 0.14125  -0.24698 -0.22060 34 TYR AA CA  
253 C C   . TYR A 34 ? 1.78795 1.81966 2.18974 0.12891  -0.23020 -0.21543 34 TYR AA C   
254 O O   . TYR A 34 ? 1.80788 1.80233 2.16048 0.08355  -0.21139 -0.23790 34 TYR AA O   
255 C CB  . TYR A 34 ? 1.61582 1.82357 2.14211 0.16793  -0.28182 -0.18863 34 TYR AA CB  
256 C CG  . TYR A 34 ? 1.68939 1.89294 2.19552 0.13806  -0.28913 -0.18861 34 TYR AA CG  
257 C CD1 . TYR A 34 ? 1.63286 1.91662 2.16378 0.10889  -0.29173 -0.21160 34 TYR AA CD1 
258 C CD2 . TYR A 34 ? 1.78702 1.91095 2.25105 0.14125  -0.29453 -0.16510 34 TYR AA CD2 
259 C CE1 . TYR A 34 ? 1.65399 1.93941 2.16793 0.08225  -0.29836 -0.21335 34 TYR AA CE1 
260 C CE2 . TYR A 34 ? 1.82489 1.94925 2.27147 0.11281  -0.30137 -0.16586 34 TYR AA CE2 
261 C CZ  . TYR A 34 ? 1.77699 1.98309 2.24914 0.08324  -0.30301 -0.19072 34 TYR AA CZ  
262 O OH  . TYR A 34 ? 1.79143 2.00381 2.24783 0.05560  -0.30929 -0.19385 34 TYR AA OH  
263 N N   . ASP A 35 ? 1.85259 1.81965 2.24136 0.16977  -0.23705 -0.18560 35 ASP AA N   
264 C CA  . ASP A 35 ? 2.00293 1.84513 2.31709 0.16711  -0.22427 -0.17478 35 ASP AA CA  
265 C C   . ASP A 35 ? 2.06857 1.89790 2.38659 0.18686  -0.25060 -0.13872 35 ASP AA C   
266 O O   . ASP A 35 ? 2.06977 1.89859 2.41256 0.23456  -0.27001 -0.10659 35 ASP AA O   
267 C CB  . ASP A 35 ? 2.15047 1.92223 2.43974 0.20001  -0.21110 -0.16869 35 ASP AA CB  
268 C CG  . ASP A 35 ? 2.34872 1.98428 2.55320 0.19459  -0.19567 -0.16026 35 ASP AA CG  
269 O OD1 . ASP A 35 ? 2.28924 1.85964 2.43207 0.15216  -0.16744 -0.18746 35 ASP AA OD1 
270 O OD2 . ASP A 35 ? 2.43685 2.02817 2.63464 0.23537  -0.21180 -0.12526 35 ASP AA OD2 
271 N N   . ASP A 36 ? 2.11247 1.92921 2.40196 0.14837  -0.24983 -0.14518 36 ASP AA N   
272 C CA  . ASP A 36 ? 2.21133 2.00600 2.49502 0.16163  -0.27201 -0.11301 36 ASP AA CA  
273 C C   . ASP A 36 ? 2.40135 2.06551 2.60754 0.16442  -0.25749 -0.10072 36 ASP AA C   
274 O O   . ASP A 36 ? 2.56274 2.15985 2.70557 0.12277  -0.23953 -0.11490 36 ASP AA O   
275 C CB  . ASP A 36 ? 2.16804 2.01446 2.46026 0.12275  -0.27977 -0.12434 36 ASP AA CB  
276 C CG  . ASP A 36 ? 2.15934 1.98796 2.40581 0.06400  -0.25162 -0.16387 36 ASP AA CG  
277 O OD1 . ASP A 36 ? 2.14423 1.91268 2.34712 0.04984  -0.22537 -0.18215 36 ASP AA OD1 
278 O OD2 . ASP A 36 ? 2.17721 2.05953 2.43397 0.03160  -0.25608 -0.17815 36 ASP AA OD2 
279 N N   . ASN A 37 ? 1.83264 2.18076 3.12967 0.05500  -0.27634 0.30469  37 ASN AA N   
280 C CA  . ASN A 37 ? 1.79444 2.16180 3.11775 0.05249  -0.27730 0.33418  37 ASN AA CA  
281 C C   . ASN A 37 ? 1.75768 2.08479 3.09828 0.05703  -0.26830 0.34045  37 ASN AA C   
282 O O   . ASN A 37 ? 1.73746 2.01536 3.07775 0.05890  -0.26192 0.31291  37 ASN AA O   
283 C CB  . ASN A 37 ? 1.91850 2.34937 3.23566 0.04745  -0.28426 0.36706  37 ASN AA CB  
284 C CG  . ASN A 37 ? 1.80042 2.26923 3.13244 0.04168  -0.29172 0.38242  37 ASN AA CG  
285 O OD1 . ASN A 37 ? 1.73089 2.20257 3.06243 0.03731  -0.29535 0.35957  37 ASN AA OD1 
286 N ND2 . ASN A 37 ? 1.80507 2.30681 3.15036 0.04101  -0.29480 0.42033  37 ASN AA ND2 
287 N N   . GLY A 38 ? 1.75405 2.10141 3.11176 0.05661  -0.26779 0.37540  38 GLY AA N   
288 C CA  . GLY A 38 ? 1.71822 2.03050 3.09714 0.05750  -0.25962 0.37993  38 GLY AA CA  
289 C C   . GLY A 38 ? 1.61422 1.89536 2.97573 0.06118  -0.25200 0.35822  38 GLY AA C   
290 O O   . GLY A 38 ? 1.60397 1.84452 2.97690 0.06001  -0.24507 0.34178  38 GLY AA O   
291 N N   . LYS A 39 ? 1.71870 2.01897 3.05194 0.06545  -0.25359 0.35429  39 LYS AA N   
292 C CA  . LYS A 39 ? 1.77965 2.05717 3.09760 0.07160  -0.24680 0.33811  39 LYS AA CA  
293 C C   . LYS A 39 ? 1.69229 1.92998 2.98686 0.07597  -0.24537 0.29581  39 LYS AA C   
294 O O   . LYS A 39 ? 1.71334 1.94196 3.00565 0.07304  -0.24954 0.27957  39 LYS AA O   
295 C CB  . LYS A 39 ? 1.74938 2.06723 3.05141 0.07573  -0.24844 0.35596  39 LYS AA CB  
296 N N   . THR A 40 ? 1.58281 1.79536 2.86264 0.08262  -0.23929 0.27769  40 THR AA N   
297 C CA  . THR A 40 ? 1.62313 1.79850 2.87450 0.08934  -0.23808 0.23928  40 THR AA CA  
298 C C   . THR A 40 ? 1.71809 1.90821 2.93959 0.10207  -0.23980 0.23534  40 THR AA C   
299 O O   . THR A 40 ? 1.76382 1.98580 2.98856 0.10554  -0.23838 0.25771  40 THR AA O   
300 C CB  . THR A 40 ? 1.61757 1.75458 2.87292 0.08777  -0.23039 0.22029  40 THR AA CB  
301 N N   . GLY A 41 ? 1.60511 1.77357 2.79965 0.10901  -0.24358 0.20798  41 GLY AA N   
302 C CA  . GLY A 41 ? 1.47834 1.65165 2.64364 0.12373  -0.24539 0.20039  41 GLY AA CA  
303 C C   . GLY A 41 ? 1.43724 1.55336 2.56533 0.13713  -0.24261 0.16096  41 GLY AA C   
304 O O   . GLY A 41 ? 1.44397 1.52113 2.56598 0.13210  -0.24250 0.13696  41 GLY AA O   
305 N N   . ARG A 42 ? 1.34235 1.45250 2.44208 0.15476  -0.24013 0.15351  42 ARG AA N   
306 C CA  . ARG A 42 ? 1.26586 1.31758 2.31942 0.17011  -0.23612 0.11675  42 ARG AA CA  
307 C C   . ARG A 42 ? 1.35397 1.37385 2.32365 0.17269  -0.22970 0.09350  42 ARG AA C   
308 O O   . ARG A 42 ? 1.44891 1.49802 2.38287 0.16441  -0.22347 0.10510  42 ARG AA O   
309 C CB  . ARG A 42 ? 1.21945 1.27290 2.26247 0.18142  -0.22834 0.11464  42 ARG AA CB  
310 C CG  . ARG A 42 ? 1.32932 1.38634 2.39930 0.16806  -0.22298 0.11850  42 ARG AA CG  
311 C CD  . ARG A 42 ? 1.31641 1.38730 2.38742 0.17734  -0.21684 0.12062  42 ARG AA CD  
312 N NE  . ARG A 42 ? 1.37655 1.42502 2.44998 0.17056  -0.21294 0.10474  42 ARG AA NE  
313 C CZ  . ARG A 42 ? 1.31803 1.32499 2.35733 0.17362  -0.21239 0.07441  42 ARG AA CZ  
314 N NH1 . ARG A 42 ? 1.33246 1.30463 2.32479 0.18461  -0.21448 0.05308  42 ARG AA NH1 
315 N NH2 . ARG A 42 ? 1.21157 1.21021 2.26261 0.16466  -0.20972 0.06532  42 ARG AA NH2 
316 N N   . GLY A 43 ? 1.32196 1.27701 2.24233 0.17858  -0.22681 0.05777  43 GLY AA N   
317 C CA  . GLY A 43 ? 1.37278 1.28381 2.19108 0.17626  -0.21532 0.03060  43 GLY AA CA  
318 C C   . GLY A 43 ? 1.24304 1.07758 2.00854 0.18993  -0.21276 -0.00687 43 GLY AA C   
319 O O   . GLY A 43 ? 1.25868 1.07497 2.06779 0.20057  -0.22059 -0.01362 43 GLY AA O   
320 N N   . ALA A 44 ? 1.16143 0.94821 1.83003 0.18942  -0.20141 -0.03184 44 ALA AA N   
321 C CA  . ALA A 44 ? 1.21103 0.91936 1.81930 0.20246  -0.19864 -0.06676 44 ALA AA CA  
322 C C   . ALA A 44 ? 1.41016 1.06747 1.91044 0.19135  -0.18462 -0.09131 44 ALA AA C   
323 O O   . ALA A 44 ? 1.51840 1.20114 1.98445 0.18208  -0.17547 -0.08268 44 ALA AA O   
324 C CB  . ALA A 44 ? 1.12232 0.82360 1.74001 0.23457  -0.20135 -0.06867 44 ALA AA CB  
325 N N   . VAL A 45 ? 1.32945 0.91427 1.77702 0.18926  -0.18260 -0.12221 45 VAL AA N   
326 C CA  . VAL A 45 ? 1.53344 1.05132 1.86854 0.18169  -0.16824 -0.15074 45 VAL AA CA  
327 C C   . VAL A 45 ? 1.61704 1.05256 1.89771 0.20276  -0.16809 -0.17934 45 VAL AA C   
328 O O   . VAL A 45 ? 1.61744 1.05922 1.94333 0.21376  -0.17631 -0.17597 45 VAL AA O   
329 C CB  . VAL A 45 ? 1.54566 1.05256 1.84935 0.14610  -0.16239 -0.16259 45 VAL AA CB  
330 C CG1 . VAL A 45 ? 1.47618 1.06757 1.84370 0.12505  -0.16603 -0.13352 45 VAL AA CG1 
331 C CG2 . VAL A 45 ? 1.50761 0.97023 1.82096 0.13898  -0.16867 -0.18287 45 VAL AA CG2 
332 N N   . SER A 46 ? 1.74030 1.10500 1.91384 0.20081  -0.15466 -0.20535 46 SER AA N   
333 C CA  . SER A 46 ? 1.80752 1.11620 1.91197 0.20693  -0.14340 -0.22178 46 SER AA CA  
334 C C   . SER A 46 ? 1.87661 1.17404 1.96321 0.17529  -0.13490 -0.22945 46 SER AA C   
335 O O   . SER A 46 ? 1.96357 1.24726 2.03443 0.14996  -0.13407 -0.24140 46 SER AA O   
336 C CB  . SER A 46 ? 1.99461 1.24262 1.99087 0.21201  -0.12557 -0.24026 46 SER AA CB  
337 O OG  . SER A 46 ? 2.12414 1.33191 2.05358 0.17906  -0.11196 -0.25902 46 SER AA OG  
338 N N   . GLU A 47 ? 1.78197 1.08050 1.85852 0.17603  -0.12603 -0.22549 47 GLU AA N   
339 C CA  . GLU A 47 ? 1.89406 1.18350 1.95169 0.14729  -0.11549 -0.23245 47 GLU AA CA  
340 C C   . GLU A 47 ? 2.07335 1.31363 2.04672 0.12289  -0.09436 -0.25316 47 GLU AA C   
341 O O   . GLU A 47 ? 2.07896 1.31729 2.04339 0.09345  -0.08725 -0.26170 47 GLU AA O   
342 C CB  . GLU A 47 ? 1.83158 1.12350 1.88229 0.15239  -0.10754 -0.22712 47 GLU AA CB  
343 C CG  . GLU A 47 ? 1.95296 1.22299 1.96177 0.12387  -0.08886 -0.23749 47 GLU AA CG  
344 C CD  . GLU A 47 ? 2.20602 1.43305 2.14233 0.11850  -0.06469 -0.25151 47 GLU AA CD  
345 O OE1 . GLU A 47 ? 2.28870 1.50549 2.20986 0.14199  -0.06604 -0.24992 47 GLU AA OE1 
346 O OE2 . GLU A 47 ? 2.16383 1.37573 2.06875 0.09058  -0.04617 -0.26526 47 GLU AA OE2 
347 N N   . LYS A 48 ? 2.10984 1.31657 2.02506 0.13354  -0.08392 -0.26218 48 LYS AA N   
348 C CA  . LYS A 48 ? 2.18144 1.35367 2.02602 0.10877  -0.06414 -0.28287 48 LYS AA CA  
349 C C   . LYS A 48 ? 2.23120 1.40104 2.06814 0.08581  -0.06946 -0.29344 48 LYS AA C   
350 O O   . LYS A 48 ? 2.26437 1.43406 2.08380 0.05295  -0.05724 -0.30689 48 LYS AA O   
351 C CB  . LYS A 48 ? 2.23529 1.38029 2.02701 0.12884  -0.05825 -0.28808 48 LYS AA CB  
352 C CG  . LYS A 48 ? 2.35038 1.49290 2.13603 0.14097  -0.05154 -0.28441 48 LYS AA CG  
353 C CD  . LYS A 48 ? 2.39367 1.50954 2.12680 0.16246  -0.04859 -0.28837 48 LYS AA CD  
354 C CE  . LYS A 48 ? 2.28328 1.39650 2.01384 0.18191  -0.05712 -0.28558 48 LYS AA CE  
355 N NZ  . LYS A 48 ? 2.55190 1.64593 2.24183 0.21104  -0.05391 -0.28571 48 LYS AA NZ  
356 N N   . ASP A 49 ? 2.21371 1.39488 2.08497 0.10263  -0.09202 -0.28649 49 ASP AA N   
357 C CA  . ASP A 49 ? 2.24819 1.42954 2.11865 0.08169  -0.10353 -0.29725 49 ASP AA CA  
358 C C   . ASP A 49 ? 2.08343 1.32609 2.05214 0.06449  -0.11912 -0.28516 49 ASP AA C   
359 O O   . ASP A 49 ? 2.48021 1.80039 2.49676 0.04892  -0.12024 -0.26368 49 ASP AA O   
360 C CB  . ASP A 49 ? 2.10676 1.34178 1.99471 0.09490  -0.10266 -0.27471 49 ASP AA CB  
361 C CG  . ASP A 49 ? 2.18075 1.35868 1.99237 0.12337  -0.09250 -0.28484 49 ASP AA CG  
362 O OD1 . ASP A 49 ? 2.27887 1.38960 2.00456 0.11777  -0.07614 -0.30703 49 ASP AA OD1 
363 O OD2 . ASP A 49 ? 2.14258 1.36727 1.98940 0.14569  -0.09490 -0.26404 49 ASP AA OD2 
364 N N   . ALA A 50 ? 1.92354 1.17562 1.92262 0.06321  -0.11671 -0.27971 50 ALA AA N   
365 C CA  . ALA A 50 ? 1.96772 1.27432 2.06678 0.05197  -0.13489 -0.26973 50 ALA AA CA  
366 C C   . ALA A 50 ? 2.00947 1.31456 2.08076 0.01467  -0.12381 -0.28465 50 ALA AA C   
367 O O   . ALA A 50 ? 2.02651 1.29695 2.01814 0.00170  -0.09832 -0.29389 50 ALA AA O   
368 C CB  . ALA A 50 ? 1.91478 1.25348 2.07087 0.07175  -0.13958 -0.24931 50 ALA AA CB  
369 N N   . PRO A 51 ? 1.75958 1.10915 1.90818 -0.00316 -0.14041 -0.28476 51 PRO AA N   
370 C CA  . PRO A 51 ? 1.77455 1.13409 1.90610 -0.03798 -0.13126 -0.29860 51 PRO AA CA  
371 C C   . PRO A 51 ? 1.77823 1.15404 1.92932 -0.03691 -0.12545 -0.28882 51 PRO AA C   
372 O O   . PRO A 51 ? 1.75083 1.14554 1.95280 -0.01192 -0.13344 -0.27051 51 PRO AA O   
373 C CB  . PRO A 51 ? 1.70260 1.14666 1.91267 -0.05276 -0.14178 -0.28034 51 PRO AA CB  
374 C CG  . PRO A 51 ? 1.57278 1.06899 1.85041 -0.02438 -0.15223 -0.24372 51 PRO AA CG  
375 C CD  . PRO A 51 ? 1.64240 1.08127 1.85968 0.00167  -0.14686 -0.24861 51 PRO AA CD  
376 N N   . LYS A 52 ? 1.52114 1.77330 1.97638 0.03894  0.54208  0.22847  52 LYS AA N   
377 C CA  . LYS A 52 ? 1.49506 1.71169 1.92628 0.03938  0.58276  0.21562  52 LYS AA CA  
378 C C   . LYS A 52 ? 1.49451 1.65215 1.93450 0.05537  0.62879  0.21665  52 LYS AA C   
379 O O   . LYS A 52 ? 1.51680 1.62956 1.92903 0.04467  0.65749  0.19635  52 LYS AA O   
380 C CB  . LYS A 52 ? 1.39393 1.62876 1.82611 0.05167  0.58622  0.22471  52 LYS AA CB  
381 C CG  . LYS A 52 ? 1.35132 1.53974 1.75732 0.05562  0.63266  0.21200  52 LYS AA CG  
382 C CD  . LYS A 52 ? 1.43887 1.64014 1.84951 0.07067  0.64093  0.22300  52 LYS AA CD  
383 C CE  . LYS A 52 ? 1.52014 1.67660 1.89565 0.07260  0.68393  0.20775  52 LYS AA CE  
384 N NZ  . LYS A 52 ? 1.60068 1.69341 1.97654 0.08981  0.73189  0.20708  52 LYS AA NZ  
385 N N   . GLU A 53 ? 1.60241 1.75488 2.07875 0.07905  0.63509  0.23873  53 GLU AA N   
386 C CA  . GLU A 53 ? 1.64910 1.74472 2.13411 0.09519  0.67971  0.24045  53 GLU AA CA  
387 C C   . GLU A 53 ? 1.56789 1.62465 2.03744 0.07947  0.69371  0.22109  53 GLU AA C   
388 O O   . GLU A 53 ? 1.64258 1.64179 2.09161 0.08001  0.73562  0.20612  53 GLU AA O   
389 C CB  . GLU A 53 ? 1.61346 1.71542 2.14088 0.11809  0.67458  0.26749  53 GLU AA CB  
390 C CG  . GLU A 53 ? 1.64363 1.69124 2.18150 0.13101  0.71348  0.26888  53 GLU AA CG  
391 C CD  . GLU A 53 ? 1.80065 1.81031 2.33190 0.14776  0.75659  0.27015  53 GLU AA CD  
392 O OE1 . GLU A 53 ? 1.75363 1.77160 2.26172 0.14398  0.76101  0.26215  53 GLU AA OE1 
393 O OE2 . GLU A 53 ? 1.85556 1.82901 2.40644 0.16586  0.78446  0.28130  53 GLU AA OE2 
394 N N   . LEU A 54 ? 1.42367 1.50899 1.89944 0.06402  0.65852  0.21970  54 LEU AA N   
395 C CA  . LEU A 54 ? 1.45525 1.51043 1.91877 0.04534  0.66469  0.20172  54 LEU AA CA  
396 C C   . LEU A 54 ? 1.56724 1.59326 1.98502 0.02209  0.68146  0.17281  54 LEU AA C   
397 O O   . LEU A 54 ? 1.60299 1.56560 2.00136 0.01905  0.72167  0.15570  54 LEU AA O   
398 C CB  . LEU A 54 ? 1.36581 1.46961 1.84069 0.03173  0.61571  0.20678  54 LEU AA CB  
399 C CG  . LEU A 54 ? 1.38444 1.46145 1.85534 0.01406  0.61807  0.19273  54 LEU AA CG  
400 C CD1 . LEU A 54 ? 1.48646 1.52770 1.98579 0.03343  0.64324  0.20418  54 LEU AA CD1 
401 C CD2 . LEU A 54 ? 1.55433 1.68394 2.02898 -0.00113 0.56645  0.19628  54 LEU AA CD2 
402 N N   . LEU A 55 ? 1.70014 1.76600 2.09693 0.00811  0.65539  0.16720  55 LEU AA N   
403 C CA  . LEU A 55 ? 1.69302 1.73377 2.04324 -0.01608 0.66585  0.13996  55 LEU AA CA  
404 C C   . LEU A 55 ? 1.77724 1.75211 2.09966 -0.00602 0.71875  0.12685  55 LEU AA C   
405 O O   . LEU A 55 ? 1.81745 1.73312 2.10160 -0.02277 0.74596  0.10023  55 LEU AA O   
406 C CB  . LEU A 55 ? 1.68832 1.79084 2.02605 -0.02877 0.62558  0.14141  55 LEU AA CB  
407 C CG  . LEU A 55 ? 1.55146 1.71624 1.90255 -0.04475 0.57014  0.14832  55 LEU AA CG  
408 C CD1 . LEU A 55 ? 1.57480 1.80111 1.92029 -0.04945 0.53292  0.15465  55 LEU AA CD1 
409 C CD2 . LEU A 55 ? 1.57045 1.71942 1.89750 -0.07497 0.56066  0.12746  55 LEU AA CD2 
410 N N   . ASP A 56 ? 1.69187 1.66981 2.03367 0.02142  0.73475  0.14515  56 ASP AA N   
411 C CA  . ASP A 56 ? 1.77745 1.69218 2.09551 0.03475  0.78519  0.13590  56 ASP AA CA  
412 C C   . ASP A 56 ? 1.86320 1.71268 2.18288 0.03792  0.81995  0.12744  56 ASP AA C   
413 O O   . ASP A 56 ? 1.96599 1.74714 2.24224 0.02936  0.85690  0.10220  56 ASP AA O   
414 C CB  . ASP A 56 ? 1.82104 1.76152 2.16700 0.06320  0.78899  0.16134  56 ASP AA CB  
415 C CG  . ASP A 56 ? 1.77865 1.76659 2.11194 0.05873  0.76617  0.16351  56 ASP AA CG  
416 O OD1 . ASP A 56 ? 1.80317 1.79968 2.10250 0.03441  0.75058  0.14446  56 ASP AA OD1 
417 O OD2 . ASP A 56 ? 1.74776 1.76559 2.10719 0.07844  0.76156  0.18499  56 ASP AA OD2 
418 N N   . MET A 57 ? 1.73721 1.60349 2.10147 0.04700  0.80692  0.14546  57 MET AA N   
419 C CA  . MET A 57 ? 1.81219 1.61831 2.17915 0.04760  0.83785  0.13679  57 MET AA CA  
420 C C   . MET A 57 ? 1.89214 1.65540 2.21713 0.01640  0.84638  0.10393  57 MET AA C   
421 O O   . MET A 57 ? 2.06279 1.75117 2.35562 0.01243  0.88849  0.08256  57 MET AA O   
422 C CB  . MET A 57 ? 1.80826 1.64660 2.22683 0.05757  0.81413  0.16001  57 MET AA CB  
423 C CG  . MET A 57 ? 1.80970 1.68333 2.26529 0.08612  0.80605  0.19078  57 MET AA CG  
424 S SD  . MET A 57 ? 1.73932 1.64765 2.24802 0.09858  0.77649  0.21809  57 MET AA SD  
425 C CE  . MET A 57 ? 1.61042 1.44335 2.12129 0.09997  0.81956  0.20700  57 MET AA CE  
426 N N   . LEU A 58 ? 1.78536 1.59233 2.10432 -0.00781 0.80664  0.09765  58 LEU AA N   
427 C CA  . LEU A 58 ? 1.80865 1.57672 2.08737 -0.04170 0.81040  0.06599  58 LEU AA CA  
428 C C   . LEU A 58 ? 1.97407 1.67910 2.18775 -0.05254 0.84603  0.03605  58 LEU AA C   
429 O O   . LEU A 58 ? 2.11563 1.74460 2.29160 -0.06744 0.87979  0.00874  58 LEU AA O   
430 C CB  . LEU A 58 ? 1.76256 1.59291 2.04525 -0.06529 0.75845  0.06643  58 LEU AA CB  
431 C CG  . LEU A 58 ? 1.82788 1.61721 2.07077 -0.10419 0.75905  0.03348  58 LEU AA CG  
432 C CD1 . LEU A 58 ? 1.88973 1.60726 2.12941 -0.11162 0.79376  0.01814  58 LEU AA CD1 
433 C CD2 . LEU A 58 ? 1.81805 1.67071 2.07903 -0.12389 0.70500  0.03986  58 LEU AA CD2 
434 N N   . ALA A 59 ? 1.91538 1.64916 2.11195 -0.04539 0.83839  0.04024  59 ALA AA N   
435 C CA  . ALA A 59 ? 2.04521 1.71984 2.17549 -0.05349 0.86978  0.01267  59 ALA AA CA  
436 C C   . ALA A 59 ? 2.17573 1.76823 2.28583 -0.03751 0.92306  0.00295  59 ALA AA C   
437 O O   . ALA A 59 ? 2.25726 1.77135 2.30898 -0.05477 0.95280  -0.03005 59 ALA AA O   
438 C CB  . ALA A 59 ? 1.96681 1.68489 2.09179 -0.03933 0.85874  0.02537  59 ALA AA CB  
439 N N   . ARG A 60 ? 2.04464 1.65288 2.20411 -0.00644 0.93258  0.03121  60 ARG AA N   
440 C CA  . ARG A 60 ? 2.11954 1.65682 2.26868 0.01156  0.98010  0.02716  60 ARG AA CA  
441 C C   . ARG A 60 ? 2.27874 1.75250 2.40606 -0.00920 0.99888  0.00174  60 ARG AA C   
442 O O   . ARG A 60 ? 2.41075 1.80132 2.48489 -0.01371 1.03778  -0.02487 60 ARG AA O   
443 C CB  . ARG A 60 ? 2.06023 1.63509 2.27586 0.04280  0.97701  0.06376  60 ARG AA CB  
444 C CG  . ARG A 60 ? 2.10783 1.72836 2.34127 0.06519  0.96882  0.08702  60 ARG AA CG  
445 C CD  . ARG A 60 ? 2.17905 1.84236 2.47750 0.09212  0.95809  0.12315  60 ARG AA CD  
446 N NE  . ARG A 60 ? 2.16591 1.90625 2.49440 0.10208  0.92303  0.14748  60 ARG AA NE  
447 C CZ  . ARG A 60 ? 2.09517 1.89411 2.47605 0.11248  0.89019  0.17493  60 ARG AA CZ  
448 N NH1 . ARG A 60 ? 1.99704 1.79204 2.40944 0.11566  0.88567  0.18397  60 ARG AA NH1 
449 N NH2 . ARG A 60 ? 2.01727 1.87513 2.41809 0.12155  0.86363  0.19427  60 ARG AA NH2 
450 N N   . ALA A 61 ? 2.11904 1.63055 2.28551 -0.02265 0.96972  0.00920  61 ALA AA N   
451 C CA  . ALA A 61 ? 2.15401 1.60933 2.30987 -0.04214 0.98708  -0.01148 61 ALA AA CA  
452 C C   . ALA A 61 ? 2.25445 1.64760 2.33682 -0.07676 1.00028  -0.05366 61 ALA AA C   
453 O O   . ALA A 61 ? 2.35070 1.66158 2.39649 -0.08218 1.03806  -0.07803 61 ALA AA O   
454 C CB  . ALA A 61 ? 2.09447 1.60885 2.30685 -0.05152 0.94740  0.00614  61 ALA AA CB  
455 N N   . GLU A 62 ? 2.31630 1.73304 2.36325 -0.09350 0.97843  -0.06502 62 GLU AA N   
456 C CA  . GLU A 62 ? 2.42820 1.77683 2.39745 -0.12646 0.97728  -0.10781 62 GLU AA CA  
457 C C   . GLU A 62 ? 2.52046 1.78733 2.42004 -0.11501 1.01742  -0.13147 62 GLU AA C   
458 O O   . GLU A 62 ? 2.57837 1.77776 2.40446 -0.13881 1.00502  -0.16859 62 GLU AA O   
459 C CB  . GLU A 62 ? 2.40989 1.81265 2.36634 -0.15385 0.92904  -0.11339 62 GLU AA CB  
460 C CG  . GLU A 62 ? 2.22779 1.70190 2.25233 -0.16409 0.89168  -0.09069 62 GLU AA CG  
461 C CD  . GLU A 62 ? 2.12958 1.67147 2.15554 -0.18504 0.84682  -0.08791 62 GLU AA CD  
462 O OE1 . GLU A 62 ? 2.13004 1.71829 2.16133 -0.16729 0.84364  -0.07205 62 GLU AA OE1 
463 O OE2 . GLU A 62 ? 2.00906 1.55904 2.03216 -0.21511 0.80407  -0.10028 62 GLU AA OE2 
464 N N   . ARG A 63 ? 2.43497 1.70247 2.36053 -0.07848 1.05372  -0.10888 63 ARG AA N   
465 C CA  . ARG A 63 ? 2.38368 1.58052 2.25550 -0.06130 1.09038  -0.12269 63 ARG AA CA  
466 C C   . ARG A 63 ? 2.46999 1.66922 2.28347 -0.07514 1.07571  -0.13994 63 ARG AA C   
467 O O   . ARG A 63 ? 2.43470 1.70616 2.28035 -0.06281 1.05469  -0.11419 63 ARG AA O   
468 C CB  . ARG A 63 ? 2.35701 1.44620 2.17446 -0.06964 1.12309  -0.15818 63 ARG AA CB  
469 C CG  . ARG A 63 ? 2.20610 1.27909 2.07585 -0.05531 1.14078  -0.14389 63 ARG AA CG  
470 C CD  . ARG A 63 ? 2.23974 1.34735 2.14979 -0.08166 1.09401  -0.14114 63 ARG AA CD  
471 N NE  . ARG A 63 ? 2.32572 1.41456 2.18001 -0.11926 1.05110  -0.17234 63 ARG AA NE  
472 C CZ  . ARG A 63 ? 2.42192 1.42319 2.21153 -0.14100 1.04322  -0.20945 63 ARG AA CZ  
473 N NH1 . ARG A 63 ? 2.40809 1.33131 2.17927 -0.12977 1.07438  -0.22080 63 ARG AA NH1 
474 N NH2 . ARG A 63 ? 2.46327 1.45450 2.20409 -0.17402 1.00343  -0.23553 63 ARG AA NH2 
# 
